data_8G9F
#
_entry.id   8G9F
#
_cell.length_a   1.00
_cell.length_b   1.00
_cell.length_c   1.00
_cell.angle_alpha   90.00
_cell.angle_beta   90.00
_cell.angle_gamma   90.00
#
_symmetry.space_group_name_H-M   'P 1'
#
loop_
_entity.id
_entity.type
_entity.pdbx_description
1 polymer 'DNA polymerase alpha catalytic subunit'
2 polymer 'DNA polymerase alpha subunit B'
3 polymer 'DNA primase large subunit'
4 polymer 'DNA primase'
5 non-polymer 'ZINC ION'
6 non-polymer 'IRON/SULFUR CLUSTER'
#
loop_
_entity_poly.entity_id
_entity_poly.type
_entity_poly.pdbx_seq_one_letter_code
_entity_poly.pdbx_strand_id
1 'polypeptide(L)'
;SNAADGSQVFRFYWLDAYEDQYSQPGVVYLFGKVWIESADAYVSCCVSVKNIERTVYLLPRENRVQLSTGKDTGAPVSMM
HVYQEFNEAVAEKYKIMKFKSKKVDKDYAFEIPDVPASSEYLEVRYSADSPQLPQDLKGETFSHVFGTNTSSLELFLLSR
KIKGPSWLEIKSPQLSSQPMSWCKVEAVVTRPDQVSVVKDLAPPPVVVLSLSMKTVQNAKTHQNEIVAIAALVHHTFPLD
KAPPQPPFQTHFCVLSKLNDCIFPYDYNEAVKQKNANIEIALTERTLLGFFLAKIHKIDPDVIVGHDIYGFDLEVLLQRI
NSCKVPFWSKIGRLRRSVMPKLGGRSGFAERNAACGRIICDIEISAKELIRCKSYHLSELVHQILKAERVVIPPENIRNA
YNDSVHLLYMLENTWIDAKFILQIMCELNVLPLALQITNIAGNVMSRTLMGGRSERNEYLLLHAFTENNFIVPDKPVFKK
MQQTTVEDNDDMGTDQNKNKSRKKAAYAGGLVLEPKVGFYDKFILLLDFNSLYPSIIQEYNICFTTVHREAPSTQKGEDQ
DEIPELPHSDLEMGILPREIRKLVERRRHVKQLMKQPDLNPDLYLQYDIRQKALKLTANSMYGCLGFSYSRFYAKPLAAL
VTHQGREILLHTKEMVQKMNLEVIYGDTDSIMINTNCNNLEEVFKLGNRVKSEINKSYKLLEIDIDGIFKSLLLLKKKKY
AALTVEPTGDGKYVTKQELKGLDIVRRDWCELAKQAGNYVISQILSDQPRDSIVENIQKKLTEIGENVTNGTVPITQYEI
NKALTKDPQDYPDKKSLPHVHVALWINSQGGRKVKAGDTISYVICQDGSNLSASQRAYAQEQLQKQENLSIDTQYYLSQQ
VHPVVARICEPIDGIDSALIAMWLGLDPSQFRAHRHYQQDEENDALLGGPSQLTDEEKYRDCERFKFFCPKCGTENIYDN
VFDGSGLQIEPGLKRCSKPECDASPLDYVIQVHNKLLLDIRRYIKKYYSGWLVCEEKTCQNRTRRLPLSFSRNGPICQAC
SKATLRSEYPEKALYTQLCFYRFIFDWDYALEKVVSEQERGHLKKKLFQESENQYKKLKSTVDQVLSRSGYSEVNLSKLF
QTLNTIK
;
A
2 'polypeptide(L)'
;SNAMSVSAKSIAEELKVFDVNFEDEEVPEKMVELCTVHRLKEEDMVNEWMAFSTTRNLPLTVGNLNLLEHEVLNKKSARP
RPSLKKEKHCGNRDFNTIQELIEVETAEENLLDSYATPAKGSQKRNLSTPEHPQSKRILSINRSPHVLFSPTSFSPSATP
SQKYGSRTNRGEVVTTYGELQGTTWNGGSGSNTNVELFTSLDEPLTKMYKFMFQKLMDIREVVSIKIEELGASLKDHFQI
DEFTSVSLPAQETVTVLGQIGCDSNGKLNSKSVILEGDREHSAGMQVPVDLSELKDYSLFPGQVVIMEGTNSTGRRFVPT
KLYEGVPLPFHQPSKEFEECPQQMVITACGPFTTSDTITYDALKDLIDIVNRDRPDICILLGPFLDAKHEQIENLQLTVT
FEDVFKRCLKMIIEGTRPSGCHLVIVPSLRDVHHDPVYPQPPFSCFEPAKEDKERVHFVADPCTLSVNGVVIGMTSTDLL
FHMGAEEISSSAGAPDRFSRILRHILTQRSYYPLYPPNEEINIDYEALYSYTPMPVTPDVFIVPSELRYFIKDVTGCICI
NPGRLTKGLVGGTYARFLVKSGAMGSEGKRSTCISAQVVRV
;
B
3 'polypeptide(L)'
;MLFSRDRKYRHNTRLTGDRKGDLYPSSLQFYQHPPTENISLIEFETFAIERLKLLKAVENLGVSYVKNSEEYSKKLELEL
RKLKFPYRPLHEEISDDVYDLRRKDHISHFILRLAYCQSEDLRRWFIQQEMDLFKFRFGLLTKESVQEFLKLNDLQYVAI
SEDEKNMHKEDLMNSSFGLSLTKMEDTEFYKVPFQAALDLVRPRKVFLWRGFAFIPHKDIVSIVLNDFRAKLSKALALSA
RSLPVVQSDERLQPLLNHLSHSYIGQDFSSQSNTGKISLEQIDGFAAKSFPLCMRQLHKSLRENHHLRHGGRMQYGLFLK
GIGLTLEQALQFWRLEFTKGKVDSEKFDKVYAYSIRHNYGKEGKRTDYTPYSCMKVILSNPPSQGDYHGCPFRHSDPELL
KQKLQSFKVPSSGINQILELVKGMHYQLACQKYFELTHSVDDCGFSLNHPNQYFAESQKLLTGSREIKKEQTARDSPAVT
ASQLSSSSSSASIPKSQSSAPEMEDLEQIFSEY
;
C
4 'polypeptide(L)'
;GPHMDLSVYDPASLPDVLPLYYRRLFPFYQYFRWLNYGGVVKNYFQHREFSFTLKDDVYVRYQSFNNQSELEKEMQKMCP
YKIDIGAVYSHRPSLHNTVKSGTFQAQEKELVFDIDMTDYDDVRRCCSSADICPKCWTLMTIAVRILDRALAEDFGFKHR
LWVYSGRRGVHCWVCDDSARKLSQAERSAVAEYLSVVKGGEETIKKVQLPETIHPFIGKSLKMVERYFEKYALVDQDILE
NKQCWDKVIALVPEVARESLLREFSKARSSVERWDKLSSCLEATGKDFRRYSNIPKEIMLQFCYPRLDVNVSKGLNHLLK
SPFSVHPKTGRISVPIDCKKLDQFDPFSVPTISLICSELDNVSKKEEDEDSAGEGEPEAKKRTRDYKRTSLAPYIKVFEQ
FLDKLDQSRKGELLNKSDLKKEF
;
D
#
loop_
_chem_comp.id
_chem_comp.type
_chem_comp.name
_chem_comp.formula
SF4 non-polymer 'IRON/SULFUR CLUSTER' 'Fe4 S4'
ZN non-polymer 'ZINC ION' 'Zn 2'
#
# COMPACT_ATOMS: atom_id res chain seq x y z
N GLN A 8 -34.64 10.75 -49.01
CA GLN A 8 -34.30 11.91 -48.20
C GLN A 8 -33.22 11.57 -47.18
N VAL A 9 -32.23 12.46 -47.06
CA VAL A 9 -31.13 12.30 -46.11
C VAL A 9 -31.19 13.46 -45.13
N PHE A 10 -31.16 13.14 -43.86
CA PHE A 10 -31.25 14.12 -42.78
C PHE A 10 -29.88 14.22 -42.13
N ARG A 11 -29.20 15.34 -42.32
CA ARG A 11 -27.88 15.57 -41.75
C ARG A 11 -28.00 16.46 -40.52
N PHE A 12 -27.47 15.99 -39.40
CA PHE A 12 -27.55 16.75 -38.16
C PHE A 12 -26.35 16.47 -37.29
N TYR A 13 -25.91 17.48 -36.55
CA TYR A 13 -24.77 17.36 -35.65
C TYR A 13 -25.27 17.04 -34.26
N TRP A 14 -24.93 15.86 -33.75
CA TRP A 14 -25.50 15.40 -32.49
C TRP A 14 -24.59 15.78 -31.33
N LEU A 15 -25.20 16.19 -30.22
CA LEU A 15 -24.49 16.60 -29.02
C LEU A 15 -24.79 15.73 -27.81
N ASP A 16 -26.03 15.26 -27.67
CA ASP A 16 -26.44 14.56 -26.46
C ASP A 16 -27.33 13.38 -26.84
N ALA A 17 -27.41 12.41 -25.92
CA ALA A 17 -28.27 11.26 -26.07
C ALA A 17 -28.92 10.95 -24.73
N TYR A 18 -30.13 10.38 -24.78
CA TYR A 18 -30.85 10.00 -23.58
C TYR A 18 -31.47 8.64 -23.77
N GLU A 19 -31.37 7.81 -22.73
CA GLU A 19 -31.97 6.48 -22.73
C GLU A 19 -32.74 6.26 -21.44
N ASP A 20 -33.94 5.69 -21.57
CA ASP A 20 -34.78 5.33 -20.43
C ASP A 20 -35.03 3.83 -20.52
N GLN A 21 -34.21 3.06 -19.80
CA GLN A 21 -34.30 1.61 -19.90
C GLN A 21 -35.65 1.10 -19.44
N TYR A 22 -36.17 1.66 -18.35
CA TYR A 22 -37.40 1.14 -17.77
C TYR A 22 -38.62 1.52 -18.59
N SER A 23 -38.65 2.73 -19.15
CA SER A 23 -39.88 3.23 -19.76
C SER A 23 -40.07 2.68 -21.18
N GLN A 24 -39.16 3.02 -22.09
CA GLN A 24 -39.28 2.62 -23.49
C GLN A 24 -38.10 1.74 -23.89
N PRO A 25 -38.27 0.42 -23.97
CA PRO A 25 -37.13 -0.43 -24.33
C PRO A 25 -36.73 -0.26 -25.78
N GLY A 26 -35.42 -0.14 -26.01
CA GLY A 26 -34.89 -0.15 -27.36
C GLY A 26 -34.93 1.18 -28.08
N VAL A 27 -35.30 2.27 -27.42
CA VAL A 27 -35.37 3.59 -28.05
C VAL A 27 -34.36 4.51 -27.37
N VAL A 28 -33.58 5.22 -28.17
CA VAL A 28 -32.63 6.21 -27.67
C VAL A 28 -32.86 7.51 -28.43
N TYR A 29 -32.85 8.62 -27.70
CA TYR A 29 -33.07 9.94 -28.28
C TYR A 29 -31.75 10.66 -28.45
N LEU A 30 -31.53 11.23 -29.62
CA LEU A 30 -30.34 12.01 -29.93
C LEU A 30 -30.74 13.46 -30.17
N PHE A 31 -30.11 14.38 -29.45
CA PHE A 31 -30.41 15.80 -29.56
C PHE A 31 -29.24 16.51 -30.22
N GLY A 32 -29.54 17.48 -31.07
CA GLY A 32 -28.47 18.18 -31.75
C GLY A 32 -28.97 19.33 -32.59
N LYS A 33 -28.16 19.69 -33.59
CA LYS A 33 -28.40 20.83 -34.46
C LYS A 33 -28.69 20.37 -35.87
N VAL A 34 -29.68 20.99 -36.49
CA VAL A 34 -30.02 20.75 -37.90
C VAL A 34 -30.08 22.10 -38.59
N TRP A 35 -29.47 22.18 -39.78
CA TRP A 35 -29.47 23.42 -40.54
C TRP A 35 -30.80 23.61 -41.25
N ILE A 36 -31.38 24.79 -41.11
CA ILE A 36 -32.60 25.17 -41.82
C ILE A 36 -32.26 26.35 -42.72
N GLU A 37 -32.47 26.17 -44.03
CA GLU A 37 -32.24 27.23 -44.99
C GLU A 37 -33.35 28.27 -44.96
N SER A 38 -34.58 27.84 -44.71
CA SER A 38 -35.69 28.79 -44.62
C SER A 38 -35.44 29.82 -43.52
N ALA A 39 -34.66 29.47 -42.51
CA ALA A 39 -34.26 30.40 -41.47
C ALA A 39 -32.78 30.74 -41.52
N ASP A 40 -32.01 30.09 -42.39
CA ASP A 40 -30.58 30.35 -42.49
C ASP A 40 -29.91 30.21 -41.12
N ALA A 41 -30.31 29.18 -40.38
CA ALA A 41 -29.79 29.02 -39.03
C ALA A 41 -29.91 27.57 -38.60
N TYR A 42 -29.16 27.22 -37.56
CA TYR A 42 -29.25 25.92 -36.94
C TYR A 42 -30.33 25.93 -35.87
N VAL A 43 -31.13 24.86 -35.83
CA VAL A 43 -32.18 24.71 -34.85
C VAL A 43 -32.02 23.36 -34.17
N SER A 44 -32.58 23.27 -32.97
CA SER A 44 -32.49 22.04 -32.19
C SER A 44 -33.37 20.96 -32.80
N CYS A 45 -32.89 19.73 -32.76
CA CYS A 45 -33.62 18.59 -33.30
C CYS A 45 -33.43 17.39 -32.39
N CYS A 46 -34.47 16.57 -32.32
CA CYS A 46 -34.45 15.30 -31.59
C CYS A 46 -34.78 14.16 -32.56
N VAL A 47 -33.92 13.15 -32.57
CA VAL A 47 -34.08 11.99 -33.43
C VAL A 47 -34.25 10.77 -32.55
N SER A 48 -35.34 10.03 -32.75
CA SER A 48 -35.62 8.82 -32.00
C SER A 48 -35.13 7.62 -32.79
N VAL A 49 -34.24 6.83 -32.21
CA VAL A 49 -33.73 5.61 -32.82
C VAL A 49 -34.33 4.45 -32.05
N LYS A 50 -35.15 3.66 -32.73
CA LYS A 50 -35.88 2.57 -32.09
C LYS A 50 -35.47 1.24 -32.71
N ASN A 51 -35.90 0.16 -32.06
CA ASN A 51 -35.62 -1.21 -32.51
C ASN A 51 -34.12 -1.54 -32.39
N ILE A 52 -33.54 -1.18 -31.25
CA ILE A 52 -32.18 -1.59 -30.92
C ILE A 52 -32.27 -2.93 -30.19
N GLU A 53 -31.85 -3.99 -30.87
CA GLU A 53 -32.07 -5.34 -30.37
C GLU A 53 -31.08 -5.69 -29.27
N ARG A 54 -31.56 -6.37 -28.24
CA ARG A 54 -30.66 -6.98 -27.27
C ARG A 54 -29.76 -7.98 -27.97
N THR A 55 -28.47 -7.86 -27.72
CA THR A 55 -27.45 -8.78 -28.21
C THR A 55 -26.86 -9.51 -27.02
N VAL A 56 -26.88 -10.83 -27.06
CA VAL A 56 -26.40 -11.67 -25.98
C VAL A 56 -25.48 -12.72 -26.56
N TYR A 57 -24.46 -13.10 -25.79
CA TYR A 57 -23.47 -14.08 -26.22
C TYR A 57 -23.47 -15.26 -25.26
N LEU A 58 -23.78 -16.44 -25.77
CA LEU A 58 -23.77 -17.67 -24.99
C LEU A 58 -22.44 -18.39 -25.20
N LEU A 59 -21.80 -18.77 -24.10
CA LEU A 59 -20.49 -19.39 -24.11
C LEU A 59 -20.65 -20.91 -24.07
N PRO A 60 -20.26 -21.64 -25.10
CA PRO A 60 -20.45 -23.10 -25.08
C PRO A 60 -19.60 -23.78 -24.02
N ARG A 61 -20.08 -24.94 -23.57
CA ARG A 61 -19.34 -25.76 -22.64
C ARG A 61 -18.47 -26.76 -23.40
N GLU A 62 -17.48 -27.31 -22.68
CA GLU A 62 -16.65 -28.35 -23.28
C GLU A 62 -17.41 -29.68 -23.37
N ASN A 63 -18.15 -30.03 -22.33
CA ASN A 63 -18.94 -31.25 -22.29
C ASN A 63 -20.26 -30.97 -21.60
N ARG A 64 -21.33 -31.58 -22.11
CA ARG A 64 -22.65 -31.36 -21.54
C ARG A 64 -22.65 -31.74 -20.06
N VAL A 65 -23.32 -30.92 -19.26
CA VAL A 65 -23.37 -31.08 -17.81
C VAL A 65 -24.82 -31.13 -17.38
N GLN A 66 -25.16 -32.10 -16.53
CA GLN A 66 -26.50 -32.19 -15.98
C GLN A 66 -26.61 -31.19 -14.82
N LEU A 67 -27.38 -30.12 -15.03
CA LEU A 67 -27.46 -29.06 -14.03
C LEU A 67 -27.97 -29.59 -12.70
N SER A 68 -28.86 -30.58 -12.72
CA SER A 68 -29.40 -31.12 -11.48
C SER A 68 -28.29 -31.75 -10.65
N THR A 69 -27.39 -32.49 -11.30
CA THR A 69 -26.32 -33.18 -10.60
C THR A 69 -24.97 -32.47 -10.70
N GLY A 70 -24.76 -31.65 -11.73
CA GLY A 70 -23.51 -30.94 -11.87
C GLY A 70 -22.34 -31.80 -12.28
N LYS A 71 -22.60 -32.95 -12.91
CA LYS A 71 -21.55 -33.87 -13.34
C LYS A 71 -21.45 -33.84 -14.86
N ASP A 72 -20.21 -33.71 -15.36
CA ASP A 72 -20.00 -33.70 -16.80
C ASP A 72 -20.47 -35.00 -17.41
N THR A 73 -21.23 -34.90 -18.50
CA THR A 73 -21.72 -36.08 -19.21
C THR A 73 -20.76 -36.57 -20.28
N GLY A 74 -19.68 -35.85 -20.55
CA GLY A 74 -18.68 -36.31 -21.48
C GLY A 74 -19.05 -36.20 -22.94
N ALA A 75 -20.18 -35.56 -23.27
CA ALA A 75 -20.61 -35.42 -24.65
C ALA A 75 -20.07 -34.11 -25.21
N PRO A 76 -19.22 -34.13 -26.24
CA PRO A 76 -18.75 -32.88 -26.83
C PRO A 76 -19.93 -32.03 -27.29
N VAL A 77 -19.85 -30.73 -27.02
CA VAL A 77 -20.96 -29.81 -27.28
C VAL A 77 -20.59 -28.98 -28.50
N SER A 78 -21.23 -29.26 -29.63
CA SER A 78 -21.14 -28.39 -30.79
C SER A 78 -22.13 -27.23 -30.62
N MET A 79 -21.99 -26.23 -31.49
CA MET A 79 -22.86 -25.06 -31.38
C MET A 79 -24.30 -25.37 -31.76
N MET A 80 -24.53 -26.44 -32.53
CA MET A 80 -25.90 -26.85 -32.80
C MET A 80 -26.60 -27.25 -31.51
N HIS A 81 -25.88 -27.90 -30.60
CA HIS A 81 -26.45 -28.24 -29.31
C HIS A 81 -26.84 -26.99 -28.53
N VAL A 82 -25.98 -25.98 -28.55
CA VAL A 82 -26.31 -24.73 -27.84
C VAL A 82 -27.51 -24.06 -28.46
N TYR A 83 -27.58 -24.04 -29.79
CA TYR A 83 -28.74 -23.48 -30.46
C TYR A 83 -30.01 -24.22 -30.07
N GLN A 84 -29.95 -25.54 -30.04
CA GLN A 84 -31.12 -26.33 -29.67
C GLN A 84 -31.52 -26.05 -28.23
N GLU A 85 -30.56 -25.98 -27.31
CA GLU A 85 -30.90 -25.71 -25.92
C GLU A 85 -31.53 -24.34 -25.77
N PHE A 86 -31.01 -23.33 -26.47
CA PHE A 86 -31.60 -22.01 -26.38
C PHE A 86 -33.00 -21.99 -26.97
N ASN A 87 -33.18 -22.63 -28.13
CA ASN A 87 -34.50 -22.63 -28.77
C ASN A 87 -35.53 -23.37 -27.92
N GLU A 88 -35.13 -24.48 -27.29
CA GLU A 88 -36.07 -25.29 -26.56
C GLU A 88 -36.29 -24.78 -25.13
N ALA A 89 -35.22 -24.71 -24.34
CA ALA A 89 -35.35 -24.42 -22.92
C ALA A 89 -35.35 -22.93 -22.64
N VAL A 90 -34.29 -22.23 -23.02
CA VAL A 90 -34.15 -20.83 -22.64
C VAL A 90 -35.19 -19.98 -23.35
N ALA A 91 -35.36 -20.18 -24.65
CA ALA A 91 -36.22 -19.30 -25.43
C ALA A 91 -37.64 -19.31 -24.88
N GLU A 92 -38.21 -20.50 -24.70
CA GLU A 92 -39.60 -20.57 -24.24
C GLU A 92 -39.72 -20.28 -22.74
N LYS A 93 -38.73 -20.67 -21.94
CA LYS A 93 -38.82 -20.46 -20.50
C LYS A 93 -38.84 -19.00 -20.12
N TYR A 94 -38.36 -18.11 -20.99
CA TYR A 94 -38.33 -16.68 -20.71
C TYR A 94 -39.15 -15.89 -21.73
N LYS A 95 -40.16 -16.52 -22.32
CA LYS A 95 -41.13 -15.82 -23.15
C LYS A 95 -40.46 -15.02 -24.27
N ILE A 96 -39.47 -15.64 -24.91
CA ILE A 96 -38.80 -15.05 -26.06
C ILE A 96 -39.36 -15.72 -27.31
N MET A 97 -39.95 -14.92 -28.20
CA MET A 97 -40.66 -15.48 -29.34
C MET A 97 -39.78 -15.58 -30.58
N LYS A 98 -39.25 -14.46 -31.05
CA LYS A 98 -38.44 -14.43 -32.25
C LYS A 98 -37.04 -13.91 -31.94
N PHE A 99 -36.04 -14.57 -32.51
CA PHE A 99 -34.65 -14.17 -32.31
C PHE A 99 -33.82 -14.67 -33.47
N LYS A 100 -32.67 -14.04 -33.66
CA LYS A 100 -31.71 -14.42 -34.68
C LYS A 100 -30.44 -14.93 -34.01
N SER A 101 -30.01 -16.13 -34.40
CA SER A 101 -28.80 -16.74 -33.86
C SER A 101 -27.69 -16.70 -34.90
N LYS A 102 -26.45 -16.66 -34.40
CA LYS A 102 -25.29 -16.65 -35.28
C LYS A 102 -24.10 -17.20 -34.51
N LYS A 103 -23.09 -17.65 -35.25
CA LYS A 103 -21.84 -18.10 -34.67
C LYS A 103 -20.80 -16.99 -34.83
N VAL A 104 -20.16 -16.61 -33.72
CA VAL A 104 -19.16 -15.55 -33.74
C VAL A 104 -17.92 -16.04 -33.02
N ASP A 105 -16.78 -15.43 -33.36
CA ASP A 105 -15.51 -15.68 -32.68
C ASP A 105 -15.15 -14.43 -31.90
N LYS A 106 -14.99 -14.56 -30.59
CA LYS A 106 -14.75 -13.41 -29.73
C LYS A 106 -13.67 -13.73 -28.72
N ASP A 107 -12.99 -12.67 -28.26
CA ASP A 107 -11.96 -12.75 -27.25
C ASP A 107 -12.51 -12.21 -25.92
N TYR A 108 -11.94 -12.69 -24.83
CA TYR A 108 -12.33 -12.25 -23.50
C TYR A 108 -11.12 -12.34 -22.57
N ALA A 109 -10.76 -11.22 -21.96
CA ALA A 109 -9.59 -11.16 -21.09
C ALA A 109 -9.92 -10.36 -19.83
N PHE A 110 -11.08 -10.62 -19.24
CA PHE A 110 -11.54 -9.84 -18.10
C PHE A 110 -11.88 -10.74 -16.91
N GLU A 111 -12.50 -10.15 -15.87
CA GLU A 111 -12.60 -10.79 -14.56
C GLU A 111 -13.85 -11.65 -14.46
N ILE A 112 -13.81 -12.80 -15.13
CA ILE A 112 -14.78 -13.86 -14.87
C ILE A 112 -14.05 -15.20 -15.04
N PRO A 113 -14.07 -16.08 -14.04
CA PRO A 113 -13.31 -17.33 -14.16
C PRO A 113 -13.87 -18.26 -15.23
N ASP A 114 -12.97 -19.08 -15.78
CA ASP A 114 -13.34 -20.17 -16.68
C ASP A 114 -13.95 -19.66 -17.98
N VAL A 115 -13.36 -18.61 -18.54
CA VAL A 115 -13.73 -18.13 -19.87
C VAL A 115 -12.48 -18.09 -20.74
N PRO A 116 -12.38 -18.90 -21.78
CA PRO A 116 -11.13 -18.95 -22.55
C PRO A 116 -10.84 -17.61 -23.21
N ALA A 117 -9.55 -17.34 -23.43
CA ALA A 117 -9.13 -16.07 -24.01
C ALA A 117 -9.84 -15.81 -25.34
N SER A 118 -9.88 -16.81 -26.22
CA SER A 118 -10.58 -16.72 -27.48
C SER A 118 -11.49 -17.93 -27.61
N SER A 119 -12.70 -17.72 -28.11
CA SER A 119 -13.64 -18.82 -28.23
C SER A 119 -14.78 -18.42 -29.15
N GLU A 120 -15.54 -19.42 -29.55
CA GLU A 120 -16.73 -19.21 -30.37
C GLU A 120 -17.95 -19.11 -29.46
N TYR A 121 -18.79 -18.12 -29.74
CA TYR A 121 -19.98 -17.85 -28.97
C TYR A 121 -21.20 -17.90 -29.88
N LEU A 122 -22.35 -18.16 -29.26
CA LEU A 122 -23.63 -18.06 -29.94
C LEU A 122 -24.19 -16.66 -29.70
N GLU A 123 -24.24 -15.87 -30.75
CA GLU A 123 -24.77 -14.51 -30.66
C GLU A 123 -26.25 -14.56 -30.96
N VAL A 124 -27.07 -14.17 -29.99
CA VAL A 124 -28.52 -14.13 -30.12
C VAL A 124 -28.95 -12.68 -30.06
N ARG A 125 -29.67 -12.24 -31.08
CA ARG A 125 -30.22 -10.90 -31.17
C ARG A 125 -31.74 -10.99 -31.15
N TYR A 126 -32.36 -10.28 -30.22
CA TYR A 126 -33.82 -10.31 -30.16
C TYR A 126 -34.35 -8.96 -29.69
N SER A 127 -35.62 -8.72 -29.97
CA SER A 127 -36.21 -7.41 -29.77
C SER A 127 -36.04 -6.94 -28.34
N ALA A 128 -36.05 -5.62 -28.16
CA ALA A 128 -35.90 -5.04 -26.83
C ALA A 128 -37.17 -5.15 -26.00
N ASP A 129 -38.32 -5.40 -26.62
CA ASP A 129 -39.56 -5.59 -25.89
C ASP A 129 -39.63 -6.95 -25.23
N SER A 130 -38.85 -7.92 -25.69
CA SER A 130 -38.82 -9.23 -25.06
C SER A 130 -38.13 -9.14 -23.71
N PRO A 131 -38.37 -10.11 -22.83
CA PRO A 131 -37.77 -10.05 -21.49
C PRO A 131 -36.25 -10.09 -21.54
N GLN A 132 -35.66 -9.82 -20.38
CA GLN A 132 -34.21 -9.77 -20.21
C GLN A 132 -33.76 -11.03 -19.49
N LEU A 133 -32.80 -11.73 -20.07
CA LEU A 133 -32.32 -12.97 -19.47
C LEU A 133 -31.58 -12.68 -18.17
N PRO A 134 -31.57 -13.63 -17.23
CA PRO A 134 -30.81 -13.42 -16.00
C PRO A 134 -29.31 -13.35 -16.26
N GLN A 135 -28.62 -12.57 -15.42
CA GLN A 135 -27.17 -12.46 -15.56
C GLN A 135 -26.51 -13.80 -15.28
N ASP A 136 -26.99 -14.53 -14.27
CA ASP A 136 -26.41 -15.80 -13.89
C ASP A 136 -27.02 -16.96 -14.66
N LEU A 137 -27.64 -16.69 -15.81
CA LEU A 137 -28.26 -17.75 -16.58
C LEU A 137 -27.22 -18.77 -17.01
N LYS A 138 -27.54 -20.04 -16.82
CA LYS A 138 -26.66 -21.12 -17.24
C LYS A 138 -27.52 -22.30 -17.68
N GLY A 139 -26.98 -23.09 -18.61
CA GLY A 139 -27.68 -24.24 -19.13
C GLY A 139 -26.74 -25.43 -19.22
N GLU A 140 -27.28 -26.53 -19.73
CA GLU A 140 -26.48 -27.74 -19.87
C GLU A 140 -25.41 -27.55 -20.94
N THR A 141 -25.73 -26.82 -22.00
CA THR A 141 -24.80 -26.65 -23.12
C THR A 141 -23.92 -25.42 -22.99
N PHE A 142 -24.41 -24.36 -22.33
CA PHE A 142 -23.67 -23.11 -22.21
C PHE A 142 -23.42 -22.79 -20.75
N SER A 143 -22.28 -22.14 -20.49
CA SER A 143 -21.83 -21.88 -19.13
C SER A 143 -22.10 -20.46 -18.66
N HIS A 144 -22.05 -19.47 -19.55
CA HIS A 144 -22.24 -18.09 -19.15
C HIS A 144 -22.93 -17.33 -20.27
N VAL A 145 -23.58 -16.23 -19.91
CA VAL A 145 -24.30 -15.38 -20.84
C VAL A 145 -23.78 -13.95 -20.67
N PHE A 146 -23.30 -13.36 -21.77
CA PHE A 146 -22.71 -12.02 -21.75
C PHE A 146 -23.61 -11.03 -22.46
N GLY A 147 -23.69 -9.83 -21.92
CA GLY A 147 -24.39 -8.74 -22.58
C GLY A 147 -25.86 -8.66 -22.28
N THR A 148 -26.32 -9.29 -21.20
CA THR A 148 -27.75 -9.29 -20.90
C THR A 148 -28.23 -7.88 -20.56
N ASN A 149 -27.45 -7.11 -19.82
CA ASN A 149 -27.86 -5.80 -19.35
C ASN A 149 -27.23 -4.66 -20.12
N THR A 150 -26.65 -4.93 -21.28
CA THR A 150 -26.08 -3.86 -22.09
C THR A 150 -27.16 -2.83 -22.43
N SER A 151 -26.83 -1.57 -22.25
CA SER A 151 -27.79 -0.49 -22.49
C SER A 151 -27.99 -0.28 -23.98
N SER A 152 -29.17 0.22 -24.33
CA SER A 152 -29.48 0.48 -25.73
C SER A 152 -28.53 1.53 -26.31
N LEU A 153 -28.27 2.59 -25.55
CA LEU A 153 -27.37 3.64 -26.04
C LEU A 153 -25.98 3.10 -26.29
N GLU A 154 -25.48 2.26 -25.38
CA GLU A 154 -24.16 1.68 -25.56
C GLU A 154 -24.11 0.80 -26.80
N LEU A 155 -25.12 -0.05 -26.98
CA LEU A 155 -25.17 -0.89 -28.16
C LEU A 155 -25.19 -0.04 -29.42
N PHE A 156 -25.98 1.03 -29.43
CA PHE A 156 -26.06 1.88 -30.61
C PHE A 156 -24.71 2.53 -30.91
N LEU A 157 -24.11 3.14 -29.90
CA LEU A 157 -22.86 3.86 -30.13
C LEU A 157 -21.76 2.92 -30.58
N LEU A 158 -21.63 1.76 -29.95
CA LEU A 158 -20.59 0.83 -30.34
C LEU A 158 -20.88 0.20 -31.69
N SER A 159 -22.15 0.01 -32.04
CA SER A 159 -22.49 -0.63 -33.29
C SER A 159 -22.24 0.29 -34.47
N ARG A 160 -22.63 1.55 -34.36
CA ARG A 160 -22.48 2.48 -35.47
C ARG A 160 -21.16 3.22 -35.45
N LYS A 161 -20.29 2.92 -34.49
CA LYS A 161 -18.97 3.55 -34.39
C LYS A 161 -19.10 5.07 -34.29
N ILE A 162 -19.97 5.52 -33.41
CA ILE A 162 -20.15 6.94 -33.15
C ILE A 162 -19.24 7.30 -31.97
N LYS A 163 -18.26 8.15 -32.23
CA LYS A 163 -17.26 8.56 -31.24
C LYS A 163 -17.44 10.04 -30.98
N GLY A 164 -18.25 10.36 -29.97
CA GLY A 164 -18.45 11.73 -29.55
C GLY A 164 -19.30 12.51 -30.53
N PRO A 165 -19.52 13.79 -30.24
CA PRO A 165 -20.33 14.62 -31.13
C PRO A 165 -19.77 14.63 -32.54
N SER A 166 -20.67 14.56 -33.52
CA SER A 166 -20.29 14.46 -34.92
C SER A 166 -21.53 14.69 -35.77
N TRP A 167 -21.30 14.81 -37.07
CA TRP A 167 -22.37 14.96 -38.05
C TRP A 167 -22.84 13.58 -38.48
N LEU A 168 -24.13 13.32 -38.28
CA LEU A 168 -24.74 12.04 -38.63
C LEU A 168 -25.75 12.24 -39.74
N GLU A 169 -25.76 11.30 -40.67
CA GLU A 169 -26.70 11.24 -41.78
C GLU A 169 -27.72 10.13 -41.50
N ILE A 170 -28.98 10.45 -41.68
CA ILE A 170 -30.09 9.52 -41.47
C ILE A 170 -30.76 9.28 -42.81
N LYS A 171 -30.88 8.01 -43.18
CA LYS A 171 -31.53 7.59 -44.42
C LYS A 171 -32.98 7.21 -44.14
N SER A 172 -33.89 7.73 -44.94
CA SER A 172 -35.32 7.43 -44.83
C SER A 172 -35.85 7.87 -43.48
N PRO A 173 -35.68 9.14 -43.10
CA PRO A 173 -36.29 9.62 -41.85
C PRO A 173 -37.80 9.67 -41.95
N GLN A 174 -38.45 9.47 -40.82
CA GLN A 174 -39.90 9.51 -40.70
C GLN A 174 -40.31 10.73 -39.87
N LEU A 175 -41.61 10.88 -39.67
CA LEU A 175 -42.18 11.97 -38.89
C LEU A 175 -42.88 11.39 -37.66
N SER A 176 -42.61 11.98 -36.51
CA SER A 176 -43.24 11.51 -35.28
C SER A 176 -44.74 11.76 -35.33
N SER A 177 -45.51 10.79 -34.82
CA SER A 177 -46.96 10.96 -34.78
C SER A 177 -47.35 12.13 -33.87
N GLN A 178 -46.73 12.22 -32.71
CA GLN A 178 -46.94 13.30 -31.77
C GLN A 178 -45.59 13.80 -31.26
N PRO A 179 -45.49 15.07 -30.90
CA PRO A 179 -44.21 15.58 -30.40
C PRO A 179 -43.74 14.78 -29.20
N MET A 180 -42.46 14.44 -29.20
CA MET A 180 -41.83 13.72 -28.09
C MET A 180 -40.81 14.56 -27.37
N SER A 181 -40.39 15.68 -27.94
CA SER A 181 -39.36 16.53 -27.37
C SER A 181 -39.82 17.98 -27.44
N TRP A 182 -39.07 18.86 -26.77
CA TRP A 182 -39.28 20.29 -26.85
C TRP A 182 -38.43 20.94 -27.92
N CYS A 183 -38.07 20.19 -28.96
CA CYS A 183 -37.16 20.65 -30.00
C CYS A 183 -37.93 21.08 -31.24
N LYS A 184 -37.27 21.93 -32.04
CA LYS A 184 -37.93 22.51 -33.21
C LYS A 184 -38.26 21.44 -34.24
N VAL A 185 -37.35 20.50 -34.48
CA VAL A 185 -37.50 19.49 -35.52
C VAL A 185 -37.37 18.11 -34.88
N GLU A 186 -38.18 17.17 -35.34
CA GLU A 186 -38.14 15.80 -34.86
C GLU A 186 -38.08 14.84 -36.04
N ALA A 187 -37.42 13.71 -35.84
CA ALA A 187 -37.34 12.65 -36.83
C ALA A 187 -37.25 11.31 -36.12
N VAL A 188 -37.66 10.26 -36.82
CA VAL A 188 -37.63 8.90 -36.28
C VAL A 188 -36.97 7.99 -37.30
N VAL A 189 -36.07 7.13 -36.84
CA VAL A 189 -35.45 6.10 -37.66
C VAL A 189 -35.86 4.74 -37.10
N THR A 190 -36.39 3.89 -37.96
CA THR A 190 -36.90 2.60 -37.52
C THR A 190 -35.77 1.64 -37.18
N ARG A 191 -34.71 1.65 -37.98
CA ARG A 191 -33.60 0.72 -37.79
C ARG A 191 -32.33 1.49 -37.44
N PRO A 192 -31.57 1.07 -36.44
CA PRO A 192 -30.34 1.79 -36.10
C PRO A 192 -29.32 1.84 -37.23
N ASP A 193 -29.39 0.92 -38.18
CA ASP A 193 -28.45 0.90 -39.29
C ASP A 193 -28.62 2.09 -40.22
N GLN A 194 -29.70 2.86 -40.08
CA GLN A 194 -29.94 4.00 -40.93
C GLN A 194 -29.14 5.23 -40.55
N VAL A 195 -28.42 5.20 -39.44
CA VAL A 195 -27.63 6.32 -38.96
C VAL A 195 -26.17 6.06 -39.30
N SER A 196 -25.54 6.99 -40.02
CA SER A 196 -24.15 6.86 -40.43
C SER A 196 -23.40 8.10 -40.00
N VAL A 197 -22.09 7.96 -39.83
CA VAL A 197 -21.23 9.02 -39.33
C VAL A 197 -20.61 9.75 -40.52
N VAL A 198 -21.02 11.00 -40.72
CA VAL A 198 -20.29 11.86 -41.65
C VAL A 198 -19.00 12.33 -40.99
N LYS A 199 -18.03 12.71 -41.82
CA LYS A 199 -16.68 12.98 -41.34
C LYS A 199 -16.16 14.28 -41.94
N ASP A 200 -15.21 14.87 -41.21
CA ASP A 200 -14.35 15.98 -41.64
C ASP A 200 -15.06 17.33 -41.64
N LEU A 201 -16.35 17.40 -41.37
CA LEU A 201 -17.04 18.68 -41.38
C LEU A 201 -16.84 19.41 -40.05
N ALA A 202 -17.01 20.73 -40.10
CA ALA A 202 -16.80 21.57 -38.93
C ALA A 202 -18.00 21.50 -38.00
N PRO A 203 -17.80 21.65 -36.69
CA PRO A 203 -18.94 21.71 -35.77
C PRO A 203 -19.77 22.96 -36.01
N PRO A 204 -21.06 22.92 -35.70
CA PRO A 204 -21.88 24.12 -35.81
C PRO A 204 -21.83 24.93 -34.53
N PRO A 205 -22.23 26.20 -34.56
CA PRO A 205 -22.34 26.97 -33.33
C PRO A 205 -23.50 26.49 -32.47
N VAL A 206 -23.40 26.76 -31.17
CA VAL A 206 -24.37 26.32 -30.19
C VAL A 206 -24.85 27.52 -29.39
N VAL A 207 -26.03 27.39 -28.80
CA VAL A 207 -26.59 28.42 -27.94
C VAL A 207 -26.16 28.11 -26.51
N VAL A 208 -25.50 29.06 -25.87
CA VAL A 208 -25.01 28.91 -24.51
C VAL A 208 -25.74 29.90 -23.61
N LEU A 209 -26.20 29.42 -22.47
CA LEU A 209 -26.95 30.22 -21.50
C LEU A 209 -26.28 30.08 -20.15
N SER A 210 -25.75 31.19 -19.63
CA SER A 210 -25.16 31.22 -18.31
C SER A 210 -26.20 31.68 -17.32
N LEU A 211 -26.41 30.90 -16.27
CA LEU A 211 -27.54 31.06 -15.36
C LEU A 211 -27.04 31.26 -13.94
N SER A 212 -27.57 32.29 -13.27
CA SER A 212 -27.34 32.51 -11.86
C SER A 212 -28.68 32.79 -11.20
N MET A 213 -28.79 32.44 -9.92
CA MET A 213 -30.04 32.67 -9.22
C MET A 213 -29.78 33.02 -7.77
N LYS A 214 -30.58 33.94 -7.25
CA LYS A 214 -30.56 34.33 -5.85
C LYS A 214 -31.75 33.66 -5.16
N THR A 215 -31.46 32.96 -4.07
CA THR A 215 -32.45 32.29 -3.24
C THR A 215 -32.32 32.77 -1.81
N VAL A 216 -33.35 32.50 -1.01
CA VAL A 216 -33.36 32.81 0.40
C VAL A 216 -33.93 31.64 1.17
N GLN A 217 -33.30 31.29 2.28
CA GLN A 217 -33.77 30.20 3.11
C GLN A 217 -34.94 30.67 3.96
N ASN A 218 -36.00 29.87 3.99
CA ASN A 218 -37.17 30.17 4.81
C ASN A 218 -36.97 29.55 6.19
N ALA A 219 -36.90 30.41 7.20
CA ALA A 219 -36.71 29.93 8.57
C ALA A 219 -37.89 29.09 9.07
N LYS A 220 -39.06 29.24 8.47
CA LYS A 220 -40.23 28.51 8.92
C LYS A 220 -40.42 27.19 8.18
N THR A 221 -40.36 27.23 6.85
CA THR A 221 -40.52 26.06 6.01
C THR A 221 -39.22 25.32 5.73
N HIS A 222 -38.08 25.89 6.11
CA HIS A 222 -36.78 25.24 5.90
C HIS A 222 -36.54 24.89 4.44
N GLN A 223 -36.87 25.83 3.56
CA GLN A 223 -36.72 25.63 2.13
C GLN A 223 -36.14 26.90 1.50
N ASN A 224 -35.52 26.74 0.35
CA ASN A 224 -34.90 27.83 -0.39
C ASN A 224 -35.86 28.33 -1.45
N GLU A 225 -36.27 29.58 -1.34
CA GLU A 225 -37.19 30.19 -2.30
C GLU A 225 -36.37 30.96 -3.33
N ILE A 226 -36.51 30.58 -4.60
CA ILE A 226 -35.86 31.31 -5.68
C ILE A 226 -36.49 32.70 -5.76
N VAL A 227 -35.68 33.73 -5.57
CA VAL A 227 -36.17 35.10 -5.59
C VAL A 227 -35.70 35.88 -6.79
N ALA A 228 -34.61 35.48 -7.44
CA ALA A 228 -34.17 36.14 -8.66
C ALA A 228 -33.44 35.15 -9.54
N ILE A 229 -33.52 35.36 -10.85
CA ILE A 229 -32.76 34.59 -11.82
C ILE A 229 -32.24 35.53 -12.91
N ALA A 230 -30.97 35.37 -13.27
CA ALA A 230 -30.35 36.13 -14.34
C ALA A 230 -29.71 35.16 -15.32
N ALA A 231 -29.90 35.45 -16.61
CA ALA A 231 -29.40 34.58 -17.67
C ALA A 231 -28.76 35.41 -18.76
N LEU A 232 -27.58 34.99 -19.20
CA LEU A 232 -26.85 35.61 -20.30
C LEU A 232 -26.76 34.61 -21.44
N VAL A 233 -27.17 35.01 -22.64
CA VAL A 233 -27.35 34.09 -23.75
C VAL A 233 -26.47 34.53 -24.91
N HIS A 234 -25.69 33.58 -25.44
CA HIS A 234 -24.97 33.72 -26.70
C HIS A 234 -25.56 32.72 -27.68
N HIS A 235 -26.03 33.22 -28.82
CA HIS A 235 -26.77 32.37 -29.74
C HIS A 235 -25.89 31.62 -30.73
N THR A 236 -24.67 32.08 -30.97
CA THR A 236 -23.73 31.41 -31.86
C THR A 236 -22.40 31.26 -31.14
N PHE A 237 -22.26 30.18 -30.37
CA PHE A 237 -21.06 29.95 -29.59
C PHE A 237 -20.18 28.92 -30.27
N PRO A 238 -18.93 29.22 -30.59
CA PRO A 238 -18.08 28.24 -31.25
C PRO A 238 -17.59 27.16 -30.30
N LEU A 239 -17.36 25.98 -30.86
CA LEU A 239 -16.79 24.87 -30.12
C LEU A 239 -15.39 24.50 -30.61
N ASP A 240 -14.95 25.07 -31.73
CA ASP A 240 -13.61 24.84 -32.26
C ASP A 240 -12.80 26.12 -32.43
N LYS A 241 -13.40 27.28 -32.24
CA LYS A 241 -12.74 28.57 -32.37
C LYS A 241 -12.49 29.17 -30.99
N ALA A 242 -11.98 30.41 -30.98
CA ALA A 242 -11.73 31.09 -29.73
C ALA A 242 -13.04 31.61 -29.13
N PRO A 243 -13.11 31.73 -27.82
CA PRO A 243 -14.33 32.21 -27.18
C PRO A 243 -14.66 33.61 -27.67
N PRO A 244 -15.94 33.92 -27.90
CA PRO A 244 -16.30 35.24 -28.40
C PRO A 244 -16.03 36.35 -27.40
N GLN A 245 -15.78 37.54 -27.92
CA GLN A 245 -15.67 38.76 -27.12
C GLN A 245 -16.68 39.77 -27.65
N PRO A 246 -17.75 40.11 -26.92
CA PRO A 246 -18.11 39.67 -25.57
C PRO A 246 -18.64 38.25 -25.55
N PRO A 247 -18.67 37.59 -24.39
CA PRO A 247 -19.10 36.20 -24.34
C PRO A 247 -20.60 35.99 -24.49
N PHE A 248 -21.37 37.06 -24.54
CA PHE A 248 -22.82 36.96 -24.62
C PHE A 248 -23.37 38.03 -25.54
N GLN A 249 -24.58 37.78 -26.05
CA GLN A 249 -25.28 38.72 -26.90
C GLN A 249 -26.51 39.30 -26.22
N THR A 250 -27.41 38.46 -25.73
CA THR A 250 -28.63 38.88 -25.08
C THR A 250 -28.61 38.45 -23.61
N HIS A 251 -29.63 38.85 -22.88
CA HIS A 251 -29.75 38.47 -21.48
C HIS A 251 -31.15 38.80 -21.00
N PHE A 252 -31.59 38.09 -19.96
CA PHE A 252 -32.85 38.39 -19.32
C PHE A 252 -32.69 38.19 -17.81
N CYS A 253 -33.56 38.86 -17.07
CA CYS A 253 -33.59 38.75 -15.62
C CYS A 253 -35.04 38.70 -15.16
N VAL A 254 -35.29 37.93 -14.11
CA VAL A 254 -36.62 37.84 -13.50
C VAL A 254 -36.46 38.00 -12.00
N LEU A 255 -37.29 38.85 -11.41
CA LEU A 255 -37.23 39.18 -9.99
C LEU A 255 -38.60 38.98 -9.37
N SER A 256 -38.64 38.47 -8.14
CA SER A 256 -39.90 38.19 -7.46
C SER A 256 -39.84 38.71 -6.02
N LYS A 257 -41.02 38.91 -5.45
CA LYS A 257 -41.17 39.29 -4.06
C LYS A 257 -41.20 38.06 -3.16
N LEU A 258 -40.67 38.22 -1.95
CA LEU A 258 -40.45 37.09 -1.05
C LEU A 258 -41.65 36.83 -0.14
N ASN A 259 -42.82 36.64 -0.76
CA ASN A 259 -43.96 36.09 -0.03
C ASN A 259 -44.33 36.95 1.18
N ASP A 260 -44.93 38.11 0.90
CA ASP A 260 -45.25 39.11 1.90
C ASP A 260 -44.09 40.06 2.18
N CYS A 261 -43.08 40.04 1.33
CA CYS A 261 -42.04 41.06 1.30
C CYS A 261 -42.35 41.92 0.06
N ILE A 262 -43.23 42.91 0.25
CA ILE A 262 -43.75 43.68 -0.87
C ILE A 262 -42.63 44.45 -1.54
N PHE A 263 -42.80 44.71 -2.83
CA PHE A 263 -41.83 45.48 -3.58
C PHE A 263 -41.76 46.91 -3.06
N PRO A 264 -40.63 47.59 -3.25
CA PRO A 264 -40.58 49.02 -2.96
C PRO A 264 -41.56 49.77 -3.85
N TYR A 265 -41.98 50.94 -3.35
CA TYR A 265 -43.02 51.72 -4.01
C TYR A 265 -42.84 51.82 -5.52
N ASP A 266 -41.65 52.20 -5.97
CA ASP A 266 -41.40 52.53 -7.37
C ASP A 266 -40.53 51.49 -8.06
N TYR A 267 -40.79 50.21 -7.81
CA TYR A 267 -39.98 49.17 -8.44
C TYR A 267 -40.10 49.22 -9.96
N ASN A 268 -41.33 49.39 -10.47
CA ASN A 268 -41.54 49.37 -11.91
C ASN A 268 -40.82 50.53 -12.59
N GLU A 269 -40.92 51.74 -12.02
CA GLU A 269 -40.27 52.88 -12.64
C GLU A 269 -38.76 52.72 -12.67
N ALA A 270 -38.18 52.25 -11.56
CA ALA A 270 -36.74 52.04 -11.53
C ALA A 270 -36.31 50.98 -12.53
N VAL A 271 -37.05 49.88 -12.62
CA VAL A 271 -36.70 48.83 -13.57
C VAL A 271 -36.77 49.35 -14.99
N LYS A 272 -37.83 50.10 -15.32
CA LYS A 272 -37.96 50.64 -16.66
C LYS A 272 -36.83 51.62 -16.96
N GLN A 273 -36.50 52.48 -16.01
CA GLN A 273 -35.41 53.44 -16.20
C GLN A 273 -34.08 52.72 -16.41
N LYS A 274 -33.89 51.57 -15.75
CA LYS A 274 -32.68 50.80 -15.97
C LYS A 274 -32.53 50.37 -17.42
N ASN A 275 -33.63 50.30 -18.17
CA ASN A 275 -33.62 49.94 -19.59
C ASN A 275 -32.97 48.57 -19.79
N ALA A 276 -33.52 47.58 -19.10
CA ALA A 276 -33.03 46.21 -19.16
C ALA A 276 -34.20 45.27 -19.41
N ASN A 277 -33.86 44.00 -19.64
CA ASN A 277 -34.85 42.97 -19.90
C ASN A 277 -35.25 42.29 -18.58
N ILE A 278 -35.74 43.11 -17.66
CA ILE A 278 -36.12 42.66 -16.33
C ILE A 278 -37.62 42.43 -16.29
N GLU A 279 -38.04 41.25 -15.83
CA GLU A 279 -39.44 40.89 -15.67
C GLU A 279 -39.76 40.74 -14.20
N ILE A 280 -40.80 41.44 -13.75
CA ILE A 280 -41.22 41.41 -12.37
C ILE A 280 -42.33 40.38 -12.24
N ALA A 281 -42.12 39.38 -11.38
CA ALA A 281 -43.09 38.33 -11.12
C ALA A 281 -43.68 38.56 -9.74
N LEU A 282 -45.01 38.47 -9.65
CA LEU A 282 -45.72 38.66 -8.39
C LEU A 282 -45.66 37.44 -7.49
N THR A 283 -45.17 36.31 -7.98
CA THR A 283 -45.08 35.11 -7.18
C THR A 283 -43.92 34.27 -7.69
N GLU A 284 -43.48 33.33 -6.84
CA GLU A 284 -42.47 32.38 -7.28
C GLU A 284 -42.98 31.50 -8.41
N ARG A 285 -44.27 31.18 -8.37
CA ARG A 285 -44.86 30.38 -9.44
C ARG A 285 -44.73 31.07 -10.79
N THR A 286 -45.06 32.36 -10.84
CA THR A 286 -44.94 33.10 -12.10
C THR A 286 -43.49 33.19 -12.54
N LEU A 287 -42.58 33.38 -11.58
CA LEU A 287 -41.17 33.45 -11.91
C LEU A 287 -40.70 32.16 -12.56
N LEU A 288 -41.09 31.02 -11.99
CA LEU A 288 -40.69 29.73 -12.54
C LEU A 288 -41.32 29.51 -13.90
N GLY A 289 -42.59 29.87 -14.07
CA GLY A 289 -43.21 29.75 -15.37
C GLY A 289 -42.50 30.58 -16.42
N PHE A 290 -42.15 31.82 -16.08
CA PHE A 290 -41.41 32.67 -17.00
C PHE A 290 -40.06 32.05 -17.35
N PHE A 291 -39.36 31.52 -16.35
CA PHE A 291 -38.06 30.91 -16.62
C PHE A 291 -38.19 29.72 -17.55
N LEU A 292 -39.18 28.86 -17.32
CA LEU A 292 -39.37 27.72 -18.20
C LEU A 292 -39.74 28.16 -19.61
N ALA A 293 -40.59 29.17 -19.72
CA ALA A 293 -40.93 29.68 -21.05
C ALA A 293 -39.71 30.22 -21.77
N LYS A 294 -38.85 30.95 -21.05
CA LYS A 294 -37.65 31.51 -21.67
C LYS A 294 -36.68 30.40 -22.07
N ILE A 295 -36.54 29.38 -21.23
CA ILE A 295 -35.65 28.27 -21.59
C ILE A 295 -36.19 27.56 -22.83
N HIS A 296 -37.51 27.40 -22.92
CA HIS A 296 -38.12 26.79 -24.09
C HIS A 296 -37.85 27.61 -25.34
N LYS A 297 -38.06 28.92 -25.26
CA LYS A 297 -37.92 29.75 -26.44
C LYS A 297 -36.47 29.86 -26.88
N ILE A 298 -35.57 30.18 -25.95
CA ILE A 298 -34.16 30.26 -26.28
C ILE A 298 -33.63 28.89 -26.71
N ASP A 299 -33.98 27.85 -25.97
CA ASP A 299 -33.57 26.50 -26.30
C ASP A 299 -32.06 26.42 -26.28
N PRO A 300 -31.43 26.59 -25.13
CA PRO A 300 -29.96 26.53 -25.07
C PRO A 300 -29.45 25.11 -25.22
N ASP A 301 -28.40 24.96 -26.02
CA ASP A 301 -27.71 23.68 -26.08
C ASP A 301 -26.87 23.44 -24.84
N VAL A 302 -26.30 24.48 -24.27
CA VAL A 302 -25.48 24.40 -23.07
C VAL A 302 -26.01 25.39 -22.05
N ILE A 303 -26.20 24.92 -20.82
CA ILE A 303 -26.52 25.79 -19.69
C ILE A 303 -25.36 25.69 -18.71
N VAL A 304 -24.74 26.82 -18.41
CA VAL A 304 -23.55 26.88 -17.57
C VAL A 304 -23.88 27.62 -16.28
N GLY A 305 -23.50 27.02 -15.16
CA GLY A 305 -23.70 27.62 -13.86
C GLY A 305 -22.65 27.15 -12.89
N HIS A 306 -22.70 27.68 -11.67
CA HIS A 306 -21.82 27.26 -10.59
C HIS A 306 -22.65 26.49 -9.56
N ASP A 307 -22.23 25.25 -9.28
CA ASP A 307 -23.00 24.36 -8.43
C ASP A 307 -24.40 24.16 -9.00
N ILE A 308 -24.48 24.09 -10.34
CA ILE A 308 -25.77 23.95 -11.00
C ILE A 308 -26.36 22.57 -10.75
N TYR A 309 -25.52 21.53 -10.81
CA TYR A 309 -26.01 20.18 -10.56
C TYR A 309 -26.49 20.04 -9.12
N GLY A 310 -25.73 20.57 -8.18
CA GLY A 310 -25.96 20.29 -6.77
C GLY A 310 -26.95 21.21 -6.09
N PHE A 311 -27.04 22.46 -6.54
CA PHE A 311 -27.94 23.44 -5.93
C PHE A 311 -29.00 23.94 -6.88
N ASP A 312 -28.62 24.46 -8.04
CA ASP A 312 -29.58 25.18 -8.87
C ASP A 312 -30.66 24.25 -9.40
N LEU A 313 -30.28 23.13 -10.00
CA LEU A 313 -31.26 22.22 -10.57
C LEU A 313 -32.16 21.62 -9.49
N GLU A 314 -31.58 21.22 -8.37
CA GLU A 314 -32.38 20.61 -7.30
C GLU A 314 -33.40 21.60 -6.75
N VAL A 315 -32.95 22.82 -6.47
CA VAL A 315 -33.86 23.84 -5.97
C VAL A 315 -34.92 24.17 -7.01
N LEU A 316 -34.53 24.26 -8.28
CA LEU A 316 -35.48 24.56 -9.33
C LEU A 316 -36.58 23.51 -9.38
N LEU A 317 -36.19 22.24 -9.34
CA LEU A 317 -37.19 21.17 -9.39
C LEU A 317 -38.06 21.17 -8.15
N GLN A 318 -37.47 21.39 -6.97
CA GLN A 318 -38.27 21.41 -5.75
C GLN A 318 -39.28 22.55 -5.76
N ARG A 319 -38.88 23.72 -6.23
CA ARG A 319 -39.81 24.85 -6.26
C ARG A 319 -40.84 24.69 -7.36
N ILE A 320 -40.50 23.96 -8.42
CA ILE A 320 -41.50 23.69 -9.45
C ILE A 320 -42.56 22.74 -8.92
N ASN A 321 -42.15 21.69 -8.20
CA ASN A 321 -43.13 20.75 -7.68
C ASN A 321 -43.81 21.25 -6.41
N SER A 322 -43.28 22.30 -5.78
CA SER A 322 -43.91 22.91 -4.62
C SER A 322 -44.94 23.97 -5.02
N CYS A 323 -44.60 24.79 -6.00
CA CYS A 323 -45.55 25.78 -6.50
C CYS A 323 -46.52 25.20 -7.51
N LYS A 324 -46.37 23.92 -7.86
CA LYS A 324 -47.24 23.25 -8.82
C LYS A 324 -47.19 23.95 -10.17
N VAL A 325 -45.97 24.14 -10.69
CA VAL A 325 -45.77 24.77 -11.98
C VAL A 325 -45.83 23.68 -13.04
N PRO A 326 -46.63 23.83 -14.09
CA PRO A 326 -46.70 22.79 -15.12
C PRO A 326 -45.49 22.81 -16.05
N PHE A 327 -45.27 21.66 -16.69
CA PHE A 327 -44.27 21.54 -17.74
C PHE A 327 -42.85 21.75 -17.21
N TRP A 328 -42.51 21.01 -16.15
CA TRP A 328 -41.14 21.09 -15.63
C TRP A 328 -40.14 20.64 -16.67
N SER A 329 -40.52 19.71 -17.54
CA SER A 329 -39.60 19.13 -18.49
C SER A 329 -39.06 20.13 -19.49
N LYS A 330 -39.66 21.32 -19.58
CA LYS A 330 -39.09 22.36 -20.42
C LYS A 330 -37.68 22.72 -20.00
N ILE A 331 -37.29 22.41 -18.76
CA ILE A 331 -35.89 22.59 -18.37
C ILE A 331 -35.00 21.70 -19.23
N GLY A 332 -35.45 20.50 -19.56
CA GLY A 332 -34.77 19.63 -20.49
C GLY A 332 -35.29 19.77 -21.89
N ARG A 333 -35.05 18.73 -22.69
CA ARG A 333 -35.49 18.70 -24.08
C ARG A 333 -36.49 17.60 -24.40
N LEU A 334 -36.57 16.56 -23.58
CA LEU A 334 -37.55 15.50 -23.78
C LEU A 334 -38.79 15.77 -22.94
N ARG A 335 -39.93 15.37 -23.46
CA ARG A 335 -41.20 15.55 -22.75
C ARG A 335 -41.35 14.43 -21.74
N ARG A 336 -41.10 14.75 -20.48
CA ARG A 336 -41.18 13.81 -19.38
C ARG A 336 -42.30 14.21 -18.43
N SER A 337 -43.02 13.21 -17.93
CA SER A 337 -44.12 13.43 -17.00
C SER A 337 -43.72 13.30 -15.54
N VAL A 338 -42.94 12.29 -15.20
CA VAL A 338 -42.51 12.03 -13.82
C VAL A 338 -41.12 12.60 -13.62
N MET A 339 -40.93 13.31 -12.51
CA MET A 339 -39.64 13.88 -12.21
C MET A 339 -38.65 12.78 -11.84
N PRO A 340 -37.36 13.03 -12.03
CA PRO A 340 -36.36 11.99 -11.73
C PRO A 340 -36.29 11.69 -10.24
N LYS A 341 -35.84 10.48 -9.94
CA LYS A 341 -35.63 10.09 -8.56
C LYS A 341 -34.49 10.90 -7.95
N LEU A 342 -34.53 11.07 -6.64
CA LEU A 342 -33.48 11.78 -5.95
C LEU A 342 -32.13 11.13 -6.21
N GLY A 343 -31.06 11.87 -5.91
CA GLY A 343 -29.73 11.42 -6.30
C GLY A 343 -29.36 10.08 -5.73
N GLY A 344 -29.61 9.87 -4.45
CA GLY A 344 -29.20 8.62 -3.82
C GLY A 344 -27.70 8.43 -3.92
N ARG A 345 -27.30 7.22 -4.28
CA ARG A 345 -25.87 6.91 -4.39
C ARG A 345 -25.24 7.48 -5.66
N SER A 346 -25.99 7.52 -6.75
CA SER A 346 -25.41 7.93 -8.03
C SER A 346 -24.87 9.36 -7.96
N GLY A 347 -25.63 10.27 -7.36
CA GLY A 347 -25.23 11.66 -7.24
C GLY A 347 -26.22 12.59 -7.94
N PHE A 348 -26.04 13.88 -7.64
CA PHE A 348 -26.94 14.89 -8.21
C PHE A 348 -26.82 14.94 -9.72
N ALA A 349 -25.59 14.83 -10.24
CA ALA A 349 -25.38 14.92 -11.68
C ALA A 349 -26.09 13.79 -12.41
N GLU A 350 -26.02 12.57 -11.89
CA GLU A 350 -26.59 11.43 -12.58
C GLU A 350 -28.08 11.30 -12.26
N ARG A 351 -28.81 12.39 -12.43
CA ARG A 351 -30.26 12.39 -12.38
C ARG A 351 -30.89 12.77 -13.71
N ASN A 352 -30.17 13.51 -14.54
CA ASN A 352 -30.62 13.85 -15.89
C ASN A 352 -31.90 14.69 -15.83
N ALA A 353 -31.91 15.69 -14.94
CA ALA A 353 -33.03 16.61 -14.90
C ALA A 353 -33.17 17.35 -16.22
N ALA A 354 -32.09 17.91 -16.73
CA ALA A 354 -32.09 18.59 -18.02
C ALA A 354 -31.57 17.67 -19.10
N CYS A 355 -32.36 16.64 -19.39
CA CYS A 355 -31.99 15.69 -20.43
C CYS A 355 -31.97 16.38 -21.78
N GLY A 356 -30.92 16.11 -22.56
CA GLY A 356 -30.77 16.71 -23.87
C GLY A 356 -30.09 18.06 -23.88
N ARG A 357 -29.82 18.64 -22.72
CA ARG A 357 -29.08 19.89 -22.61
C ARG A 357 -27.79 19.59 -21.87
N ILE A 358 -26.69 20.16 -22.36
CA ILE A 358 -25.39 19.96 -21.72
C ILE A 358 -25.28 20.97 -20.58
N ILE A 359 -25.18 20.47 -19.36
CA ILE A 359 -25.10 21.31 -18.17
C ILE A 359 -23.64 21.37 -17.74
N CYS A 360 -23.08 22.58 -17.73
CA CYS A 360 -21.68 22.81 -17.38
C CYS A 360 -21.62 23.47 -16.00
N ASP A 361 -21.17 22.71 -15.01
CA ASP A 361 -20.92 23.22 -13.67
C ASP A 361 -19.43 23.58 -13.59
N ILE A 362 -19.14 24.87 -13.51
CA ILE A 362 -17.75 25.31 -13.51
C ILE A 362 -16.98 24.84 -12.28
N GLU A 363 -17.67 24.36 -11.25
CA GLU A 363 -16.97 23.76 -10.12
C GLU A 363 -16.23 22.51 -10.55
N ILE A 364 -16.93 21.57 -11.19
CA ILE A 364 -16.31 20.33 -11.64
C ILE A 364 -15.26 20.60 -12.70
N SER A 365 -15.59 21.45 -13.67
CA SER A 365 -14.64 21.74 -14.74
C SER A 365 -13.39 22.41 -14.19
N ALA A 366 -13.53 23.32 -13.24
CA ALA A 366 -12.37 23.93 -12.62
C ALA A 366 -11.56 22.90 -11.85
N LYS A 367 -12.23 22.04 -11.09
CA LYS A 367 -11.52 21.00 -10.36
C LYS A 367 -10.73 20.11 -11.31
N GLU A 368 -11.22 19.93 -12.53
CA GLU A 368 -10.50 19.10 -13.49
C GLU A 368 -9.37 19.84 -14.18
N LEU A 369 -9.55 21.14 -14.45
CA LEU A 369 -8.65 21.85 -15.35
C LEU A 369 -7.71 22.84 -14.66
N ILE A 370 -8.02 23.28 -13.45
CA ILE A 370 -7.20 24.30 -12.79
C ILE A 370 -7.20 24.03 -11.29
N ARG A 371 -6.05 24.31 -10.66
CA ARG A 371 -5.89 24.15 -9.22
C ARG A 371 -6.14 25.49 -8.53
N CYS A 372 -6.91 25.46 -7.44
CA CYS A 372 -7.23 26.65 -6.69
C CYS A 372 -7.31 26.30 -5.21
N LYS A 373 -7.17 27.31 -4.36
CA LYS A 373 -7.30 27.10 -2.93
C LYS A 373 -8.67 26.57 -2.58
N SER A 374 -9.71 27.13 -3.18
CA SER A 374 -11.06 26.62 -3.03
C SER A 374 -11.80 26.87 -4.34
N TYR A 375 -12.90 26.16 -4.53
CA TYR A 375 -13.67 26.23 -5.76
C TYR A 375 -15.00 26.93 -5.60
N HIS A 376 -15.14 27.74 -4.56
CA HIS A 376 -16.27 28.66 -4.48
C HIS A 376 -16.12 29.73 -5.55
N LEU A 377 -17.25 30.32 -5.93
CA LEU A 377 -17.24 31.20 -7.10
C LEU A 377 -16.31 32.40 -6.91
N SER A 378 -16.26 32.93 -5.69
CA SER A 378 -15.39 34.09 -5.44
C SER A 378 -13.93 33.75 -5.66
N GLU A 379 -13.49 32.59 -5.18
CA GLU A 379 -12.09 32.21 -5.37
C GLU A 379 -11.77 32.00 -6.83
N LEU A 380 -12.68 31.37 -7.58
CA LEU A 380 -12.46 31.19 -9.01
C LEU A 380 -12.39 32.53 -9.73
N VAL A 381 -13.25 33.47 -9.35
CA VAL A 381 -13.20 34.80 -9.95
C VAL A 381 -11.85 35.46 -9.65
N HIS A 382 -11.38 35.34 -8.41
CA HIS A 382 -10.11 35.96 -8.05
C HIS A 382 -8.95 35.35 -8.80
N GLN A 383 -8.95 34.03 -8.97
CA GLN A 383 -7.77 33.35 -9.52
C GLN A 383 -7.76 33.30 -11.04
N ILE A 384 -8.92 33.21 -11.69
CA ILE A 384 -8.98 33.07 -13.13
C ILE A 384 -9.20 34.41 -13.83
N LEU A 385 -10.11 35.23 -13.32
CA LEU A 385 -10.40 36.52 -13.92
C LEU A 385 -9.68 37.68 -13.24
N LYS A 386 -8.99 37.44 -12.12
CA LYS A 386 -8.29 38.49 -11.40
C LYS A 386 -9.22 39.66 -11.10
N ALA A 387 -10.40 39.34 -10.58
CA ALA A 387 -11.42 40.33 -10.25
C ALA A 387 -11.91 40.07 -8.83
N GLU A 388 -12.75 40.99 -8.34
CA GLU A 388 -13.32 40.91 -7.01
C GLU A 388 -14.83 40.72 -7.13
N ARG A 389 -15.37 39.78 -6.36
CA ARG A 389 -16.78 39.41 -6.41
C ARG A 389 -17.44 39.81 -5.10
N VAL A 390 -18.57 40.52 -5.21
CA VAL A 390 -19.29 41.03 -4.05
C VAL A 390 -20.38 40.05 -3.68
N VAL A 391 -20.39 39.60 -2.43
CA VAL A 391 -21.37 38.65 -1.92
C VAL A 391 -22.35 39.41 -1.03
N ILE A 392 -23.62 39.44 -1.43
CA ILE A 392 -24.66 40.06 -0.62
C ILE A 392 -25.00 39.11 0.51
N PRO A 393 -24.86 39.49 1.78
CA PRO A 393 -25.14 38.55 2.86
C PRO A 393 -26.60 38.10 2.80
N PRO A 394 -26.89 36.87 3.27
CA PRO A 394 -28.29 36.41 3.23
C PRO A 394 -29.26 37.33 3.94
N GLU A 395 -28.86 37.92 5.07
CA GLU A 395 -29.75 38.82 5.79
C GLU A 395 -29.99 40.11 5.02
N ASN A 396 -29.15 40.42 4.05
CA ASN A 396 -29.31 41.65 3.27
C ASN A 396 -30.19 41.44 2.04
N ILE A 397 -30.31 40.20 1.56
CA ILE A 397 -31.15 39.94 0.40
C ILE A 397 -32.60 40.29 0.69
N ARG A 398 -33.10 39.88 1.84
CA ARG A 398 -34.48 40.20 2.21
C ARG A 398 -34.63 41.64 2.67
N ASN A 399 -33.54 42.30 3.05
CA ASN A 399 -33.57 43.72 3.37
C ASN A 399 -33.47 44.58 2.12
N ALA A 400 -33.14 44.00 0.98
CA ALA A 400 -33.06 44.77 -0.25
C ALA A 400 -34.43 45.17 -0.79
N TYR A 401 -35.50 44.65 -0.20
CA TYR A 401 -36.85 44.98 -0.62
C TYR A 401 -37.39 46.23 0.07
N ASN A 402 -36.52 47.06 0.62
CA ASN A 402 -36.91 48.33 1.21
C ASN A 402 -36.75 49.50 0.24
N ASP A 403 -35.72 49.47 -0.59
CA ASP A 403 -35.46 50.51 -1.58
C ASP A 403 -35.32 49.89 -2.96
N SER A 404 -35.78 50.60 -3.98
CA SER A 404 -35.60 50.11 -5.34
C SER A 404 -34.13 50.05 -5.71
N VAL A 405 -33.32 50.97 -5.18
CA VAL A 405 -31.89 50.96 -5.47
C VAL A 405 -31.26 49.68 -4.96
N HIS A 406 -31.61 49.29 -3.73
CA HIS A 406 -31.05 48.06 -3.17
C HIS A 406 -31.48 46.83 -3.97
N LEU A 407 -32.73 46.79 -4.40
CA LEU A 407 -33.20 45.66 -5.19
C LEU A 407 -32.47 45.59 -6.53
N LEU A 408 -32.29 46.73 -7.17
CA LEU A 408 -31.54 46.77 -8.41
C LEU A 408 -30.10 46.34 -8.19
N TYR A 409 -29.53 46.69 -7.03
CA TYR A 409 -28.17 46.25 -6.74
C TYR A 409 -28.12 44.73 -6.61
N MET A 410 -29.12 44.14 -5.95
CA MET A 410 -29.16 42.68 -5.85
C MET A 410 -29.29 42.03 -7.21
N LEU A 411 -30.17 42.56 -8.05
CA LEU A 411 -30.34 42.00 -9.40
C LEU A 411 -29.06 42.15 -10.21
N GLU A 412 -28.38 43.29 -10.07
CA GLU A 412 -27.12 43.48 -10.77
C GLU A 412 -26.05 42.54 -10.24
N ASN A 413 -26.08 42.22 -8.96
CA ASN A 413 -25.17 41.22 -8.43
C ASN A 413 -25.41 39.86 -9.08
N THR A 414 -26.67 39.48 -9.23
CA THR A 414 -26.99 38.23 -9.92
C THR A 414 -26.51 38.26 -11.36
N TRP A 415 -26.74 39.38 -12.04
CA TRP A 415 -26.28 39.53 -13.43
C TRP A 415 -24.76 39.41 -13.52
N ILE A 416 -24.05 40.04 -12.57
CA ILE A 416 -22.60 39.97 -12.54
C ILE A 416 -22.13 38.56 -12.27
N ASP A 417 -22.84 37.82 -11.42
CA ASP A 417 -22.47 36.44 -11.17
C ASP A 417 -22.61 35.59 -12.42
N ALA A 418 -23.70 35.79 -13.17
CA ALA A 418 -23.85 35.08 -14.43
C ALA A 418 -22.72 35.43 -15.39
N LYS A 419 -22.37 36.71 -15.46
CA LYS A 419 -21.27 37.14 -16.32
C LYS A 419 -19.97 36.48 -15.89
N PHE A 420 -19.71 36.41 -14.58
CA PHE A 420 -18.48 35.78 -14.10
C PHE A 420 -18.45 34.31 -14.47
N ILE A 421 -19.58 33.60 -14.34
CA ILE A 421 -19.60 32.19 -14.70
C ILE A 421 -19.28 32.03 -16.18
N LEU A 422 -19.90 32.83 -17.03
CA LEU A 422 -19.63 32.72 -18.46
C LEU A 422 -18.18 33.05 -18.77
N GLN A 423 -17.62 34.05 -18.10
CA GLN A 423 -16.23 34.42 -18.35
C GLN A 423 -15.27 33.32 -17.92
N ILE A 424 -15.54 32.69 -16.77
CA ILE A 424 -14.67 31.59 -16.34
C ILE A 424 -14.78 30.43 -17.31
N MET A 425 -15.98 30.16 -17.81
CA MET A 425 -16.13 29.09 -18.79
C MET A 425 -15.32 29.39 -20.05
N CYS A 426 -15.41 30.62 -20.54
CA CYS A 426 -14.67 30.97 -21.75
C CYS A 426 -13.17 30.92 -21.51
N GLU A 427 -12.72 31.45 -20.38
CA GLU A 427 -11.28 31.53 -20.11
C GLU A 427 -10.67 30.14 -19.99
N LEU A 428 -11.34 29.24 -19.29
CA LEU A 428 -10.82 27.88 -19.17
C LEU A 428 -11.02 27.05 -20.43
N ASN A 429 -11.79 27.57 -21.40
CA ASN A 429 -12.08 26.83 -22.63
C ASN A 429 -12.69 25.48 -22.31
N VAL A 430 -13.72 25.49 -21.47
CA VAL A 430 -14.30 24.24 -21.00
C VAL A 430 -15.01 23.51 -22.13
N LEU A 431 -15.66 24.24 -23.02
CA LEU A 431 -16.51 23.58 -24.02
C LEU A 431 -15.68 22.97 -25.14
N PRO A 432 -14.71 23.69 -25.72
CA PRO A 432 -13.83 23.03 -26.70
C PRO A 432 -13.09 21.85 -26.12
N LEU A 433 -12.62 21.96 -24.88
CA LEU A 433 -11.92 20.85 -24.26
C LEU A 433 -12.86 19.67 -24.04
N ALA A 434 -14.10 19.93 -23.64
CA ALA A 434 -15.06 18.85 -23.46
C ALA A 434 -15.35 18.18 -24.80
N LEU A 435 -15.48 18.95 -25.86
CA LEU A 435 -15.70 18.36 -27.18
C LEU A 435 -14.53 17.46 -27.57
N GLN A 436 -13.31 17.94 -27.39
CA GLN A 436 -12.15 17.13 -27.77
C GLN A 436 -12.04 15.88 -26.92
N ILE A 437 -12.28 16.00 -25.62
CA ILE A 437 -12.24 14.82 -24.75
C ILE A 437 -13.30 13.81 -25.17
N THR A 438 -14.49 14.29 -25.48
CA THR A 438 -15.56 13.38 -25.91
C THR A 438 -15.20 12.69 -27.22
N ASN A 439 -14.64 13.43 -28.16
CA ASN A 439 -14.25 12.83 -29.43
C ASN A 439 -13.15 11.80 -29.23
N ILE A 440 -12.17 12.09 -28.39
CA ILE A 440 -11.09 11.13 -28.17
C ILE A 440 -11.63 9.89 -27.48
N ALA A 441 -12.40 10.07 -26.41
CA ALA A 441 -12.95 8.93 -25.69
C ALA A 441 -14.08 8.27 -26.46
N GLY A 442 -14.98 9.07 -27.03
CA GLY A 442 -16.10 8.52 -27.78
C GLY A 442 -17.30 8.22 -26.91
N ASN A 443 -17.62 9.15 -26.00
CA ASN A 443 -18.75 9.02 -25.08
C ASN A 443 -19.74 10.14 -25.35
N VAL A 444 -20.73 10.28 -24.48
CA VAL A 444 -21.69 11.36 -24.56
C VAL A 444 -21.11 12.58 -23.86
N MET A 445 -21.30 13.75 -24.47
CA MET A 445 -20.70 14.96 -23.94
C MET A 445 -21.23 15.33 -22.56
N SER A 446 -22.51 15.06 -22.32
CA SER A 446 -23.08 15.38 -21.02
C SER A 446 -22.34 14.65 -19.90
N ARG A 447 -22.00 13.39 -20.14
CA ARG A 447 -21.26 12.64 -19.12
C ARG A 447 -19.83 13.12 -19.02
N THR A 448 -19.26 13.65 -20.11
CA THR A 448 -17.94 14.25 -20.04
C THR A 448 -17.94 15.46 -19.11
N LEU A 449 -18.96 16.30 -19.22
CA LEU A 449 -19.04 17.48 -18.37
C LEU A 449 -19.63 17.21 -16.99
N MET A 450 -20.21 16.03 -16.78
CA MET A 450 -20.68 15.69 -15.44
C MET A 450 -19.52 15.45 -14.48
N GLY A 451 -18.51 14.71 -14.91
CA GLY A 451 -17.40 14.39 -14.05
C GLY A 451 -17.73 13.29 -13.06
N GLY A 452 -16.82 13.13 -12.09
CA GLY A 452 -17.04 12.14 -11.07
C GLY A 452 -16.92 10.74 -11.63
N ARG A 453 -17.91 9.90 -11.31
CA ARG A 453 -17.90 8.50 -11.69
C ARG A 453 -18.55 8.25 -13.04
N SER A 454 -18.92 9.31 -13.76
CA SER A 454 -19.52 9.14 -15.08
C SER A 454 -18.53 8.50 -16.04
N GLU A 455 -19.07 7.72 -16.98
CA GLU A 455 -18.25 6.92 -17.89
C GLU A 455 -17.62 7.84 -18.93
N ARG A 456 -16.31 8.02 -18.87
CA ARG A 456 -15.58 8.78 -19.88
C ARG A 456 -14.55 7.95 -20.63
N ASN A 457 -13.61 7.33 -19.93
CA ASN A 457 -12.55 6.55 -20.55
C ASN A 457 -12.94 5.08 -20.73
N GLU A 458 -13.91 4.62 -19.95
CA GLU A 458 -14.50 3.31 -20.21
C GLU A 458 -14.97 3.21 -21.64
N TYR A 459 -15.41 4.32 -22.23
CA TYR A 459 -15.88 4.28 -23.60
C TYR A 459 -14.72 4.14 -24.58
N LEU A 460 -13.58 4.79 -24.29
CA LEU A 460 -12.40 4.57 -25.10
C LEU A 460 -12.03 3.08 -25.10
N LEU A 461 -11.99 2.47 -23.92
CA LEU A 461 -11.65 1.05 -23.86
C LEU A 461 -12.70 0.19 -24.54
N LEU A 462 -13.97 0.56 -24.40
CA LEU A 462 -15.05 -0.20 -25.03
C LEU A 462 -14.91 -0.17 -26.54
N HIS A 463 -14.67 1.01 -27.10
CA HIS A 463 -14.48 1.09 -28.54
C HIS A 463 -13.29 0.26 -28.98
N ALA A 464 -12.17 0.35 -28.26
CA ALA A 464 -10.98 -0.40 -28.68
C ALA A 464 -11.25 -1.90 -28.65
N PHE A 465 -11.89 -2.38 -27.59
CA PHE A 465 -12.11 -3.82 -27.48
C PHE A 465 -13.15 -4.29 -28.50
N THR A 466 -14.20 -3.50 -28.72
CA THR A 466 -15.18 -3.90 -29.72
C THR A 466 -14.55 -3.93 -31.09
N GLU A 467 -13.64 -2.99 -31.37
CA GLU A 467 -12.94 -2.97 -32.64
C GLU A 467 -11.96 -4.13 -32.75
N ASN A 468 -11.70 -4.84 -31.66
CA ASN A 468 -10.73 -5.93 -31.68
C ASN A 468 -11.38 -7.26 -31.31
N ASN A 469 -12.68 -7.40 -31.59
CA ASN A 469 -13.40 -8.65 -31.40
C ASN A 469 -13.26 -9.13 -29.95
N PHE A 470 -13.81 -8.35 -29.03
CA PHE A 470 -13.80 -8.69 -27.62
C PHE A 470 -15.22 -8.64 -27.07
N ILE A 471 -15.47 -9.43 -26.03
CA ILE A 471 -16.71 -9.39 -25.29
C ILE A 471 -16.45 -8.52 -24.07
N VAL A 472 -16.91 -7.27 -24.13
CA VAL A 472 -16.65 -6.30 -23.07
C VAL A 472 -17.38 -6.74 -21.80
N PRO A 473 -16.87 -6.40 -20.62
CA PRO A 473 -17.55 -6.80 -19.39
C PRO A 473 -18.91 -6.13 -19.24
N ASP A 474 -19.81 -6.82 -18.57
CA ASP A 474 -21.12 -6.24 -18.27
C ASP A 474 -20.97 -5.11 -17.26
N LYS A 475 -21.81 -4.10 -17.38
CA LYS A 475 -21.75 -2.99 -16.47
C LYS A 475 -22.12 -3.45 -15.05
N PRO A 476 -21.38 -3.03 -14.02
CA PRO A 476 -21.73 -3.44 -12.67
C PRO A 476 -23.12 -2.93 -12.28
N VAL A 477 -23.85 -3.75 -11.51
CA VAL A 477 -25.19 -3.39 -11.10
C VAL A 477 -25.38 -3.71 -9.63
N GLY A 510 -0.90 4.49 -2.74
CA GLY A 510 0.19 5.20 -3.36
C GLY A 510 1.24 5.64 -2.35
N LEU A 511 2.49 5.24 -2.58
CA LEU A 511 3.56 5.59 -1.68
C LEU A 511 3.76 7.10 -1.66
N VAL A 512 3.97 7.65 -0.47
CA VAL A 512 4.21 9.08 -0.28
C VAL A 512 5.54 9.24 0.42
N LEU A 513 6.45 9.99 -0.19
CA LEU A 513 7.66 10.43 0.48
C LEU A 513 7.27 11.62 1.35
N GLU A 514 7.16 11.38 2.66
CA GLU A 514 6.52 12.36 3.52
C GLU A 514 7.28 13.69 3.45
N PRO A 515 6.57 14.81 3.59
CA PRO A 515 7.25 16.10 3.46
C PRO A 515 8.37 16.24 4.47
N LYS A 516 9.46 16.85 4.03
CA LYS A 516 10.61 17.14 4.88
C LYS A 516 10.41 18.58 5.37
N VAL A 517 9.67 18.72 6.46
CA VAL A 517 9.25 20.03 6.94
C VAL A 517 10.46 20.89 7.19
N GLY A 518 10.40 22.15 6.75
CA GLY A 518 11.51 23.05 6.99
C GLY A 518 11.46 24.25 6.08
N PHE A 519 12.49 25.07 6.22
CA PHE A 519 12.66 26.29 5.43
C PHE A 519 13.81 26.11 4.46
N TYR A 520 13.61 26.50 3.21
CA TYR A 520 14.59 26.33 2.16
C TYR A 520 14.77 27.66 1.46
N ASP A 521 15.98 28.22 1.56
CA ASP A 521 16.32 29.48 0.93
C ASP A 521 16.92 29.30 -0.45
N LYS A 522 17.00 28.06 -0.94
CA LYS A 522 17.52 27.76 -2.26
C LYS A 522 16.38 27.42 -3.21
N PHE A 523 16.69 27.44 -4.50
CA PHE A 523 15.67 27.17 -5.50
C PHE A 523 15.12 25.75 -5.33
N ILE A 524 13.83 25.60 -5.57
CA ILE A 524 13.13 24.33 -5.42
C ILE A 524 12.49 23.95 -6.73
N LEU A 525 12.67 22.70 -7.14
CA LEU A 525 12.21 22.21 -8.44
C LEU A 525 10.99 21.33 -8.23
N LEU A 526 9.95 21.58 -9.03
CA LEU A 526 8.74 20.77 -9.02
C LEU A 526 8.68 19.99 -10.32
N LEU A 527 8.61 18.66 -10.22
CA LEU A 527 8.52 17.79 -11.37
C LEU A 527 7.16 17.13 -11.37
N ASP A 528 6.47 17.16 -12.50
CA ASP A 528 5.15 16.57 -12.64
C ASP A 528 5.29 15.11 -13.05
N PHE A 529 4.76 14.21 -12.24
CA PHE A 529 4.79 12.78 -12.50
C PHE A 529 3.41 12.23 -12.86
N ASN A 530 2.51 13.08 -13.36
CA ASN A 530 1.16 12.63 -13.65
C ASN A 530 1.15 11.52 -14.70
N SER A 531 2.14 11.50 -15.58
CA SER A 531 2.26 10.48 -16.60
C SER A 531 2.90 9.20 -16.07
N LEU A 532 2.94 9.00 -14.76
CA LEU A 532 3.65 7.86 -14.20
C LEU A 532 2.96 6.54 -14.54
N TYR A 533 1.65 6.46 -14.31
CA TYR A 533 0.95 5.20 -14.42
C TYR A 533 0.75 4.78 -15.88
N PRO A 534 0.34 5.69 -16.76
CA PRO A 534 0.36 5.35 -18.20
C PRO A 534 1.73 4.91 -18.67
N SER A 535 2.78 5.55 -18.18
CA SER A 535 4.13 5.16 -18.58
C SER A 535 4.45 3.75 -18.09
N ILE A 536 4.03 3.42 -16.87
CA ILE A 536 4.25 2.06 -16.36
C ILE A 536 3.49 1.06 -17.20
N ILE A 537 2.26 1.38 -17.56
CA ILE A 537 1.45 0.48 -18.37
C ILE A 537 2.10 0.24 -19.71
N GLN A 538 2.62 1.30 -20.34
CA GLN A 538 3.28 1.11 -21.62
C GLN A 538 4.55 0.28 -21.47
N GLU A 539 5.42 0.68 -20.54
CA GLU A 539 6.76 0.09 -20.48
C GLU A 539 6.71 -1.38 -20.11
N TYR A 540 5.88 -1.75 -19.14
CA TYR A 540 5.83 -3.13 -18.68
C TYR A 540 4.75 -3.95 -19.37
N ASN A 541 4.08 -3.38 -20.38
CA ASN A 541 3.11 -4.11 -21.18
C ASN A 541 2.00 -4.69 -20.31
N ILE A 542 1.59 -3.92 -19.30
CA ILE A 542 0.50 -4.34 -18.45
C ILE A 542 -0.80 -4.22 -19.22
N CYS A 543 -1.56 -5.31 -19.30
CA CYS A 543 -2.79 -5.30 -20.06
C CYS A 543 -3.72 -6.37 -19.52
N PHE A 544 -5.00 -6.25 -19.89
CA PHE A 544 -5.96 -7.29 -19.57
C PHE A 544 -5.61 -8.60 -20.25
N THR A 545 -4.84 -8.55 -21.34
CA THR A 545 -4.53 -9.73 -22.14
C THR A 545 -3.13 -10.28 -21.89
N THR A 546 -2.29 -9.59 -21.12
CA THR A 546 -0.91 -10.01 -20.90
C THR A 546 -0.60 -10.41 -19.47
N VAL A 547 -1.52 -10.22 -18.52
CA VAL A 547 -1.27 -10.50 -17.12
C VAL A 547 -2.21 -11.58 -16.63
N HIS A 548 -1.64 -12.62 -16.01
CA HIS A 548 -2.43 -13.70 -15.43
C HIS A 548 -3.02 -13.29 -14.09
N ARG A 549 -4.26 -13.68 -13.85
CA ARG A 549 -4.96 -13.31 -12.63
C ARG A 549 -5.60 -14.54 -11.98
N GLU A 562 -2.37 -11.22 -3.83
CA GLU A 562 -1.13 -11.47 -4.54
C GLU A 562 -1.04 -10.59 -5.78
N ILE A 563 0.14 -10.02 -6.02
CA ILE A 563 0.37 -9.14 -7.15
C ILE A 563 0.89 -9.99 -8.32
N PRO A 564 0.24 -9.99 -9.48
CA PRO A 564 0.71 -10.84 -10.57
C PRO A 564 2.09 -10.42 -11.06
N GLU A 565 2.83 -11.40 -11.57
CA GLU A 565 4.17 -11.15 -12.10
C GLU A 565 4.09 -10.37 -13.40
N LEU A 566 5.17 -9.66 -13.71
CA LEU A 566 5.20 -8.84 -14.92
C LEU A 566 5.14 -9.73 -16.15
N PRO A 567 4.47 -9.29 -17.22
CA PRO A 567 4.46 -10.08 -18.45
C PRO A 567 5.85 -10.20 -19.05
N HIS A 568 6.09 -11.34 -19.69
CA HIS A 568 7.37 -11.56 -20.34
C HIS A 568 7.56 -10.60 -21.51
N SER A 569 8.81 -10.26 -21.80
CA SER A 569 9.11 -9.34 -22.88
C SER A 569 8.77 -9.93 -24.24
N ASP A 570 8.61 -11.24 -24.33
CA ASP A 570 8.29 -11.87 -25.61
C ASP A 570 6.89 -11.51 -26.08
N LEU A 571 5.98 -11.23 -25.15
CA LEU A 571 4.60 -10.92 -25.50
C LEU A 571 4.50 -9.63 -26.30
N GLU A 572 3.59 -9.62 -27.28
CA GLU A 572 3.35 -8.42 -28.06
C GLU A 572 2.54 -7.43 -27.25
N MET A 573 2.50 -6.18 -27.73
CA MET A 573 1.79 -5.13 -27.01
C MET A 573 0.32 -5.44 -26.89
N GLY A 574 -0.25 -5.18 -25.71
CA GLY A 574 -1.66 -5.38 -25.48
C GLY A 574 -2.50 -4.24 -26.01
N ILE A 575 -3.82 -4.39 -25.84
CA ILE A 575 -4.76 -3.39 -26.36
C ILE A 575 -4.64 -2.10 -25.56
N LEU A 576 -4.67 -2.19 -24.22
CA LEU A 576 -4.61 -0.99 -23.40
C LEU A 576 -3.28 -0.26 -23.57
N PRO A 577 -2.13 -0.93 -23.51
CA PRO A 577 -0.87 -0.22 -23.83
C PRO A 577 -0.89 0.39 -25.21
N ARG A 578 -1.52 -0.28 -26.18
CA ARG A 578 -1.58 0.29 -27.53
C ARG A 578 -2.39 1.58 -27.54
N GLU A 579 -3.51 1.61 -26.81
CA GLU A 579 -4.29 2.84 -26.76
C GLU A 579 -3.52 3.97 -26.08
N ILE A 580 -2.85 3.66 -24.97
CA ILE A 580 -2.08 4.71 -24.29
C ILE A 580 -0.95 5.20 -25.20
N ARG A 581 -0.29 4.29 -25.90
CA ARG A 581 0.76 4.68 -26.83
C ARG A 581 0.21 5.55 -27.94
N LYS A 582 -0.98 5.21 -28.45
CA LYS A 582 -1.59 6.01 -29.51
C LYS A 582 -1.85 7.42 -29.01
N LEU A 583 -2.38 7.55 -27.80
CA LEU A 583 -2.64 8.88 -27.26
C LEU A 583 -1.34 9.68 -27.09
N VAL A 584 -0.32 9.05 -26.53
CA VAL A 584 0.95 9.75 -26.32
C VAL A 584 1.55 10.18 -27.65
N GLU A 585 1.54 9.30 -28.64
CA GLU A 585 2.13 9.63 -29.94
C GLU A 585 1.32 10.72 -30.63
N ARG A 586 0.00 10.70 -30.49
CA ARG A 586 -0.81 11.76 -31.07
C ARG A 586 -0.47 13.10 -30.43
N ARG A 587 -0.32 13.12 -29.11
CA ARG A 587 0.07 14.37 -28.45
C ARG A 587 1.43 14.83 -28.92
N ARG A 588 2.37 13.90 -29.08
CA ARG A 588 3.69 14.27 -29.59
C ARG A 588 3.60 14.88 -30.98
N HIS A 589 2.80 14.28 -31.85
CA HIS A 589 2.65 14.79 -33.21
C HIS A 589 2.02 16.18 -33.20
N VAL A 590 1.01 16.38 -32.37
CA VAL A 590 0.34 17.67 -32.31
C VAL A 590 1.31 18.73 -31.79
N LYS A 591 2.10 18.38 -30.77
CA LYS A 591 3.08 19.31 -30.25
C LYS A 591 4.12 19.66 -31.30
N GLN A 592 4.57 18.67 -32.06
CA GLN A 592 5.54 18.92 -33.12
C GLN A 592 4.97 19.87 -34.16
N LEU A 593 3.70 19.67 -34.54
CA LEU A 593 3.07 20.60 -35.48
C LEU A 593 2.99 21.99 -34.88
N MET A 594 2.72 22.08 -33.58
CA MET A 594 2.66 23.38 -32.93
C MET A 594 4.01 24.07 -32.94
N LYS A 595 5.09 23.30 -32.80
CA LYS A 595 6.43 23.89 -32.81
C LYS A 595 6.74 24.58 -34.12
N GLN A 596 6.01 24.26 -35.19
CA GLN A 596 6.26 24.88 -36.48
C GLN A 596 6.07 26.38 -36.37
N PRO A 597 7.03 27.19 -36.78
CA PRO A 597 6.85 28.64 -36.72
C PRO A 597 6.03 29.16 -37.88
N ASP A 598 5.50 30.37 -37.71
CA ASP A 598 4.64 31.01 -38.71
C ASP A 598 3.40 30.15 -38.98
N LEU A 599 2.60 29.97 -37.93
CA LEU A 599 1.38 29.16 -38.00
C LEU A 599 0.18 30.03 -37.63
N ASN A 600 -0.98 29.66 -38.17
CA ASN A 600 -2.18 30.43 -37.92
C ASN A 600 -2.53 30.38 -36.43
N PRO A 601 -2.82 31.51 -35.80
CA PRO A 601 -3.18 31.48 -34.37
C PRO A 601 -4.42 30.64 -34.07
N ASP A 602 -5.39 30.61 -34.99
CA ASP A 602 -6.58 29.78 -34.76
C ASP A 602 -6.21 28.31 -34.71
N LEU A 603 -5.40 27.86 -35.68
CA LEU A 603 -4.94 26.49 -35.66
C LEU A 603 -4.06 26.22 -34.45
N TYR A 604 -3.30 27.23 -34.01
CA TYR A 604 -2.52 27.06 -32.79
C TYR A 604 -3.40 26.80 -31.59
N LEU A 605 -4.50 27.55 -31.46
CA LEU A 605 -5.43 27.32 -30.37
C LEU A 605 -6.05 25.93 -30.47
N GLN A 606 -6.42 25.52 -31.68
CA GLN A 606 -7.00 24.19 -31.86
C GLN A 606 -6.03 23.12 -31.42
N TYR A 607 -4.77 23.24 -31.83
CA TYR A 607 -3.78 22.22 -31.47
C TYR A 607 -3.50 22.23 -29.98
N ASP A 608 -3.50 23.41 -29.35
CA ASP A 608 -3.29 23.47 -27.91
C ASP A 608 -4.42 22.75 -27.18
N ILE A 609 -5.66 23.00 -27.59
CA ILE A 609 -6.79 22.33 -26.95
C ILE A 609 -6.70 20.83 -27.16
N ARG A 610 -6.35 20.39 -28.37
CA ARG A 610 -6.25 18.97 -28.64
C ARG A 610 -5.17 18.33 -27.78
N GLN A 611 -4.02 19.00 -27.64
CA GLN A 611 -2.94 18.47 -26.83
C GLN A 611 -3.36 18.36 -25.37
N LYS A 612 -4.06 19.38 -24.86
CA LYS A 612 -4.56 19.30 -23.48
C LYS A 612 -5.49 18.13 -23.30
N ALA A 613 -6.41 17.93 -24.26
CA ALA A 613 -7.34 16.82 -24.15
C ALA A 613 -6.61 15.48 -24.16
N LEU A 614 -5.62 15.34 -25.04
CA LEU A 614 -4.85 14.10 -25.10
C LEU A 614 -4.14 13.84 -23.78
N LYS A 615 -3.52 14.87 -23.21
CA LYS A 615 -2.85 14.69 -21.93
C LYS A 615 -3.82 14.28 -20.84
N LEU A 616 -4.99 14.92 -20.80
CA LEU A 616 -5.98 14.58 -19.77
C LEU A 616 -6.42 13.13 -19.91
N THR A 617 -6.70 12.70 -21.13
CA THR A 617 -7.14 11.32 -21.33
C THR A 617 -6.05 10.33 -20.92
N ALA A 618 -4.81 10.60 -21.34
CA ALA A 618 -3.74 9.68 -21.01
C ALA A 618 -3.55 9.59 -19.50
N ASN A 619 -3.63 10.71 -18.80
CA ASN A 619 -3.42 10.69 -17.35
C ASN A 619 -4.60 10.03 -16.63
N SER A 620 -5.81 10.16 -17.18
CA SER A 620 -6.99 9.56 -16.54
C SER A 620 -7.18 8.09 -16.87
N MET A 621 -6.42 7.56 -17.84
CA MET A 621 -6.60 6.16 -18.22
C MET A 621 -6.58 5.21 -17.04
N TYR A 622 -5.70 5.44 -16.06
CA TYR A 622 -5.52 4.46 -14.99
C TYR A 622 -6.80 4.21 -14.22
N GLY A 623 -7.68 5.21 -14.13
CA GLY A 623 -8.88 5.04 -13.33
C GLY A 623 -9.73 3.86 -13.78
N CYS A 624 -9.62 3.48 -15.05
CA CYS A 624 -10.38 2.34 -15.55
C CYS A 624 -9.98 1.06 -14.83
N LEU A 625 -8.69 0.89 -14.54
CA LEU A 625 -8.20 -0.29 -13.86
C LEU A 625 -8.22 -0.14 -12.34
N GLY A 626 -7.99 1.06 -11.83
CA GLY A 626 -7.77 1.24 -10.41
C GLY A 626 -9.04 1.31 -9.58
N PHE A 627 -10.02 2.08 -10.05
CA PHE A 627 -11.22 2.32 -9.27
C PHE A 627 -12.11 1.08 -9.21
N SER A 628 -12.58 0.76 -8.00
CA SER A 628 -13.41 -0.42 -7.82
C SER A 628 -14.71 -0.31 -8.60
N TYR A 629 -15.29 0.89 -8.65
CA TYR A 629 -16.53 1.08 -9.41
C TYR A 629 -16.31 1.02 -10.91
N SER A 630 -15.06 0.95 -11.36
CA SER A 630 -14.78 0.96 -12.78
C SER A 630 -15.38 -0.27 -13.46
N ARG A 631 -15.85 -0.07 -14.69
CA ARG A 631 -16.34 -1.19 -15.49
C ARG A 631 -15.27 -2.24 -15.70
N PHE A 632 -14.00 -1.80 -15.73
CA PHE A 632 -12.87 -2.67 -16.05
C PHE A 632 -12.03 -2.97 -14.82
N TYR A 633 -12.59 -2.87 -13.63
CA TYR A 633 -11.81 -3.03 -12.41
C TYR A 633 -11.07 -4.35 -12.42
N ALA A 634 -9.76 -4.28 -12.21
CA ALA A 634 -8.91 -5.47 -12.15
C ALA A 634 -7.96 -5.25 -10.98
N LYS A 635 -8.32 -5.76 -9.83
CA LYS A 635 -7.48 -5.60 -8.64
C LYS A 635 -6.05 -6.06 -8.89
N PRO A 636 -5.79 -7.22 -9.50
CA PRO A 636 -4.40 -7.58 -9.77
C PRO A 636 -3.63 -6.56 -10.59
N LEU A 637 -4.25 -6.06 -11.66
CA LEU A 637 -3.55 -5.11 -12.53
C LEU A 637 -3.26 -3.81 -11.79
N ALA A 638 -4.24 -3.29 -11.05
CA ALA A 638 -4.03 -2.07 -10.29
C ALA A 638 -2.94 -2.26 -9.24
N ALA A 639 -2.94 -3.41 -8.57
CA ALA A 639 -1.91 -3.67 -7.57
C ALA A 639 -0.54 -3.70 -8.21
N LEU A 640 -0.41 -4.35 -9.37
CA LEU A 640 0.87 -4.40 -10.05
C LEU A 640 1.34 -3.01 -10.46
N VAL A 641 0.42 -2.21 -11.00
CA VAL A 641 0.79 -0.86 -11.42
C VAL A 641 1.24 -0.03 -10.22
N THR A 642 0.51 -0.14 -9.11
CA THR A 642 0.88 0.61 -7.91
C THR A 642 2.24 0.18 -7.39
N HIS A 643 2.52 -1.13 -7.42
CA HIS A 643 3.81 -1.63 -6.95
C HIS A 643 4.93 -1.09 -7.82
N GLN A 644 4.73 -1.09 -9.14
CA GLN A 644 5.76 -0.54 -10.02
C GLN A 644 5.94 0.95 -9.80
N GLY A 645 4.85 1.68 -9.53
CA GLY A 645 4.98 3.09 -9.23
C GLY A 645 5.80 3.33 -7.97
N ARG A 646 5.58 2.50 -6.94
CA ARG A 646 6.38 2.60 -5.73
C ARG A 646 7.86 2.40 -6.05
N GLU A 647 8.16 1.38 -6.85
CA GLU A 647 9.55 1.12 -7.21
C GLU A 647 10.16 2.31 -7.93
N ILE A 648 9.42 2.88 -8.89
CA ILE A 648 9.94 4.02 -9.63
C ILE A 648 10.20 5.18 -8.70
N LEU A 649 9.28 5.44 -7.77
CA LEU A 649 9.45 6.57 -6.87
C LEU A 649 10.69 6.39 -5.99
N LEU A 650 10.88 5.21 -5.43
CA LEU A 650 12.04 4.99 -4.58
C LEU A 650 13.33 5.09 -5.37
N HIS A 651 13.36 4.54 -6.59
CA HIS A 651 14.55 4.64 -7.42
C HIS A 651 14.85 6.08 -7.77
N THR A 652 13.82 6.87 -8.05
CA THR A 652 14.03 8.28 -8.34
C THR A 652 14.61 9.01 -7.13
N LYS A 653 14.10 8.69 -5.94
CA LYS A 653 14.67 9.28 -4.74
C LYS A 653 16.15 8.94 -4.62
N GLU A 654 16.50 7.67 -4.85
CA GLU A 654 17.90 7.28 -4.76
C GLU A 654 18.75 8.02 -5.78
N MET A 655 18.26 8.15 -7.01
CA MET A 655 19.02 8.87 -8.03
C MET A 655 19.25 10.32 -7.62
N VAL A 656 18.18 11.01 -7.22
CA VAL A 656 18.31 12.42 -6.86
C VAL A 656 19.25 12.59 -5.68
N GLN A 657 19.19 11.68 -4.71
CA GLN A 657 20.13 11.73 -3.59
C GLN A 657 21.56 11.56 -4.05
N LYS A 658 21.80 10.61 -4.97
CA LYS A 658 23.16 10.42 -5.46
C LYS A 658 23.70 11.66 -6.15
N MET A 659 22.83 12.50 -6.71
CA MET A 659 23.24 13.75 -7.33
C MET A 659 23.46 14.88 -6.34
N ASN A 660 23.57 14.58 -5.05
CA ASN A 660 23.78 15.55 -3.97
C ASN A 660 22.61 16.51 -3.79
N LEU A 661 21.45 16.21 -4.36
CA LEU A 661 20.25 17.00 -4.17
C LEU A 661 19.32 16.29 -3.18
N GLU A 662 18.25 16.98 -2.79
CA GLU A 662 17.32 16.48 -1.79
C GLU A 662 15.92 16.47 -2.35
N VAL A 663 15.24 15.32 -2.22
CA VAL A 663 13.83 15.20 -2.56
C VAL A 663 13.06 15.54 -1.29
N ILE A 664 12.51 16.76 -1.23
CA ILE A 664 11.80 17.20 -0.04
C ILE A 664 10.33 16.83 -0.07
N TYR A 665 9.80 16.34 -1.19
CA TYR A 665 8.49 15.72 -1.17
C TYR A 665 8.34 14.81 -2.38
N GLY A 666 7.50 13.79 -2.22
CA GLY A 666 7.25 12.87 -3.30
C GLY A 666 5.92 12.17 -3.22
N ASP A 667 5.18 12.21 -4.32
CA ASP A 667 3.90 11.53 -4.44
C ASP A 667 3.76 11.08 -5.89
N THR A 668 2.86 10.11 -6.10
CA THR A 668 2.67 9.58 -7.44
C THR A 668 2.42 10.67 -8.47
N ASP A 669 2.01 11.86 -8.04
CA ASP A 669 1.70 12.94 -8.96
C ASP A 669 2.83 13.97 -9.10
N SER A 670 3.74 14.06 -8.15
CA SER A 670 4.74 15.13 -8.22
C SER A 670 5.96 14.78 -7.39
N ILE A 671 7.05 15.49 -7.66
CA ILE A 671 8.27 15.40 -6.87
C ILE A 671 8.79 16.81 -6.62
N MET A 672 9.08 17.12 -5.37
CA MET A 672 9.61 18.40 -4.96
C MET A 672 11.05 18.20 -4.50
N ILE A 673 11.98 18.82 -5.21
CA ILE A 673 13.42 18.59 -5.07
C ILE A 673 14.08 19.90 -4.63
N ASN A 674 15.07 19.78 -3.75
CA ASN A 674 15.87 20.92 -3.31
C ASN A 674 17.13 20.99 -4.18
N THR A 675 17.16 21.96 -5.08
CA THR A 675 18.28 22.07 -6.00
C THR A 675 19.57 22.47 -5.30
N ASN A 676 19.46 23.30 -4.26
CA ASN A 676 20.63 23.77 -3.51
C ASN A 676 21.46 24.75 -4.34
N CYS A 677 20.81 25.49 -5.23
CA CYS A 677 21.49 26.43 -6.12
C CYS A 677 20.86 27.81 -5.99
N ASN A 678 21.69 28.83 -6.18
CA ASN A 678 21.25 30.22 -6.15
C ASN A 678 21.08 30.83 -7.54
N ASN A 679 21.34 30.09 -8.60
CA ASN A 679 21.22 30.57 -9.97
C ASN A 679 20.11 29.82 -10.69
N LEU A 680 19.29 30.56 -11.44
CA LEU A 680 18.19 29.93 -12.14
C LEU A 680 18.70 29.09 -13.32
N GLU A 681 19.77 29.53 -13.97
CA GLU A 681 20.31 28.75 -15.08
C GLU A 681 20.79 27.39 -14.61
N GLU A 682 21.50 27.35 -13.49
CA GLU A 682 21.91 26.07 -12.92
C GLU A 682 20.71 25.24 -12.50
N VAL A 683 19.62 25.89 -12.08
CA VAL A 683 18.41 25.17 -11.72
C VAL A 683 17.85 24.45 -12.94
N PHE A 684 17.78 25.16 -14.07
CA PHE A 684 17.28 24.54 -15.28
C PHE A 684 18.19 23.42 -15.73
N LYS A 685 19.51 23.61 -15.61
CA LYS A 685 20.45 22.55 -15.96
C LYS A 685 20.23 21.32 -15.09
N LEU A 686 20.05 21.51 -13.79
CA LEU A 686 19.83 20.38 -12.90
C LEU A 686 18.51 19.69 -13.21
N GLY A 687 17.48 20.45 -13.57
CA GLY A 687 16.23 19.83 -13.96
C GLY A 687 16.39 18.96 -15.19
N ASN A 688 17.10 19.47 -16.20
CA ASN A 688 17.36 18.66 -17.38
C ASN A 688 18.14 17.41 -17.03
N ARG A 689 19.14 17.54 -16.16
CA ARG A 689 19.94 16.39 -15.79
C ARG A 689 19.10 15.35 -15.05
N VAL A 690 18.22 15.79 -14.16
CA VAL A 690 17.36 14.86 -13.44
C VAL A 690 16.42 14.16 -14.40
N LYS A 691 15.86 14.90 -15.36
CA LYS A 691 15.00 14.27 -16.36
C LYS A 691 15.77 13.22 -17.14
N SER A 692 17.00 13.52 -17.53
CA SER A 692 17.79 12.55 -18.28
C SER A 692 18.07 11.31 -17.44
N GLU A 693 18.44 11.50 -16.18
CA GLU A 693 18.76 10.36 -15.32
C GLU A 693 17.53 9.48 -15.11
N ILE A 694 16.35 10.08 -14.96
CA ILE A 694 15.14 9.29 -14.81
C ILE A 694 14.83 8.55 -16.12
N ASN A 695 14.87 9.27 -17.24
CA ASN A 695 14.52 8.66 -18.51
C ASN A 695 15.46 7.51 -18.86
N LYS A 696 16.71 7.56 -18.40
CA LYS A 696 17.63 6.49 -18.72
C LYS A 696 17.13 5.15 -18.19
N SER A 697 16.64 5.14 -16.95
CA SER A 697 16.14 3.90 -16.38
C SER A 697 14.70 3.60 -16.76
N TYR A 698 13.97 4.59 -17.29
CA TYR A 698 12.57 4.42 -17.65
C TYR A 698 12.31 5.28 -18.88
N LYS A 699 12.41 4.68 -20.07
CA LYS A 699 12.40 5.44 -21.31
C LYS A 699 11.07 6.16 -21.51
N LEU A 700 9.95 5.50 -21.22
CA LEU A 700 8.64 6.05 -21.52
C LEU A 700 8.13 6.99 -20.45
N LEU A 701 8.88 7.19 -19.37
CA LEU A 701 8.48 8.10 -18.30
C LEU A 701 8.97 9.49 -18.68
N GLU A 702 8.06 10.32 -19.18
CA GLU A 702 8.38 11.67 -19.60
C GLU A 702 7.95 12.64 -18.51
N ILE A 703 8.89 13.46 -18.05
CA ILE A 703 8.67 14.36 -16.93
C ILE A 703 8.76 15.79 -17.42
N ASP A 704 8.10 16.70 -16.71
CA ASP A 704 8.15 18.11 -17.03
C ASP A 704 8.31 18.90 -15.74
N ILE A 705 8.86 20.10 -15.86
CA ILE A 705 9.00 21.00 -14.72
C ILE A 705 7.71 21.80 -14.60
N ASP A 706 7.06 21.68 -13.44
CA ASP A 706 5.78 22.33 -13.20
C ASP A 706 5.93 23.69 -12.53
N GLY A 707 7.07 23.97 -11.92
CA GLY A 707 7.27 25.26 -11.29
C GLY A 707 8.61 25.31 -10.60
N ILE A 708 8.95 26.50 -10.13
CA ILE A 708 10.18 26.76 -9.39
C ILE A 708 9.86 27.71 -8.25
N PHE A 709 10.41 27.42 -7.07
CA PHE A 709 10.28 28.30 -5.91
C PHE A 709 11.65 28.81 -5.52
N LYS A 710 11.77 30.12 -5.32
CA LYS A 710 13.02 30.67 -4.82
C LYS A 710 13.20 30.36 -3.34
N SER A 711 12.14 30.51 -2.56
CA SER A 711 12.14 30.19 -1.14
C SER A 711 10.90 29.36 -0.84
N LEU A 712 11.01 28.46 0.14
CA LEU A 712 9.88 27.61 0.47
C LEU A 712 9.92 27.25 1.96
N LEU A 713 8.91 27.69 2.70
CA LEU A 713 8.64 27.18 4.03
C LEU A 713 7.56 26.12 3.87
N LEU A 714 7.90 24.86 4.15
CA LEU A 714 7.04 23.72 3.90
C LEU A 714 6.68 23.07 5.23
N LEU A 715 5.37 22.97 5.52
CA LEU A 715 4.88 22.20 6.64
C LEU A 715 4.15 20.94 6.21
N LYS A 716 3.60 20.93 5.00
CA LYS A 716 2.80 19.85 4.46
C LYS A 716 2.54 20.19 3.00
N LYS A 717 2.42 19.16 2.17
CA LYS A 717 1.90 19.41 0.83
C LYS A 717 0.51 20.00 0.98
N LYS A 718 0.27 21.12 0.31
CA LYS A 718 -0.90 21.98 0.49
C LYS A 718 -0.77 22.85 1.72
N LYS A 719 0.39 22.88 2.39
CA LYS A 719 0.64 23.79 3.51
C LYS A 719 2.07 24.33 3.37
N TYR A 720 2.18 25.50 2.76
CA TYR A 720 3.49 26.10 2.56
C TYR A 720 3.36 27.56 2.19
N ALA A 721 4.48 28.27 2.30
CA ALA A 721 4.66 29.60 1.76
C ALA A 721 5.86 29.58 0.82
N ALA A 722 5.75 30.25 -0.31
CA ALA A 722 6.80 30.15 -1.31
C ALA A 722 6.85 31.41 -2.15
N LEU A 723 7.96 31.56 -2.88
CA LEU A 723 8.15 32.62 -3.86
C LEU A 723 8.17 31.94 -5.23
N THR A 724 7.00 31.84 -5.84
CA THR A 724 6.90 31.25 -7.18
C THR A 724 7.71 32.07 -8.16
N VAL A 725 8.44 31.38 -9.02
CA VAL A 725 9.33 31.99 -10.00
C VAL A 725 8.72 31.83 -11.38
N GLU A 726 8.43 32.96 -12.03
CA GLU A 726 8.02 32.96 -13.43
C GLU A 726 9.19 33.49 -14.25
N PRO A 727 9.84 32.68 -15.08
CA PRO A 727 10.99 33.18 -15.84
C PRO A 727 10.54 33.99 -17.04
N THR A 728 11.09 35.19 -17.16
CA THR A 728 10.77 36.09 -18.26
C THR A 728 11.70 35.94 -19.45
N GLY A 729 12.66 35.03 -19.39
CA GLY A 729 13.59 34.84 -20.48
C GLY A 729 14.88 35.60 -20.28
N ASP A 730 15.98 35.02 -20.76
CA ASP A 730 17.30 35.65 -20.70
C ASP A 730 17.87 35.65 -19.29
N GLY A 731 17.51 34.67 -18.47
CA GLY A 731 18.07 34.54 -17.15
C GLY A 731 17.45 35.42 -16.09
N LYS A 732 16.43 36.20 -16.42
CA LYS A 732 15.76 37.08 -15.48
C LYS A 732 14.35 36.57 -15.23
N TYR A 733 13.90 36.66 -13.98
CA TYR A 733 12.63 36.08 -13.57
C TYR A 733 11.92 37.05 -12.64
N VAL A 734 10.64 36.76 -12.38
CA VAL A 734 9.83 37.53 -11.44
C VAL A 734 9.31 36.59 -10.36
N THR A 735 9.38 37.05 -9.11
CA THR A 735 8.92 36.28 -7.96
C THR A 735 7.57 36.78 -7.49
N LYS A 736 6.69 35.85 -7.14
CA LYS A 736 5.36 36.15 -6.62
C LYS A 736 5.09 35.31 -5.39
N GLN A 737 4.60 35.94 -4.33
CA GLN A 737 4.30 35.20 -3.11
C GLN A 737 3.13 34.24 -3.33
N GLU A 738 3.23 33.06 -2.75
CA GLU A 738 2.21 32.02 -2.87
C GLU A 738 2.07 31.34 -1.52
N LEU A 739 0.94 31.57 -0.85
CA LEU A 739 0.64 30.94 0.43
C LEU A 739 -0.48 29.94 0.21
N LYS A 740 -0.22 28.66 0.51
CA LYS A 740 -1.22 27.62 0.41
C LYS A 740 -1.46 27.03 1.79
N GLY A 741 -2.72 26.99 2.21
CA GLY A 741 -3.08 26.33 3.45
C GLY A 741 -2.63 27.02 4.71
N LEU A 742 -2.37 28.33 4.66
CA LEU A 742 -1.95 29.07 5.84
C LEU A 742 -3.06 29.91 6.44
N ASP A 743 -4.27 29.84 5.89
CA ASP A 743 -5.39 30.58 6.46
C ASP A 743 -5.79 29.96 7.79
N ILE A 744 -6.20 30.79 8.73
CA ILE A 744 -6.58 30.35 10.07
C ILE A 744 -8.10 30.25 10.11
N VAL A 745 -8.59 29.04 10.38
CA VAL A 745 -10.04 28.83 10.43
C VAL A 745 -10.66 29.62 11.56
N ARG A 746 -10.03 29.60 12.73
CA ARG A 746 -10.52 30.39 13.85
C ARG A 746 -10.34 31.87 13.56
N ARG A 747 -11.38 32.66 13.81
CA ARG A 747 -11.33 34.10 13.56
C ARG A 747 -11.25 34.91 14.84
N ASP A 748 -11.14 34.27 16.00
CA ASP A 748 -11.04 35.00 17.28
C ASP A 748 -9.57 35.20 17.63
N TRP A 749 -8.92 36.04 16.83
CA TRP A 749 -7.52 36.37 17.01
C TRP A 749 -7.35 37.87 17.08
N CYS A 750 -6.62 38.33 18.09
CA CYS A 750 -6.36 39.74 18.24
C CYS A 750 -5.49 40.25 17.10
N GLU A 751 -5.63 41.55 16.80
CA GLU A 751 -4.86 42.13 15.70
C GLU A 751 -3.37 42.00 15.95
N LEU A 752 -2.97 41.93 17.22
CA LEU A 752 -1.55 41.76 17.53
C LEU A 752 -1.01 40.48 16.91
N ALA A 753 -1.70 39.37 17.13
CA ALA A 753 -1.25 38.09 16.58
C ALA A 753 -1.29 38.10 15.06
N LYS A 754 -2.33 38.67 14.47
CA LYS A 754 -2.44 38.71 13.02
C LYS A 754 -1.28 39.50 12.41
N GLN A 755 -0.97 40.67 12.98
CA GLN A 755 0.14 41.45 12.47
C GLN A 755 1.47 40.74 12.67
N ALA A 756 1.64 40.06 13.82
CA ALA A 756 2.88 39.32 14.06
C ALA A 756 3.05 38.22 13.02
N GLY A 757 1.98 37.48 12.74
CA GLY A 757 2.06 36.43 11.74
C GLY A 757 2.34 36.98 10.36
N ASN A 758 1.71 38.10 10.01
CA ASN A 758 1.96 38.72 8.72
C ASN A 758 3.43 39.12 8.59
N TYR A 759 4.00 39.70 9.65
CA TYR A 759 5.40 40.09 9.59
C TYR A 759 6.31 38.88 9.48
N VAL A 760 6.00 37.81 10.20
CA VAL A 760 6.83 36.61 10.11
C VAL A 760 6.80 36.04 8.69
N ILE A 761 5.62 36.00 8.08
CA ILE A 761 5.52 35.49 6.72
C ILE A 761 6.24 36.42 5.75
N SER A 762 6.16 37.73 5.98
CA SER A 762 6.88 38.67 5.11
C SER A 762 8.38 38.46 5.21
N GLN A 763 8.89 38.23 6.41
CA GLN A 763 10.32 37.97 6.57
C GLN A 763 10.72 36.66 5.91
N ILE A 764 9.91 35.61 6.05
CA ILE A 764 10.26 34.34 5.45
C ILE A 764 10.25 34.42 3.93
N LEU A 765 9.26 35.13 3.37
CA LEU A 765 9.13 35.24 1.92
C LEU A 765 9.95 36.38 1.34
N SER A 766 10.95 36.86 2.07
CA SER A 766 11.94 37.77 1.51
C SER A 766 13.10 36.96 0.96
N ASP A 767 13.82 37.53 0.00
CA ASP A 767 14.93 36.83 -0.64
C ASP A 767 16.19 36.81 0.21
N GLN A 768 16.11 37.17 1.48
CA GLN A 768 17.30 37.23 2.32
C GLN A 768 17.74 35.83 2.74
N PRO A 769 18.98 35.68 3.20
CA PRO A 769 19.42 34.39 3.74
C PRO A 769 18.70 34.01 5.03
N ARG A 770 18.98 32.80 5.51
CA ARG A 770 18.32 32.31 6.72
C ARG A 770 18.69 33.14 7.95
N ASP A 771 19.97 33.49 8.08
CA ASP A 771 20.41 34.17 9.29
C ASP A 771 19.76 35.54 9.41
N SER A 772 19.68 36.28 8.30
CA SER A 772 19.04 37.59 8.34
C SER A 772 17.57 37.46 8.71
N ILE A 773 16.89 36.45 8.16
CA ILE A 773 15.48 36.24 8.47
C ILE A 773 15.31 35.98 9.96
N VAL A 774 16.14 35.11 10.52
CA VAL A 774 16.01 34.78 11.93
C VAL A 774 16.30 35.99 12.80
N GLU A 775 17.31 36.78 12.43
CA GLU A 775 17.63 37.97 13.20
C GLU A 775 16.47 38.97 13.19
N ASN A 776 15.88 39.19 12.02
CA ASN A 776 14.74 40.11 11.94
C ASN A 776 13.56 39.59 12.76
N ILE A 777 13.30 38.29 12.69
CA ILE A 777 12.19 37.72 13.46
C ILE A 777 12.43 37.91 14.95
N GLN A 778 13.66 37.65 15.40
CA GLN A 778 13.98 37.85 16.81
C GLN A 778 13.79 39.31 17.20
N LYS A 779 14.26 40.22 16.35
CA LYS A 779 14.09 41.64 16.63
C LYS A 779 12.62 41.99 16.84
N LYS A 780 11.78 41.57 15.89
CA LYS A 780 10.36 41.93 15.97
C LYS A 780 9.68 41.28 17.17
N LEU A 781 10.00 40.03 17.47
CA LEU A 781 9.35 39.37 18.59
C LEU A 781 9.75 40.02 19.92
N THR A 782 11.03 40.33 20.09
CA THR A 782 11.44 41.03 21.31
C THR A 782 10.78 42.40 21.40
N GLU A 783 10.68 43.11 20.27
CA GLU A 783 10.02 44.40 20.27
C GLU A 783 8.57 44.29 20.68
N ILE A 784 7.85 43.31 20.15
CA ILE A 784 6.44 43.14 20.48
C ILE A 784 6.27 42.79 21.95
N GLY A 785 7.12 41.89 22.46
CA GLY A 785 7.04 41.55 23.86
C GLY A 785 7.27 42.75 24.77
N GLU A 786 8.30 43.54 24.45
CA GLU A 786 8.58 44.73 25.24
C GLU A 786 7.45 45.74 25.16
N ASN A 787 6.87 45.92 23.97
CA ASN A 787 5.76 46.85 23.83
C ASN A 787 4.57 46.41 24.67
N VAL A 788 4.26 45.11 24.64
CA VAL A 788 3.13 44.60 25.41
C VAL A 788 3.39 44.79 26.90
N THR A 789 4.61 44.47 27.36
CA THR A 789 4.90 44.57 28.78
C THR A 789 5.03 46.01 29.25
N ASN A 790 5.29 46.94 28.33
CA ASN A 790 5.38 48.36 28.66
C ASN A 790 4.05 49.08 28.52
N GLY A 791 3.01 48.38 28.07
CA GLY A 791 1.71 49.00 27.91
C GLY A 791 1.67 50.08 26.85
N THR A 792 2.45 49.92 25.79
CA THR A 792 2.44 50.84 24.67
C THR A 792 1.56 50.35 23.52
N VAL A 793 0.90 49.21 23.69
CA VAL A 793 0.09 48.62 22.63
C VAL A 793 -1.30 49.23 22.68
N PRO A 794 -1.83 49.74 21.57
CA PRO A 794 -3.21 50.24 21.58
C PRO A 794 -4.19 49.17 22.02
N ILE A 795 -5.17 49.58 22.83
CA ILE A 795 -6.08 48.61 23.41
C ILE A 795 -6.94 47.96 22.35
N THR A 796 -7.24 48.67 21.26
CA THR A 796 -8.04 48.08 20.20
C THR A 796 -7.39 46.84 19.62
N GLN A 797 -6.07 46.72 19.73
CA GLN A 797 -5.37 45.57 19.20
C GLN A 797 -5.42 44.37 20.11
N TYR A 798 -5.90 44.52 21.34
CA TYR A 798 -6.12 43.40 22.25
C TYR A 798 -7.50 42.78 22.11
N GLU A 799 -8.39 43.39 21.33
CA GLU A 799 -9.77 42.92 21.24
C GLU A 799 -9.84 41.62 20.46
N ILE A 800 -10.65 40.68 20.96
CA ILE A 800 -10.89 39.40 20.31
C ILE A 800 -12.38 39.32 20.00
N ASN A 801 -12.71 39.08 18.73
CA ASN A 801 -14.09 38.98 18.27
C ASN A 801 -14.39 37.53 17.92
N LYS A 802 -15.50 37.01 18.46
CA LYS A 802 -15.90 35.63 18.18
C LYS A 802 -17.40 35.60 17.93
N ALA A 803 -17.80 34.83 16.93
CA ALA A 803 -19.21 34.74 16.56
C ALA A 803 -19.95 33.77 17.46
N LEU A 804 -21.17 34.11 17.81
CA LEU A 804 -22.03 33.27 18.65
C LEU A 804 -22.92 32.45 17.73
N THR A 805 -22.67 31.14 17.67
CA THR A 805 -23.42 30.24 16.81
C THR A 805 -24.63 29.63 17.49
N LYS A 806 -24.90 30.00 18.74
CA LYS A 806 -26.02 29.47 19.49
C LYS A 806 -26.42 30.50 20.54
N ASP A 807 -27.49 30.20 21.26
CA ASP A 807 -27.76 30.94 22.48
C ASP A 807 -26.69 30.61 23.51
N PRO A 808 -26.16 31.61 24.22
CA PRO A 808 -25.01 31.33 25.10
C PRO A 808 -25.27 30.24 26.12
N GLN A 809 -26.50 30.13 26.63
CA GLN A 809 -26.82 29.10 27.60
C GLN A 809 -26.83 27.70 27.01
N ASP A 810 -26.81 27.57 25.68
CA ASP A 810 -26.93 26.27 25.02
C ASP A 810 -25.59 25.65 24.67
N TYR A 811 -24.49 26.27 25.06
CA TYR A 811 -23.17 25.70 24.79
C TYR A 811 -22.84 24.66 25.86
N PRO A 812 -22.62 23.40 25.50
CA PRO A 812 -22.24 22.41 26.53
C PRO A 812 -20.95 22.76 27.23
N ASP A 813 -20.01 23.40 26.54
CA ASP A 813 -18.71 23.76 27.10
C ASP A 813 -18.65 25.23 27.46
N LYS A 814 -19.75 25.80 27.96
CA LYS A 814 -19.79 27.23 28.22
C LYS A 814 -18.73 27.65 29.23
N LYS A 815 -18.37 26.76 30.16
CA LYS A 815 -17.40 27.14 31.19
C LYS A 815 -16.04 27.44 30.60
N SER A 816 -15.62 26.67 29.59
CA SER A 816 -14.30 26.82 29.00
C SER A 816 -14.28 27.84 27.87
N LEU A 817 -15.41 28.45 27.54
CA LEU A 817 -15.50 29.35 26.40
C LEU A 817 -15.60 30.79 26.90
N PRO A 818 -14.67 31.68 26.55
CA PRO A 818 -14.71 33.04 27.11
C PRO A 818 -15.79 33.91 26.47
N HIS A 819 -16.00 33.77 25.16
CA HIS A 819 -17.02 34.55 24.51
C HIS A 819 -18.41 34.19 25.02
N VAL A 820 -18.62 32.93 25.40
CA VAL A 820 -19.89 32.56 26.01
C VAL A 820 -20.02 33.21 27.38
N HIS A 821 -18.93 33.28 28.13
CA HIS A 821 -18.94 33.98 29.42
C HIS A 821 -19.36 35.44 29.23
N VAL A 822 -18.77 36.11 28.24
CA VAL A 822 -19.10 37.51 28.02
C VAL A 822 -20.54 37.67 27.55
N ALA A 823 -21.01 36.74 26.72
CA ALA A 823 -22.39 36.82 26.27
C ALA A 823 -23.36 36.63 27.43
N LEU A 824 -23.07 35.69 28.32
CA LEU A 824 -23.92 35.51 29.51
C LEU A 824 -23.91 36.77 30.36
N TRP A 825 -22.76 37.39 30.54
CA TRP A 825 -22.71 38.64 31.30
C TRP A 825 -23.55 39.73 30.62
N ILE A 826 -23.42 39.85 29.30
CA ILE A 826 -24.17 40.88 28.57
C ILE A 826 -25.66 40.67 28.76
N ASN A 827 -26.11 39.42 28.63
CA ASN A 827 -27.53 39.14 28.83
C ASN A 827 -27.95 39.43 30.26
N SER A 828 -27.08 39.14 31.23
CA SER A 828 -27.41 39.41 32.63
C SER A 828 -27.54 40.90 32.90
N GLN A 829 -26.78 41.74 32.18
CA GLN A 829 -26.83 43.17 32.45
C GLN A 829 -28.22 43.74 32.24
N GLY A 830 -28.89 43.34 31.16
CA GLY A 830 -30.24 43.78 30.88
C GLY A 830 -30.39 44.64 29.64
N GLY A 831 -29.39 44.70 28.78
CA GLY A 831 -29.47 45.42 27.53
C GLY A 831 -29.92 44.54 26.40
N ARG A 832 -29.51 44.90 25.18
CA ARG A 832 -29.83 44.07 24.02
C ARG A 832 -29.27 42.67 24.22
N LYS A 833 -30.14 41.68 24.39
CA LYS A 833 -29.68 40.32 24.59
C LYS A 833 -28.95 39.82 23.35
N VAL A 834 -27.90 39.04 23.56
CA VAL A 834 -27.08 38.54 22.47
C VAL A 834 -27.54 37.11 22.17
N LYS A 835 -28.09 36.93 20.97
CA LYS A 835 -28.52 35.64 20.48
C LYS A 835 -27.51 35.10 19.47
N ALA A 836 -27.85 33.99 18.83
CA ALA A 836 -26.96 33.40 17.85
C ALA A 836 -26.77 34.34 16.67
N GLY A 837 -25.58 34.29 16.09
CA GLY A 837 -25.20 35.18 15.01
C GLY A 837 -24.55 36.47 15.44
N ASP A 838 -24.52 36.76 16.74
CA ASP A 838 -23.92 37.99 17.24
C ASP A 838 -22.42 37.80 17.49
N THR A 839 -21.67 38.88 17.30
CA THR A 839 -20.24 38.89 17.50
C THR A 839 -19.94 39.47 18.87
N ILE A 840 -19.28 38.68 19.72
CA ILE A 840 -18.87 39.11 21.05
C ILE A 840 -17.41 39.52 21.00
N SER A 841 -17.14 40.73 21.48
CA SER A 841 -15.78 41.27 21.57
C SER A 841 -15.37 41.26 23.04
N TYR A 842 -14.18 40.73 23.31
CA TYR A 842 -13.73 40.62 24.69
C TYR A 842 -12.22 40.74 24.74
N VAL A 843 -11.73 41.09 25.93
CA VAL A 843 -10.30 41.15 26.21
C VAL A 843 -10.05 40.38 27.50
N ILE A 844 -9.04 39.51 27.48
CA ILE A 844 -8.68 38.74 28.67
C ILE A 844 -7.92 39.67 29.60
N CYS A 845 -8.45 39.84 30.81
CA CYS A 845 -7.90 40.78 31.78
C CYS A 845 -7.59 40.07 33.07
N GLN A 846 -6.56 40.55 33.76
CA GLN A 846 -6.19 40.05 35.07
C GLN A 846 -6.91 40.86 36.14
N ASP A 847 -7.65 40.17 37.00
CA ASP A 847 -8.49 40.82 38.00
C ASP A 847 -8.21 40.28 39.40
N GLY A 848 -7.20 39.43 39.57
CA GLY A 848 -6.94 38.84 40.86
C GLY A 848 -8.03 37.87 41.25
N SER A 849 -8.19 36.80 40.47
CA SER A 849 -9.23 35.82 40.72
C SER A 849 -8.75 34.38 40.73
N ASN A 850 -7.52 34.10 40.30
CA ASN A 850 -7.01 32.73 40.25
C ASN A 850 -7.95 31.83 39.46
N LEU A 851 -8.50 32.38 38.38
CA LEU A 851 -9.43 31.66 37.52
C LEU A 851 -8.86 31.56 36.11
N SER A 852 -9.21 30.48 35.43
CA SER A 852 -8.71 30.23 34.08
C SER A 852 -8.98 31.43 33.20
N ALA A 853 -8.21 31.58 32.11
CA ALA A 853 -8.36 32.73 31.24
C ALA A 853 -9.78 32.83 30.67
N SER A 854 -10.46 31.70 30.53
CA SER A 854 -11.83 31.72 30.00
C SER A 854 -12.76 32.49 30.91
N GLN A 855 -12.61 32.33 32.23
CA GLN A 855 -13.48 33.04 33.16
C GLN A 855 -13.12 34.51 33.27
N ARG A 856 -11.86 34.85 33.04
CA ARG A 856 -11.41 36.24 33.11
C ARG A 856 -11.51 36.94 31.76
N ALA A 857 -12.69 36.87 31.16
CA ALA A 857 -12.96 37.52 29.89
C ALA A 857 -13.97 38.64 30.11
N TYR A 858 -13.61 39.85 29.70
CA TYR A 858 -14.40 41.04 30.00
C TYR A 858 -14.59 41.86 28.73
N ALA A 859 -15.73 42.52 28.64
CA ALA A 859 -15.96 43.48 27.57
C ALA A 859 -15.04 44.69 27.73
N GLN A 860 -14.73 45.33 26.61
CA GLN A 860 -13.77 46.43 26.64
C GLN A 860 -14.26 47.58 27.52
N GLU A 861 -15.54 47.91 27.44
CA GLU A 861 -16.07 48.98 28.28
C GLU A 861 -15.92 48.64 29.75
N GLN A 862 -16.14 47.38 30.12
CA GLN A 862 -15.96 46.97 31.50
C GLN A 862 -14.51 47.16 31.93
N LEU A 863 -13.56 46.85 31.04
CA LEU A 863 -12.16 47.06 31.36
C LEU A 863 -11.86 48.54 31.58
N GLN A 864 -12.44 49.40 30.76
CA GLN A 864 -12.20 50.83 30.92
C GLN A 864 -12.91 51.41 32.14
N LYS A 865 -13.96 50.76 32.63
CA LYS A 865 -14.77 51.31 33.72
C LYS A 865 -14.31 50.82 35.09
N GLN A 866 -14.08 49.51 35.24
CA GLN A 866 -13.93 48.94 36.58
C GLN A 866 -12.76 49.55 37.34
N GLU A 867 -11.63 49.74 36.67
CA GLU A 867 -10.38 50.24 37.22
C GLU A 867 -9.65 49.17 38.02
N ASN A 868 -10.23 47.99 38.24
CA ASN A 868 -9.53 46.86 38.82
C ASN A 868 -9.09 45.85 37.77
N LEU A 869 -9.27 46.18 36.49
CA LEU A 869 -9.01 45.26 35.40
C LEU A 869 -7.76 45.71 34.63
N SER A 870 -6.87 44.76 34.35
CA SER A 870 -5.68 45.02 33.55
C SER A 870 -5.56 43.91 32.52
N ILE A 871 -5.04 44.28 31.35
CA ILE A 871 -4.91 43.32 30.26
C ILE A 871 -3.92 42.24 30.66
N ASP A 872 -4.32 40.98 30.46
CA ASP A 872 -3.46 39.84 30.79
C ASP A 872 -2.43 39.71 29.68
N THR A 873 -1.30 40.39 29.86
CA THR A 873 -0.26 40.38 28.83
C THR A 873 0.31 38.99 28.64
N GLN A 874 0.49 38.24 29.72
CA GLN A 874 1.01 36.89 29.61
C GLN A 874 0.12 36.03 28.73
N TYR A 875 -1.19 36.13 28.90
CA TYR A 875 -2.10 35.39 28.04
C TYR A 875 -1.94 35.82 26.59
N TYR A 876 -1.91 37.13 26.36
CA TYR A 876 -1.86 37.63 24.99
C TYR A 876 -0.54 37.30 24.30
N LEU A 877 0.51 36.96 25.06
CA LEU A 877 1.77 36.55 24.48
C LEU A 877 1.91 35.04 24.36
N SER A 878 1.27 34.29 25.25
CA SER A 878 1.40 32.84 25.25
C SER A 878 0.33 32.16 24.42
N GLN A 879 -0.87 32.74 24.35
CA GLN A 879 -2.01 32.09 23.72
C GLN A 879 -2.47 32.77 22.45
N GLN A 880 -1.97 33.96 22.13
CA GLN A 880 -2.37 34.67 20.93
C GLN A 880 -1.21 34.86 19.95
N VAL A 881 -0.09 35.39 20.40
CA VAL A 881 1.03 35.65 19.49
C VAL A 881 1.87 34.39 19.30
N HIS A 882 2.16 33.69 20.39
CA HIS A 882 3.06 32.54 20.29
C HIS A 882 2.55 31.49 19.32
N PRO A 883 1.27 31.10 19.33
CA PRO A 883 0.83 30.09 18.34
C PRO A 883 0.93 30.58 16.91
N VAL A 884 0.45 31.81 16.65
CA VAL A 884 0.44 32.34 15.30
C VAL A 884 1.86 32.47 14.76
N VAL A 885 2.83 32.71 15.63
CA VAL A 885 4.21 32.87 15.18
C VAL A 885 4.92 31.53 15.07
N ALA A 886 4.67 30.61 16.01
CA ALA A 886 5.37 29.34 16.00
C ALA A 886 4.85 28.43 14.90
N ARG A 887 3.61 28.60 14.46
CA ARG A 887 3.11 27.80 13.35
C ARG A 887 3.88 28.07 12.06
N ILE A 888 4.60 29.19 11.98
CA ILE A 888 5.39 29.51 10.81
C ILE A 888 6.89 29.44 11.11
N CYS A 889 7.32 29.64 12.34
CA CYS A 889 8.74 29.71 12.66
C CYS A 889 9.32 28.39 13.16
N GLU A 890 8.51 27.55 13.79
CA GLU A 890 9.03 26.26 14.26
C GLU A 890 9.66 25.44 13.16
N PRO A 891 9.12 25.39 11.94
CA PRO A 891 9.77 24.59 10.89
C PRO A 891 11.21 24.98 10.61
N ILE A 892 11.59 26.24 10.82
CA ILE A 892 12.97 26.65 10.58
C ILE A 892 13.88 25.89 11.55
N ASP A 893 14.92 25.27 11.01
CA ASP A 893 15.86 24.53 11.84
C ASP A 893 16.64 25.49 12.71
N GLY A 894 16.67 25.22 14.01
CA GLY A 894 17.30 26.08 14.98
C GLY A 894 16.35 26.95 15.75
N ILE A 895 15.08 27.00 15.36
CA ILE A 895 14.04 27.74 16.05
C ILE A 895 13.01 26.75 16.54
N ASP A 896 12.66 26.84 17.82
CA ASP A 896 11.64 26.01 18.43
C ASP A 896 10.66 26.90 19.18
N SER A 897 9.60 26.28 19.71
CA SER A 897 8.61 27.02 20.47
C SER A 897 9.24 27.68 21.68
N ALA A 898 10.17 26.99 22.33
CA ALA A 898 10.82 27.56 23.50
C ALA A 898 11.59 28.82 23.14
N LEU A 899 12.29 28.81 22.01
CA LEU A 899 13.05 29.99 21.61
C LEU A 899 12.12 31.17 21.33
N ILE A 900 10.99 30.91 20.68
CA ILE A 900 10.03 31.98 20.41
C ILE A 900 9.47 32.51 21.72
N ALA A 901 9.19 31.63 22.67
CA ALA A 901 8.71 32.08 23.97
C ALA A 901 9.75 32.94 24.67
N MET A 902 11.02 32.54 24.60
CA MET A 902 12.08 33.34 25.19
C MET A 902 12.14 34.72 24.55
N TRP A 903 12.05 34.78 23.23
CA TRP A 903 12.10 36.06 22.54
C TRP A 903 10.92 36.93 22.93
N LEU A 904 9.73 36.34 23.06
CA LEU A 904 8.57 37.12 23.49
C LEU A 904 8.67 37.58 24.93
N GLY A 905 9.54 36.96 25.73
CA GLY A 905 9.69 37.31 27.12
C GLY A 905 9.02 36.38 28.10
N LEU A 906 8.56 35.21 27.66
CA LEU A 906 7.86 34.28 28.52
C LEU A 906 8.87 33.30 29.14
N ASP A 907 8.37 32.25 29.78
CA ASP A 907 9.21 31.25 30.38
C ASP A 907 9.31 30.05 29.46
N PRO A 908 10.46 29.74 28.88
CA PRO A 908 10.54 28.58 27.97
C PRO A 908 10.19 27.27 28.63
N SER A 909 10.27 27.19 29.97
CA SER A 909 9.96 25.94 30.64
C SER A 909 8.55 25.46 30.33
N GLN A 910 7.62 26.39 30.11
CA GLN A 910 6.23 26.03 29.88
C GLN A 910 5.94 25.60 28.45
N PHE A 911 6.91 25.72 27.55
CA PHE A 911 6.72 25.39 26.14
C PHE A 911 7.54 24.20 25.67
N ARG A 912 8.49 23.72 26.47
CA ARG A 912 9.30 22.59 26.07
C ARG A 912 8.45 21.33 25.98
N ASP A 920 11.49 13.71 12.82
CA ASP A 920 11.69 12.96 11.58
C ASP A 920 12.32 11.61 11.87
N GLU A 921 11.78 10.57 11.23
CA GLU A 921 12.33 9.24 11.44
C GLU A 921 13.68 9.07 10.76
N GLU A 922 13.88 9.73 9.61
CA GLU A 922 15.14 9.58 8.91
C GLU A 922 16.30 10.07 9.76
N ASN A 923 16.17 11.25 10.36
CA ASN A 923 17.25 11.77 11.18
C ASN A 923 17.49 10.89 12.39
N ASP A 924 16.41 10.37 12.99
CA ASP A 924 16.58 9.47 14.13
C ASP A 924 17.37 8.25 13.74
N ALA A 925 17.07 7.68 12.57
CA ALA A 925 17.85 6.54 12.10
C ALA A 925 19.29 6.94 11.87
N LEU A 926 19.51 8.12 11.30
CA LEU A 926 20.86 8.58 11.03
C LEU A 926 21.65 8.80 12.32
N LEU A 927 20.96 8.99 13.44
CA LEU A 927 21.62 9.24 14.72
C LEU A 927 21.51 8.05 15.68
N GLY A 928 20.98 6.92 15.22
CA GLY A 928 20.88 5.74 16.06
C GLY A 928 19.56 5.01 15.95
N GLY A 929 18.49 5.75 15.73
CA GLY A 929 17.17 5.16 15.60
C GLY A 929 16.50 4.98 16.94
N PRO A 930 15.19 4.70 16.92
CA PRO A 930 14.47 4.52 18.20
C PRO A 930 14.97 3.35 19.02
N SER A 931 15.66 2.39 18.41
CA SER A 931 16.05 1.17 19.11
C SER A 931 17.39 1.28 19.82
N GLN A 932 18.14 2.35 19.61
CA GLN A 932 19.48 2.49 20.19
C GLN A 932 19.57 3.74 21.05
N LEU A 933 18.53 4.02 21.81
CA LEU A 933 18.52 5.16 22.71
C LEU A 933 19.04 4.75 24.08
N THR A 934 19.66 5.71 24.76
CA THR A 934 20.05 5.48 26.15
C THR A 934 18.82 5.44 27.04
N ASP A 935 18.99 4.87 28.22
CA ASP A 935 17.88 4.75 29.15
C ASP A 935 17.33 6.12 29.54
N GLU A 936 18.22 7.09 29.76
CA GLU A 936 17.77 8.42 30.15
C GLU A 936 16.91 9.05 29.06
N GLU A 937 17.33 8.92 27.81
CA GLU A 937 16.55 9.48 26.70
C GLU A 937 15.30 8.66 26.42
N LYS A 938 15.34 7.35 26.65
CA LYS A 938 14.19 6.51 26.38
C LYS A 938 13.05 6.79 27.34
N TYR A 939 13.36 7.19 28.57
CA TYR A 939 12.37 7.34 29.64
C TYR A 939 12.30 8.78 30.15
N ARG A 940 12.68 9.76 29.32
CA ARG A 940 12.77 11.12 29.82
C ARG A 940 11.41 11.80 29.95
N ASP A 941 10.39 11.29 29.28
CA ASP A 941 9.04 11.83 29.38
C ASP A 941 8.13 11.00 30.26
N CYS A 942 8.67 10.03 30.98
CA CYS A 942 7.88 9.13 31.81
C CYS A 942 7.84 9.63 33.25
N GLU A 943 6.68 9.52 33.88
CA GLU A 943 6.55 9.86 35.28
C GLU A 943 7.33 8.88 36.15
N ARG A 944 7.97 9.40 37.19
CA ARG A 944 8.75 8.58 38.09
C ARG A 944 7.86 8.07 39.22
N PHE A 945 8.33 7.03 39.90
CA PHE A 945 7.48 6.36 40.89
C PHE A 945 7.47 7.16 42.18
N LYS A 946 6.31 7.68 42.54
CA LYS A 946 6.14 8.47 43.76
C LYS A 946 5.53 7.58 44.83
N PHE A 947 6.20 7.50 45.98
CA PHE A 947 5.70 6.74 47.12
C PHE A 947 5.83 7.57 48.38
N PHE A 948 4.73 7.74 49.10
CA PHE A 948 4.74 8.52 50.33
C PHE A 948 5.09 7.60 51.49
N CYS A 949 6.10 8.00 52.26
CA CYS A 949 6.52 7.18 53.39
C CYS A 949 5.38 7.05 54.39
N PRO A 950 5.02 5.84 54.80
CA PRO A 950 3.96 5.70 55.82
C PRO A 950 4.29 6.40 57.12
N LYS A 951 5.57 6.43 57.51
CA LYS A 951 5.93 6.98 58.80
C LYS A 951 5.97 8.51 58.76
N CYS A 952 6.84 9.07 57.93
CA CYS A 952 7.01 10.50 57.88
C CYS A 952 6.11 11.20 56.87
N GLY A 953 5.64 10.47 55.86
CA GLY A 953 4.76 11.07 54.87
C GLY A 953 5.46 11.89 53.81
N THR A 954 6.78 11.82 53.71
CA THR A 954 7.50 12.55 52.69
C THR A 954 7.52 11.76 51.39
N GLU A 955 7.38 12.46 50.27
CA GLU A 955 7.39 11.81 48.98
C GLU A 955 8.77 11.27 48.67
N ASN A 956 8.83 10.06 48.12
CA ASN A 956 10.05 9.45 47.63
C ASN A 956 9.88 9.25 46.13
N ILE A 957 10.80 9.82 45.36
CA ILE A 957 10.81 9.69 43.91
C ILE A 957 11.82 8.62 43.54
N TYR A 958 11.36 7.58 42.84
CA TYR A 958 12.22 6.50 42.40
C TYR A 958 12.30 6.54 40.88
N ASP A 959 13.53 6.60 40.38
CA ASP A 959 13.83 6.63 38.96
C ASP A 959 14.91 5.63 38.58
N ASN A 960 15.47 4.91 39.55
CA ASN A 960 16.51 3.93 39.28
C ASN A 960 16.45 2.88 40.37
N VAL A 961 17.04 1.73 40.09
CA VAL A 961 17.06 0.66 41.08
C VAL A 961 17.94 1.05 42.25
N PHE A 962 19.04 1.74 41.98
CA PHE A 962 20.06 2.02 42.98
C PHE A 962 20.25 3.53 43.12
N ASP A 963 20.55 3.95 44.34
CA ASP A 963 20.77 5.36 44.67
C ASP A 963 22.11 5.51 45.36
N GLY A 964 22.86 6.54 44.99
CA GLY A 964 24.16 6.79 45.57
C GLY A 964 25.29 6.33 44.67
N SER A 965 26.50 6.60 45.13
CA SER A 965 27.71 6.26 44.39
C SER A 965 28.69 5.55 45.30
N GLY A 966 29.49 4.67 44.69
CA GLY A 966 30.51 3.95 45.44
C GLY A 966 29.92 2.99 46.46
N LEU A 967 30.67 2.78 47.53
CA LEU A 967 30.21 1.89 48.58
C LEU A 967 29.00 2.42 49.33
N GLN A 968 28.64 3.69 49.11
CA GLN A 968 27.45 4.27 49.71
C GLN A 968 26.20 4.02 48.89
N ILE A 969 26.29 3.21 47.84
CA ILE A 969 25.17 2.93 46.95
C ILE A 969 24.35 1.79 47.54
N GLU A 970 23.03 1.98 47.58
CA GLU A 970 22.12 0.96 48.08
C GLU A 970 20.83 1.03 47.27
N PRO A 971 20.03 -0.03 47.29
CA PRO A 971 18.74 0.02 46.58
C PRO A 971 17.88 1.16 47.08
N GLY A 972 17.13 1.76 46.15
CA GLY A 972 16.38 2.95 46.49
C GLY A 972 15.40 2.73 47.62
N LEU A 973 14.78 1.55 47.66
CA LEU A 973 13.76 1.24 48.66
C LEU A 973 14.35 0.76 49.98
N LYS A 974 15.62 1.05 50.25
CA LYS A 974 16.22 0.63 51.51
C LYS A 974 16.09 1.70 52.59
N ARG A 975 16.23 2.97 52.22
CA ARG A 975 16.17 4.07 53.18
C ARG A 975 15.28 5.18 52.64
N CYS A 976 14.61 5.86 53.56
CA CYS A 976 13.73 6.97 53.20
C CYS A 976 14.56 8.17 52.76
N SER A 977 13.93 9.03 51.95
CA SER A 977 14.61 10.22 51.45
C SER A 977 14.84 11.26 52.54
N LYS A 978 14.15 11.14 53.68
CA LYS A 978 14.30 12.10 54.76
C LYS A 978 15.37 11.60 55.72
N PRO A 979 16.48 12.33 55.90
CA PRO A 979 17.52 11.83 56.81
C PRO A 979 17.02 11.57 58.21
N GLU A 980 16.13 12.43 58.73
CA GLU A 980 15.58 12.21 60.07
C GLU A 980 14.66 11.00 60.14
N CYS A 981 14.24 10.45 59.01
CA CYS A 981 13.33 9.31 58.99
C CYS A 981 14.14 8.02 58.87
N ASP A 982 13.91 7.10 59.80
CA ASP A 982 14.58 5.81 59.80
C ASP A 982 13.75 4.72 59.13
N ALA A 983 12.54 5.04 58.67
CA ALA A 983 11.67 4.04 58.08
C ALA A 983 12.26 3.53 56.76
N SER A 984 12.21 2.22 56.56
CA SER A 984 12.67 1.61 55.33
C SER A 984 11.47 1.29 54.45
N PRO A 985 11.35 1.87 53.25
CA PRO A 985 10.20 1.50 52.40
C PRO A 985 10.15 0.02 52.10
N LEU A 986 11.29 -0.67 52.13
CA LEU A 986 11.28 -2.11 51.91
C LEU A 986 10.47 -2.84 52.96
N ASP A 987 10.22 -2.20 54.10
CA ASP A 987 9.36 -2.81 55.10
C ASP A 987 7.90 -2.82 54.65
N TYR A 988 7.46 -1.73 54.02
CA TYR A 988 6.09 -1.62 53.52
C TYR A 988 6.04 -1.96 52.04
N VAL A 989 6.47 -3.17 51.70
CA VAL A 989 6.44 -3.59 50.30
C VAL A 989 5.03 -3.95 49.84
N ILE A 990 4.13 -4.31 50.75
CA ILE A 990 2.73 -4.49 50.36
C ILE A 990 2.15 -3.16 49.89
N GLN A 991 2.44 -2.08 50.62
CA GLN A 991 1.98 -0.76 50.21
C GLN A 991 2.60 -0.34 48.89
N VAL A 992 3.88 -0.66 48.68
CA VAL A 992 4.52 -0.32 47.42
C VAL A 992 3.85 -1.08 46.28
N HIS A 993 3.54 -2.36 46.49
CA HIS A 993 2.83 -3.14 45.50
C HIS A 993 1.48 -2.52 45.16
N ASN A 994 0.72 -2.13 46.19
CA ASN A 994 -0.59 -1.56 45.97
C ASN A 994 -0.49 -0.24 45.21
N LYS A 995 0.47 0.61 45.58
CA LYS A 995 0.65 1.87 44.88
C LYS A 995 1.05 1.64 43.43
N LEU A 996 1.89 0.62 43.19
CA LEU A 996 2.27 0.29 41.82
C LEU A 996 1.06 -0.12 41.00
N LEU A 997 0.20 -0.96 41.57
CA LEU A 997 -1.00 -1.36 40.84
C LEU A 997 -1.92 -0.18 40.58
N LEU A 998 -2.06 0.71 41.57
CA LEU A 998 -2.90 1.89 41.37
C LEU A 998 -2.34 2.78 40.28
N ASP A 999 -1.01 2.96 40.24
CA ASP A 999 -0.40 3.76 39.19
C ASP A 999 -0.59 3.14 37.82
N ILE A 1000 -0.46 1.82 37.73
CA ILE A 1000 -0.68 1.14 36.46
C ILE A 1000 -2.12 1.33 36.01
N ARG A 1001 -3.07 1.24 36.93
CA ARG A 1001 -4.47 1.49 36.58
C ARG A 1001 -4.64 2.92 36.10
N ARG A 1002 -3.99 3.88 36.76
CA ARG A 1002 -4.10 5.27 36.35
C ARG A 1002 -3.60 5.47 34.92
N TYR A 1003 -2.46 4.87 34.58
CA TYR A 1003 -1.91 5.04 33.24
C TYR A 1003 -2.78 4.35 32.20
N ILE A 1004 -3.30 3.16 32.51
CA ILE A 1004 -4.17 2.48 31.57
C ILE A 1004 -5.44 3.31 31.34
N LYS A 1005 -5.99 3.89 32.40
CA LYS A 1005 -7.16 4.74 32.25
C LYS A 1005 -6.82 5.95 31.38
N LYS A 1006 -5.66 6.54 31.60
CA LYS A 1006 -5.26 7.67 30.76
C LYS A 1006 -5.20 7.28 29.30
N TYR A 1007 -4.63 6.11 29.00
CA TYR A 1007 -4.55 5.67 27.61
C TYR A 1007 -5.93 5.44 27.02
N TYR A 1008 -6.81 4.76 27.75
CA TYR A 1008 -8.11 4.42 27.20
C TYR A 1008 -9.09 5.59 27.25
N SER A 1009 -8.71 6.70 27.86
CA SER A 1009 -9.55 7.90 27.76
C SER A 1009 -9.69 8.34 26.32
N GLY A 1010 -8.69 8.08 25.49
CA GLY A 1010 -8.78 8.38 24.08
C GLY A 1010 -8.90 9.85 23.77
N TRP A 1011 -8.07 10.68 24.42
CA TRP A 1011 -8.07 12.10 24.16
C TRP A 1011 -7.28 12.41 22.89
N LEU A 1012 -7.87 13.23 22.03
CA LEU A 1012 -7.25 13.63 20.77
C LEU A 1012 -7.11 15.14 20.73
N VAL A 1013 -5.98 15.61 20.22
CA VAL A 1013 -5.71 17.03 20.09
C VAL A 1013 -5.35 17.32 18.64
N CYS A 1014 -5.86 18.43 18.11
CA CYS A 1014 -5.50 18.83 16.75
C CYS A 1014 -4.03 19.23 16.69
N GLU A 1015 -3.34 18.78 15.65
CA GLU A 1015 -1.93 19.09 15.50
C GLU A 1015 -1.70 20.54 15.09
N GLU A 1016 -2.73 21.24 14.62
CA GLU A 1016 -2.57 22.63 14.23
C GLU A 1016 -2.47 23.51 15.47
N LYS A 1017 -1.44 24.35 15.50
CA LYS A 1017 -1.23 25.21 16.65
C LYS A 1017 -2.38 26.19 16.82
N THR A 1018 -2.93 26.67 15.70
CA THR A 1018 -3.99 27.67 15.74
C THR A 1018 -5.35 27.06 16.01
N CYS A 1019 -5.44 25.73 16.10
CA CYS A 1019 -6.69 25.06 16.44
C CYS A 1019 -6.62 24.38 17.80
N GLN A 1020 -5.68 23.45 17.98
CA GLN A 1020 -5.49 22.75 19.26
C GLN A 1020 -6.83 22.31 19.83
N ASN A 1021 -7.70 21.78 18.97
CA ASN A 1021 -8.98 21.28 19.42
C ASN A 1021 -8.79 19.96 20.16
N ARG A 1022 -9.41 19.86 21.33
CA ARG A 1022 -9.28 18.71 22.21
C ARG A 1022 -10.63 18.01 22.32
N THR A 1023 -10.69 16.77 21.87
CA THR A 1023 -11.94 16.03 21.87
C THR A 1023 -11.69 14.58 22.28
N ARG A 1024 -12.70 13.99 22.90
CA ARG A 1024 -12.72 12.56 23.20
C ARG A 1024 -13.28 11.74 22.06
N ARG A 1025 -14.05 12.37 21.17
CA ARG A 1025 -14.75 11.66 20.11
C ARG A 1025 -13.82 11.50 18.91
N LEU A 1026 -13.68 10.26 18.45
CA LEU A 1026 -12.93 9.99 17.23
C LEU A 1026 -13.88 10.05 16.05
N PRO A 1027 -13.68 10.96 15.10
CA PRO A 1027 -14.60 11.00 13.95
C PRO A 1027 -14.21 9.98 12.89
N LEU A 1028 -15.22 9.47 12.21
CA LEU A 1028 -15.01 8.50 11.14
C LEU A 1028 -14.42 9.12 9.87
N SER A 1029 -14.35 10.44 9.78
CA SER A 1029 -13.81 11.11 8.61
C SER A 1029 -12.30 11.14 8.73
N PHE A 1030 -11.61 10.43 7.84
CA PHE A 1030 -10.16 10.28 7.90
C PHE A 1030 -9.51 10.81 6.64
N SER A 1031 -8.36 11.46 6.82
CA SER A 1031 -7.46 11.74 5.72
C SER A 1031 -6.43 10.62 5.62
N ARG A 1032 -5.45 10.78 4.73
CA ARG A 1032 -4.39 9.79 4.63
C ARG A 1032 -3.55 9.71 5.91
N ASN A 1033 -3.52 10.78 6.70
CA ASN A 1033 -2.69 10.81 7.90
C ASN A 1033 -3.43 10.40 9.17
N GLY A 1034 -4.75 10.38 9.14
CA GLY A 1034 -5.52 10.01 10.31
C GLY A 1034 -6.81 10.80 10.43
N PRO A 1035 -7.43 10.77 11.61
CA PRO A 1035 -8.70 11.48 11.77
C PRO A 1035 -8.59 12.96 11.46
N ILE A 1036 -9.60 13.48 10.79
CA ILE A 1036 -9.66 14.89 10.41
C ILE A 1036 -10.35 15.66 11.51
N CYS A 1037 -9.70 16.70 12.01
CA CYS A 1037 -10.28 17.52 13.06
C CYS A 1037 -11.56 18.20 12.57
N GLN A 1038 -12.64 18.03 13.32
CA GLN A 1038 -13.93 18.57 12.92
C GLN A 1038 -14.12 20.03 13.32
N ALA A 1039 -13.16 20.62 14.02
CA ALA A 1039 -13.24 22.04 14.33
C ALA A 1039 -12.75 22.90 13.18
N CYS A 1040 -11.62 22.51 12.57
CA CYS A 1040 -11.05 23.25 11.46
C CYS A 1040 -11.16 22.53 10.13
N SER A 1041 -11.35 21.21 10.14
CA SER A 1041 -11.54 20.41 8.94
C SER A 1041 -10.30 20.40 8.03
N LYS A 1042 -9.14 20.73 8.58
CA LYS A 1042 -7.94 20.83 7.77
C LYS A 1042 -6.70 20.25 8.43
N ALA A 1043 -6.81 19.63 9.60
CA ALA A 1043 -5.65 19.11 10.31
C ALA A 1043 -6.01 17.78 10.95
N THR A 1044 -4.98 17.03 11.32
CA THR A 1044 -5.16 15.69 11.84
C THR A 1044 -5.22 15.71 13.36
N LEU A 1045 -6.03 14.82 13.91
CA LEU A 1045 -6.13 14.63 15.35
C LEU A 1045 -5.12 13.59 15.78
N ARG A 1046 -4.30 13.93 16.77
CA ARG A 1046 -3.28 13.05 17.31
C ARG A 1046 -3.65 12.66 18.72
N SER A 1047 -3.34 11.43 19.09
CA SER A 1047 -3.65 10.96 20.44
C SER A 1047 -2.81 11.73 21.44
N GLU A 1048 -3.46 12.18 22.52
CA GLU A 1048 -2.74 12.87 23.58
C GLU A 1048 -1.83 11.92 24.34
N TYR A 1049 -2.26 10.68 24.52
CA TYR A 1049 -1.48 9.66 25.22
C TYR A 1049 -1.43 8.42 24.32
N PRO A 1050 -0.52 8.39 23.36
CA PRO A 1050 -0.48 7.26 22.41
C PRO A 1050 -0.05 5.97 23.09
N GLU A 1051 -0.17 4.88 22.32
CA GLU A 1051 0.19 3.56 22.85
C GLU A 1051 1.66 3.50 23.23
N LYS A 1052 2.52 4.16 22.46
CA LYS A 1052 3.94 4.17 22.78
C LYS A 1052 4.19 4.80 24.14
N ALA A 1053 3.44 5.85 24.49
CA ALA A 1053 3.62 6.47 25.78
C ALA A 1053 3.33 5.50 26.92
N LEU A 1054 2.21 4.78 26.84
CA LEU A 1054 1.88 3.81 27.87
C LEU A 1054 2.90 2.68 27.93
N TYR A 1055 3.32 2.19 26.76
CA TYR A 1055 4.31 1.13 26.72
C TYR A 1055 5.61 1.58 27.38
N THR A 1056 6.05 2.81 27.09
CA THR A 1056 7.28 3.32 27.67
C THR A 1056 7.13 3.53 29.16
N GLN A 1057 5.96 3.95 29.62
CA GLN A 1057 5.73 4.10 31.05
C GLN A 1057 5.84 2.76 31.77
N LEU A 1058 5.21 1.72 31.21
CA LEU A 1058 5.31 0.41 31.84
C LEU A 1058 6.73 -0.12 31.79
N CYS A 1059 7.44 0.13 30.67
CA CYS A 1059 8.83 -0.28 30.56
C CYS A 1059 9.69 0.44 31.60
N PHE A 1060 9.40 1.71 31.85
CA PHE A 1060 10.15 2.45 32.85
C PHE A 1060 9.89 1.91 34.25
N TYR A 1061 8.63 1.60 34.55
CA TYR A 1061 8.35 1.01 35.85
C TYR A 1061 9.04 -0.34 36.01
N ARG A 1062 9.17 -1.10 34.93
CA ARG A 1062 9.98 -2.32 34.97
C ARG A 1062 11.45 -1.98 35.18
N PHE A 1063 11.93 -0.92 34.53
CA PHE A 1063 13.33 -0.53 34.60
C PHE A 1063 13.73 -0.15 36.02
N ILE A 1064 12.87 0.59 36.71
CA ILE A 1064 13.18 1.06 38.07
C ILE A 1064 13.13 -0.07 39.08
N PHE A 1065 12.84 -1.30 38.61
CA PHE A 1065 12.86 -2.47 39.48
C PHE A 1065 13.69 -3.61 38.90
N ASP A 1066 14.49 -3.37 37.86
CA ASP A 1066 15.27 -4.42 37.22
C ASP A 1066 16.64 -4.48 37.89
N TRP A 1067 16.77 -5.39 38.86
CA TRP A 1067 18.04 -5.53 39.58
C TRP A 1067 19.15 -5.96 38.64
N ASP A 1068 18.92 -7.02 37.87
CA ASP A 1068 19.98 -7.56 37.03
C ASP A 1068 20.42 -6.56 35.98
N TYR A 1069 19.48 -5.89 35.32
CA TYR A 1069 19.84 -4.92 34.30
C TYR A 1069 20.63 -3.77 34.91
N ALA A 1070 20.19 -3.29 36.07
CA ALA A 1070 20.92 -2.19 36.72
C ALA A 1070 22.34 -2.63 37.05
N LEU A 1071 22.50 -3.84 37.56
CA LEU A 1071 23.83 -4.32 37.90
C LEU A 1071 24.71 -4.39 36.67
N GLU A 1072 24.17 -4.88 35.56
CA GLU A 1072 25.00 -5.05 34.37
C GLU A 1072 25.32 -3.72 33.70
N LYS A 1073 24.30 -2.89 33.46
CA LYS A 1073 24.46 -1.67 32.68
C LYS A 1073 24.70 -0.43 33.53
N VAL A 1074 23.76 -0.11 34.42
CA VAL A 1074 23.81 1.18 35.11
C VAL A 1074 24.99 1.22 36.08
N VAL A 1075 25.17 0.17 36.87
CA VAL A 1075 26.13 0.21 37.97
C VAL A 1075 27.55 0.08 37.45
N SER A 1076 28.49 0.67 38.18
CA SER A 1076 29.90 0.62 37.83
C SER A 1076 30.50 -0.70 38.30
N GLU A 1077 31.84 -0.78 38.27
CA GLU A 1077 32.51 -2.02 38.64
C GLU A 1077 32.59 -2.20 40.16
N GLN A 1078 33.16 -1.21 40.85
CA GLN A 1078 33.24 -1.30 42.31
C GLN A 1078 31.86 -1.33 42.94
N GLU A 1079 30.94 -0.51 42.41
CA GLU A 1079 29.57 -0.52 42.91
C GLU A 1079 28.92 -1.89 42.66
N ARG A 1080 29.16 -2.47 41.48
CA ARG A 1080 28.62 -3.80 41.21
C ARG A 1080 29.16 -4.82 42.20
N GLY A 1081 30.45 -4.75 42.50
CA GLY A 1081 31.01 -5.67 43.48
C GLY A 1081 30.39 -5.49 44.85
N HIS A 1082 30.19 -4.24 45.26
CA HIS A 1082 29.59 -3.97 46.57
C HIS A 1082 28.14 -4.44 46.62
N LEU A 1083 27.43 -4.41 45.49
CA LEU A 1083 26.03 -4.80 45.46
C LEU A 1083 25.81 -6.28 45.17
N LYS A 1084 26.84 -7.00 44.75
CA LYS A 1084 26.71 -8.41 44.39
C LYS A 1084 27.10 -9.33 45.55
N LYS A 1085 26.86 -8.90 46.78
CA LYS A 1085 27.16 -9.66 47.98
C LYS A 1085 25.88 -9.93 48.74
N LYS A 1086 26.01 -10.60 49.88
CA LYS A 1086 24.91 -10.68 50.83
C LYS A 1086 24.67 -9.31 51.46
N LEU A 1087 23.71 -9.26 52.37
CA LEU A 1087 23.15 -8.04 52.97
C LEU A 1087 22.21 -7.35 51.99
N PHE A 1088 22.08 -7.81 50.75
CA PHE A 1088 21.14 -7.26 49.79
C PHE A 1088 20.26 -8.33 49.15
N GLN A 1089 20.40 -9.59 49.56
CA GLN A 1089 19.61 -10.65 48.95
C GLN A 1089 18.11 -10.44 49.18
N GLU A 1090 17.73 -10.06 50.39
CA GLU A 1090 16.32 -9.80 50.67
C GLU A 1090 15.81 -8.66 49.80
N SER A 1091 16.58 -7.58 49.68
CA SER A 1091 16.18 -6.48 48.80
C SER A 1091 16.07 -6.96 47.36
N GLU A 1092 17.00 -7.81 46.94
CA GLU A 1092 16.94 -8.35 45.58
C GLU A 1092 15.66 -9.15 45.36
N ASN A 1093 15.28 -9.97 46.34
CA ASN A 1093 14.06 -10.77 46.21
C ASN A 1093 12.83 -9.88 46.15
N GLN A 1094 12.78 -8.85 47.00
CA GLN A 1094 11.64 -7.95 46.98
C GLN A 1094 11.56 -7.19 45.66
N TYR A 1095 12.71 -6.77 45.14
CA TYR A 1095 12.72 -6.09 43.84
C TYR A 1095 12.27 -7.02 42.73
N LYS A 1096 12.67 -8.28 42.79
CA LYS A 1096 12.20 -9.25 41.79
C LYS A 1096 10.69 -9.41 41.86
N LYS A 1097 10.15 -9.50 43.08
CA LYS A 1097 8.70 -9.60 43.23
C LYS A 1097 8.00 -8.36 42.67
N LEU A 1098 8.55 -7.18 42.93
CA LEU A 1098 7.92 -5.96 42.44
C LEU A 1098 7.99 -5.88 40.92
N LYS A 1099 9.10 -6.31 40.33
CA LYS A 1099 9.22 -6.34 38.88
C LYS A 1099 8.27 -7.35 38.27
N SER A 1100 7.96 -8.42 39.01
CA SER A 1100 7.02 -9.41 38.50
C SER A 1100 5.66 -8.78 38.18
N THR A 1101 5.25 -7.78 38.95
CA THR A 1101 3.96 -7.13 38.71
C THR A 1101 3.96 -6.42 37.36
N VAL A 1102 4.98 -5.61 37.11
CA VAL A 1102 5.05 -4.89 35.85
C VAL A 1102 5.23 -5.85 34.68
N ASP A 1103 5.98 -6.93 34.90
CA ASP A 1103 6.12 -7.93 33.85
C ASP A 1103 4.79 -8.59 33.54
N GLN A 1104 3.99 -8.89 34.57
CA GLN A 1104 2.68 -9.47 34.35
C GLN A 1104 1.81 -8.52 33.55
N VAL A 1105 1.83 -7.23 33.90
CA VAL A 1105 1.01 -6.27 33.16
C VAL A 1105 1.46 -6.20 31.72
N LEU A 1106 2.77 -6.13 31.49
CA LEU A 1106 3.27 -6.02 30.12
C LEU A 1106 2.99 -7.28 29.30
N SER A 1107 2.91 -8.43 29.96
CA SER A 1107 2.58 -9.66 29.24
C SER A 1107 1.19 -9.61 28.64
N ARG A 1108 0.32 -8.74 29.14
CA ARG A 1108 -1.05 -8.60 28.66
C ARG A 1108 -1.20 -7.43 27.70
N SER A 1109 -0.10 -6.85 27.25
CA SER A 1109 -0.12 -5.70 26.35
C SER A 1109 0.15 -6.17 24.92
N GLY A 1110 -0.68 -5.70 23.98
CA GLY A 1110 -0.45 -6.01 22.59
C GLY A 1110 0.66 -5.23 21.93
N TYR A 1111 1.04 -4.10 22.51
CA TYR A 1111 2.12 -3.29 21.95
C TYR A 1111 3.49 -3.93 22.14
N SER A 1112 3.65 -4.79 23.14
CA SER A 1112 4.94 -5.39 23.44
C SER A 1112 5.18 -6.72 22.72
N GLU A 1113 4.24 -7.17 21.90
CA GLU A 1113 4.34 -8.44 21.21
C GLU A 1113 4.24 -8.22 19.71
N VAL A 1114 5.10 -8.90 18.96
CA VAL A 1114 5.06 -8.89 17.50
C VAL A 1114 4.73 -10.29 17.05
N ASN A 1115 3.64 -10.43 16.31
CA ASN A 1115 3.19 -11.71 15.78
C ASN A 1115 3.87 -11.92 14.43
N LEU A 1116 4.92 -12.74 14.42
CA LEU A 1116 5.66 -12.97 13.19
C LEU A 1116 4.84 -13.74 12.16
N SER A 1117 3.82 -14.48 12.60
CA SER A 1117 2.95 -15.15 11.67
C SER A 1117 2.22 -14.15 10.78
N LYS A 1118 1.76 -13.05 11.36
CA LYS A 1118 1.05 -12.05 10.56
C LYS A 1118 1.98 -11.35 9.59
N LEU A 1119 3.24 -11.18 9.95
CA LEU A 1119 4.19 -10.50 9.06
C LEU A 1119 4.58 -11.39 7.90
N PHE A 1120 5.14 -12.55 8.20
CA PHE A 1120 5.59 -13.51 7.20
C PHE A 1120 4.50 -14.55 7.00
N GLN A 1121 4.03 -14.69 5.76
CA GLN A 1121 2.96 -15.62 5.44
C GLN A 1121 3.33 -16.51 4.26
N GLN B 162 -21.32 0.20 62.59
CA GLN B 162 -22.23 0.59 63.66
C GLN B 162 -23.63 0.84 63.12
N LYS B 163 -23.74 1.76 62.16
CA LYS B 163 -25.04 2.06 61.59
C LYS B 163 -25.63 0.84 60.89
N TYR B 164 -24.81 0.12 60.12
CA TYR B 164 -25.30 -1.04 59.38
C TYR B 164 -25.78 -2.13 60.32
N GLY B 165 -25.03 -2.40 61.39
CA GLY B 165 -25.36 -3.51 62.27
C GLY B 165 -26.62 -3.32 63.06
N SER B 166 -27.06 -2.08 63.26
CA SER B 166 -28.25 -1.78 64.06
C SER B 166 -29.45 -1.41 63.21
N ARG B 167 -29.44 -1.76 61.93
CA ARG B 167 -30.56 -1.43 61.07
C ARG B 167 -31.82 -2.18 61.50
N THR B 168 -32.98 -1.57 61.22
CA THR B 168 -34.27 -2.11 61.66
C THR B 168 -35.14 -2.60 60.53
N ASN B 169 -34.84 -2.27 59.27
CA ASN B 169 -35.65 -2.66 58.13
C ASN B 169 -35.11 -3.90 57.45
N ARG B 170 -34.52 -4.82 58.21
CA ARG B 170 -34.00 -6.06 57.65
C ARG B 170 -35.13 -6.84 56.98
N GLY B 171 -34.86 -7.31 55.77
CA GLY B 171 -35.79 -8.16 55.06
C GLY B 171 -36.98 -7.47 54.44
N GLU B 172 -37.06 -6.15 54.52
CA GLU B 172 -38.20 -5.44 53.97
C GLU B 172 -38.21 -5.56 52.45
N VAL B 173 -39.37 -5.85 51.89
CA VAL B 173 -39.53 -5.94 50.44
C VAL B 173 -39.79 -4.53 49.94
N VAL B 174 -38.78 -3.91 49.34
CA VAL B 174 -38.93 -2.54 48.88
C VAL B 174 -39.60 -2.45 47.52
N THR B 175 -39.57 -3.52 46.73
CA THR B 175 -40.26 -3.48 45.45
C THR B 175 -40.70 -4.89 45.08
N THR B 176 -41.84 -4.99 44.40
CA THR B 176 -42.41 -6.26 44.02
C THR B 176 -42.95 -6.21 42.60
N TYR B 177 -42.95 -7.37 41.94
CA TYR B 177 -43.50 -7.52 40.60
C TYR B 177 -43.92 -8.96 40.39
N GLY B 178 -45.03 -9.15 39.69
CA GLY B 178 -45.47 -10.47 39.29
C GLY B 178 -46.36 -11.15 40.31
N GLU B 179 -46.41 -12.47 40.21
CA GLU B 179 -47.28 -13.25 41.07
C GLU B 179 -46.88 -13.10 42.53
N LEU B 180 -47.86 -12.89 43.40
CA LEU B 180 -47.59 -12.78 44.82
C LEU B 180 -47.14 -14.13 45.36
N GLN B 181 -46.11 -14.09 46.21
CA GLN B 181 -45.54 -15.29 46.82
C GLN B 181 -45.59 -15.14 48.34
N GLY B 182 -45.30 -16.25 49.02
CA GLY B 182 -45.32 -16.23 50.46
C GLY B 182 -44.21 -15.38 51.03
N THR B 183 -44.31 -15.13 52.34
CA THR B 183 -43.29 -14.31 53.01
C THR B 183 -41.92 -14.96 52.97
N THR B 184 -41.85 -16.27 52.74
CA THR B 184 -40.59 -16.99 52.67
C THR B 184 -40.43 -17.60 51.29
N TRP B 185 -39.22 -17.49 50.74
CA TRP B 185 -38.88 -18.04 49.44
C TRP B 185 -37.95 -19.22 49.62
N ASN B 186 -38.21 -20.29 48.88
CA ASN B 186 -37.38 -21.49 48.92
C ASN B 186 -37.05 -21.92 47.50
N GLY B 187 -35.85 -22.47 47.34
CA GLY B 187 -35.37 -22.94 46.06
C GLY B 187 -34.97 -24.41 46.10
N GLY B 188 -34.57 -24.90 44.93
CA GLY B 188 -34.19 -26.29 44.77
C GLY B 188 -32.76 -26.58 45.09
N SER B 189 -32.01 -25.63 45.62
CA SER B 189 -30.60 -25.82 45.95
C SER B 189 -29.78 -26.20 44.74
N GLY B 190 -30.19 -25.73 43.56
CA GLY B 190 -29.47 -26.05 42.34
C GLY B 190 -29.43 -27.53 42.04
N SER B 191 -30.52 -28.24 42.31
CA SER B 191 -30.56 -29.68 42.05
C SER B 191 -30.85 -29.96 40.58
N ASN B 192 -32.04 -29.60 40.12
CA ASN B 192 -32.40 -29.71 38.71
C ASN B 192 -32.18 -28.37 38.00
N THR B 193 -30.92 -27.96 37.94
CA THR B 193 -30.53 -26.67 37.38
C THR B 193 -29.41 -26.87 36.37
N ASN B 194 -29.53 -26.20 35.23
CA ASN B 194 -28.52 -26.25 34.17
C ASN B 194 -28.16 -24.83 33.78
N VAL B 195 -26.97 -24.38 34.18
CA VAL B 195 -26.50 -23.03 33.94
C VAL B 195 -25.35 -23.09 32.94
N GLU B 196 -25.46 -22.30 31.87
CA GLU B 196 -24.40 -22.24 30.88
C GLU B 196 -24.39 -20.83 30.28
N LEU B 197 -23.44 -20.58 29.39
CA LEU B 197 -23.42 -19.35 28.62
C LEU B 197 -24.26 -19.51 27.36
N PHE B 198 -25.03 -18.47 27.04
CA PHE B 198 -25.94 -18.55 25.91
C PHE B 198 -25.18 -18.90 24.64
N THR B 199 -25.53 -20.04 24.04
CA THR B 199 -24.86 -20.54 22.84
C THR B 199 -25.41 -19.79 21.64
N SER B 200 -24.70 -18.76 21.20
CA SER B 200 -25.06 -17.98 20.03
C SER B 200 -23.99 -18.20 18.97
N LEU B 201 -24.14 -17.48 17.85
CA LEU B 201 -23.15 -17.61 16.78
C LEU B 201 -21.78 -17.16 17.25
N ASP B 202 -21.71 -16.05 17.98
CA ASP B 202 -20.43 -15.49 18.41
C ASP B 202 -19.90 -16.22 19.64
N GLU B 203 -18.59 -16.47 19.64
CA GLU B 203 -17.96 -17.10 20.79
C GLU B 203 -17.93 -16.13 21.98
N PRO B 204 -18.03 -16.65 23.20
CA PRO B 204 -18.04 -15.75 24.36
C PRO B 204 -16.64 -15.38 24.80
N LEU B 205 -16.56 -14.33 25.60
CA LEU B 205 -15.30 -13.89 26.19
C LEU B 205 -15.05 -14.73 27.43
N THR B 206 -14.06 -15.62 27.36
CA THR B 206 -13.77 -16.52 28.47
C THR B 206 -12.32 -16.47 28.92
N LYS B 207 -11.48 -15.67 28.29
CA LYS B 207 -10.07 -15.60 28.65
C LYS B 207 -9.55 -14.21 28.32
N MET B 208 -8.42 -13.86 28.93
CA MET B 208 -7.84 -12.55 28.72
C MET B 208 -7.45 -12.35 27.27
N TYR B 209 -7.64 -11.14 26.77
CA TYR B 209 -7.20 -10.75 25.44
C TYR B 209 -6.21 -9.59 25.59
N LYS B 210 -5.15 -9.64 24.79
CA LYS B 210 -4.15 -8.59 24.84
C LYS B 210 -4.78 -7.25 24.50
N PHE B 211 -4.48 -6.23 25.29
CA PHE B 211 -5.09 -4.93 25.15
C PHE B 211 -4.01 -3.87 25.32
N MET B 212 -4.42 -2.61 25.43
CA MET B 212 -3.54 -1.44 25.50
C MET B 212 -2.93 -1.09 24.15
N PHE B 213 -3.43 -1.68 23.05
CA PHE B 213 -2.91 -1.39 21.71
C PHE B 213 -4.12 -1.25 20.78
N GLN B 214 -4.60 -0.03 20.64
CA GLN B 214 -5.73 0.30 19.76
C GLN B 214 -5.26 1.23 18.66
N LYS B 215 -5.42 0.82 17.42
CA LYS B 215 -5.15 1.70 16.29
C LYS B 215 -6.40 2.50 15.98
N LEU B 216 -6.23 3.79 15.73
CA LEU B 216 -7.36 4.64 15.43
C LEU B 216 -8.13 4.10 14.23
N MET B 217 -7.43 3.50 13.27
CA MET B 217 -8.10 2.89 12.13
C MET B 217 -9.02 1.76 12.58
N ASP B 218 -8.57 0.96 13.54
CA ASP B 218 -9.40 -0.15 14.02
C ASP B 218 -10.65 0.38 14.72
N ILE B 219 -10.51 1.44 15.52
CA ILE B 219 -11.69 2.02 16.16
C ILE B 219 -12.65 2.54 15.11
N ARG B 220 -12.12 3.22 14.09
CA ARG B 220 -12.96 3.71 13.01
C ARG B 220 -13.71 2.57 12.35
N GLU B 221 -13.01 1.48 12.03
CA GLU B 221 -13.65 0.35 11.37
C GLU B 221 -14.74 -0.26 12.26
N VAL B 222 -14.47 -0.42 13.55
CA VAL B 222 -15.45 -1.05 14.43
C VAL B 222 -16.71 -0.20 14.53
N VAL B 223 -16.53 1.10 14.74
CA VAL B 223 -17.70 1.99 14.84
C VAL B 223 -18.48 1.98 13.53
N SER B 224 -17.77 2.07 12.40
CA SER B 224 -18.43 2.11 11.11
C SER B 224 -19.21 0.83 10.86
N ILE B 225 -18.64 -0.33 11.18
CA ILE B 225 -19.34 -1.58 10.93
C ILE B 225 -20.52 -1.72 11.88
N LYS B 226 -20.41 -1.21 13.11
CA LYS B 226 -21.58 -1.19 13.99
C LYS B 226 -22.73 -0.44 13.34
N ILE B 227 -22.45 0.79 12.88
CA ILE B 227 -23.50 1.58 12.24
C ILE B 227 -24.04 0.85 11.02
N GLU B 228 -23.16 0.30 10.19
CA GLU B 228 -23.58 -0.34 8.96
C GLU B 228 -24.46 -1.55 9.23
N GLU B 229 -24.08 -2.39 10.19
CA GLU B 229 -24.83 -3.61 10.46
C GLU B 229 -26.20 -3.30 11.03
N LEU B 230 -26.25 -2.40 12.02
CA LEU B 230 -27.56 -2.04 12.56
C LEU B 230 -28.43 -1.40 11.50
N GLY B 231 -27.85 -0.55 10.65
CA GLY B 231 -28.61 0.07 9.60
C GLY B 231 -29.12 -0.92 8.57
N ALA B 232 -28.32 -1.96 8.28
CA ALA B 232 -28.77 -2.99 7.35
C ALA B 232 -29.96 -3.75 7.92
N SER B 233 -29.88 -4.14 9.19
CA SER B 233 -31.01 -4.82 9.81
C SER B 233 -32.26 -3.94 9.79
N LEU B 234 -32.10 -2.66 10.15
CA LEU B 234 -33.26 -1.77 10.19
C LEU B 234 -33.81 -1.52 8.79
N LYS B 235 -32.94 -1.43 7.78
CA LYS B 235 -33.39 -1.23 6.42
C LYS B 235 -34.20 -2.43 5.94
N ASP B 236 -33.74 -3.64 6.25
CA ASP B 236 -34.53 -4.81 5.89
C ASP B 236 -35.87 -4.81 6.61
N HIS B 237 -35.87 -4.42 7.90
CA HIS B 237 -37.11 -4.45 8.66
C HIS B 237 -38.12 -3.40 8.16
N PHE B 238 -37.65 -2.20 7.83
CA PHE B 238 -38.52 -1.10 7.45
C PHE B 238 -38.76 -1.01 5.95
N GLN B 239 -38.14 -1.88 5.16
CA GLN B 239 -38.26 -1.82 3.70
C GLN B 239 -37.88 -0.44 3.16
N ILE B 240 -36.80 0.11 3.68
CA ILE B 240 -36.26 1.37 3.17
C ILE B 240 -35.54 1.10 1.86
N ASP B 241 -35.76 1.97 0.88
CA ASP B 241 -35.21 1.74 -0.45
C ASP B 241 -33.72 2.06 -0.50
N GLU B 242 -33.34 3.32 -0.23
CA GLU B 242 -31.98 3.76 -0.36
C GLU B 242 -31.62 4.74 0.74
N PHE B 243 -30.40 4.60 1.26
CA PHE B 243 -29.83 5.57 2.18
C PHE B 243 -29.04 6.60 1.39
N THR B 244 -29.02 7.83 1.90
CA THR B 244 -28.36 8.95 1.26
C THR B 244 -27.23 9.45 2.15
N SER B 245 -26.19 10.00 1.52
CA SER B 245 -25.07 10.56 2.27
C SER B 245 -25.57 11.67 3.17
N VAL B 246 -25.13 11.65 4.43
CA VAL B 246 -25.60 12.63 5.39
C VAL B 246 -25.14 14.03 5.00
N SER B 247 -23.91 14.15 4.50
CA SER B 247 -23.34 15.48 4.29
C SER B 247 -23.94 16.19 3.08
N LEU B 248 -24.35 15.45 2.06
CA LEU B 248 -24.79 16.09 0.83
C LEU B 248 -26.06 16.91 1.08
N PRO B 249 -26.26 18.00 0.34
CA PRO B 249 -27.52 18.74 0.46
C PRO B 249 -28.69 17.92 -0.06
N ALA B 250 -29.87 18.20 0.50
CA ALA B 250 -31.10 17.50 0.13
C ALA B 250 -32.25 18.49 0.18
N GLN B 251 -32.75 18.90 -0.99
CA GLN B 251 -33.90 19.78 -1.06
C GLN B 251 -35.21 19.03 -0.79
N GLU B 252 -35.29 17.77 -1.20
CA GLU B 252 -36.44 16.93 -0.92
C GLU B 252 -36.11 15.98 0.22
N THR B 253 -37.14 15.28 0.71
CA THR B 253 -36.96 14.42 1.88
C THR B 253 -36.15 13.19 1.52
N VAL B 254 -35.13 12.91 2.32
CA VAL B 254 -34.27 11.76 2.14
C VAL B 254 -34.13 11.02 3.46
N THR B 255 -33.87 9.71 3.37
CA THR B 255 -33.62 8.86 4.52
C THR B 255 -32.12 8.71 4.73
N VAL B 256 -31.66 8.97 5.94
CA VAL B 256 -30.25 8.98 6.28
C VAL B 256 -30.02 8.10 7.49
N LEU B 257 -28.98 7.27 7.43
CA LEU B 257 -28.54 6.43 8.53
C LEU B 257 -27.29 7.04 9.16
N GLY B 258 -27.25 7.05 10.49
CA GLY B 258 -26.08 7.60 11.14
C GLY B 258 -26.06 7.27 12.61
N GLN B 259 -25.13 7.92 13.32
CA GLN B 259 -25.06 7.82 14.76
C GLN B 259 -25.04 9.22 15.35
N ILE B 260 -25.66 9.37 16.51
CA ILE B 260 -25.80 10.67 17.16
C ILE B 260 -24.53 10.99 17.93
N GLY B 261 -24.26 12.28 18.08
CA GLY B 261 -23.12 12.74 18.86
C GLY B 261 -23.33 14.18 19.26
N CYS B 262 -22.41 14.66 20.09
CA CYS B 262 -22.43 16.04 20.57
C CYS B 262 -21.33 16.83 19.88
N ASP B 263 -21.66 18.05 19.46
CA ASP B 263 -20.71 18.89 18.74
C ASP B 263 -19.58 19.39 19.61
N SER B 264 -19.66 19.19 20.93
CA SER B 264 -18.64 19.65 21.86
C SER B 264 -18.43 18.57 22.91
N ASN B 265 -17.51 18.82 23.83
CA ASN B 265 -17.12 17.82 24.82
C ASN B 265 -18.07 17.74 26.00
N GLY B 266 -18.98 18.71 26.16
CA GLY B 266 -19.90 18.70 27.28
C GLY B 266 -20.97 17.65 27.16
N LYS B 267 -22.09 17.85 27.85
CA LYS B 267 -23.21 16.92 27.80
C LYS B 267 -24.16 17.32 26.68
N LEU B 268 -24.72 16.32 26.02
CA LEU B 268 -25.56 16.57 24.85
C LEU B 268 -26.79 17.38 25.21
N ASN B 269 -27.14 18.32 24.34
CA ASN B 269 -28.41 19.05 24.45
C ASN B 269 -28.99 19.19 23.06
N SER B 270 -30.25 19.64 23.00
CA SER B 270 -30.99 19.64 21.75
C SER B 270 -30.35 20.53 20.69
N LYS B 271 -29.49 21.47 21.08
CA LYS B 271 -28.86 22.38 20.15
C LYS B 271 -27.43 21.99 19.81
N SER B 272 -26.97 20.83 20.27
CA SER B 272 -25.60 20.38 20.06
C SER B 272 -25.55 18.98 19.45
N VAL B 273 -26.58 18.61 18.72
CA VAL B 273 -26.68 17.26 18.18
C VAL B 273 -26.08 17.25 16.78
N ILE B 274 -25.24 16.27 16.50
CA ILE B 274 -24.68 16.05 15.18
C ILE B 274 -24.90 14.59 14.81
N LEU B 275 -25.06 14.35 13.51
CA LEU B 275 -25.24 13.01 12.98
C LEU B 275 -24.02 12.67 12.14
N GLU B 276 -23.36 11.58 12.48
CA GLU B 276 -22.17 11.13 11.78
C GLU B 276 -22.53 9.87 11.01
N GLY B 277 -22.31 9.91 9.70
CA GLY B 277 -22.64 8.78 8.86
C GLY B 277 -21.54 7.74 8.83
N ASP B 278 -21.88 6.60 8.26
CA ASP B 278 -20.93 5.51 8.13
C ASP B 278 -20.06 5.71 6.90
N ARG B 279 -19.02 4.88 6.80
CA ARG B 279 -18.09 4.98 5.68
C ARG B 279 -18.74 4.58 4.36
N GLU B 280 -19.70 3.65 4.40
CA GLU B 280 -20.26 3.13 3.16
C GLU B 280 -21.12 4.16 2.46
N HIS B 281 -21.95 4.90 3.20
CA HIS B 281 -22.92 5.79 2.59
C HIS B 281 -22.55 7.26 2.71
N SER B 282 -21.65 7.63 3.61
CA SER B 282 -21.34 9.03 3.85
C SER B 282 -19.86 9.35 3.98
N ALA B 283 -18.97 8.38 3.80
CA ALA B 283 -17.53 8.61 3.95
C ALA B 283 -17.19 9.13 5.34
N GLY B 284 -18.01 8.79 6.34
CA GLY B 284 -17.78 9.21 7.70
C GLY B 284 -18.05 10.66 8.00
N MET B 285 -18.72 11.38 7.11
CA MET B 285 -18.94 12.81 7.30
C MET B 285 -20.03 13.06 8.34
N GLN B 286 -19.92 14.20 9.02
CA GLN B 286 -20.88 14.63 10.01
C GLN B 286 -21.76 15.75 9.46
N VAL B 287 -22.86 16.00 10.17
CA VAL B 287 -23.73 17.12 9.84
C VAL B 287 -24.45 17.58 11.09
N PRO B 288 -24.57 18.88 11.35
CA PRO B 288 -25.42 19.34 12.46
C PRO B 288 -26.88 18.96 12.23
N VAL B 289 -27.59 18.76 13.33
CA VAL B 289 -28.99 18.36 13.30
C VAL B 289 -29.84 19.43 13.98
N ASP B 290 -30.97 19.76 13.36
CA ASP B 290 -31.91 20.74 13.88
C ASP B 290 -33.19 20.00 14.25
N LEU B 291 -33.47 19.92 15.56
CA LEU B 291 -34.59 19.13 16.07
C LEU B 291 -35.85 19.97 16.24
N SER B 292 -36.02 21.03 15.45
CA SER B 292 -37.19 21.88 15.61
C SER B 292 -38.44 21.26 15.00
N GLU B 293 -38.29 20.46 13.95
CA GLU B 293 -39.43 19.86 13.25
C GLU B 293 -39.75 18.46 13.73
N LEU B 294 -39.00 17.93 14.69
CA LEU B 294 -39.27 16.61 15.25
C LEU B 294 -40.14 16.77 16.49
N LYS B 295 -41.34 16.16 16.45
CA LYS B 295 -42.28 16.34 17.56
C LYS B 295 -41.90 15.50 18.77
N ASP B 296 -41.39 14.28 18.55
CA ASP B 296 -41.04 13.39 19.64
C ASP B 296 -39.73 12.70 19.31
N TYR B 297 -38.81 12.67 20.28
CA TYR B 297 -37.51 12.06 20.05
C TYR B 297 -36.88 11.69 21.38
N SER B 298 -35.92 10.78 21.31
CA SER B 298 -35.10 10.40 22.46
C SER B 298 -33.75 9.96 21.93
N LEU B 299 -32.72 10.77 22.14
CA LEU B 299 -31.43 10.59 21.51
C LEU B 299 -30.33 10.57 22.56
N PHE B 300 -29.36 9.68 22.38
CA PHE B 300 -28.16 9.66 23.19
C PHE B 300 -26.96 9.48 22.27
N PRO B 301 -25.78 9.96 22.67
CA PRO B 301 -24.61 9.81 21.81
C PRO B 301 -24.29 8.35 21.55
N GLY B 302 -23.85 8.06 20.33
CA GLY B 302 -23.58 6.69 19.93
C GLY B 302 -24.80 5.92 19.49
N GLN B 303 -25.96 6.55 19.40
CA GLN B 303 -27.19 5.88 19.03
C GLN B 303 -27.29 5.81 17.52
N VAL B 304 -27.42 4.59 16.99
CA VAL B 304 -27.59 4.42 15.55
C VAL B 304 -29.05 4.66 15.22
N VAL B 305 -29.29 5.61 14.32
CA VAL B 305 -30.64 6.06 13.99
C VAL B 305 -30.80 6.15 12.48
N ILE B 306 -32.05 6.03 12.06
CA ILE B 306 -32.48 6.31 10.69
C ILE B 306 -33.49 7.45 10.76
N MET B 307 -33.26 8.49 9.98
CA MET B 307 -34.11 9.66 10.00
C MET B 307 -34.49 10.07 8.59
N GLU B 308 -35.73 10.48 8.42
CA GLU B 308 -36.19 11.16 7.20
C GLU B 308 -36.12 12.66 7.45
N GLY B 309 -35.42 13.36 6.56
CA GLY B 309 -35.25 14.79 6.72
C GLY B 309 -34.74 15.44 5.46
N THR B 310 -34.55 16.76 5.54
CA THR B 310 -34.09 17.57 4.44
C THR B 310 -32.92 18.43 4.87
N ASN B 311 -32.03 18.70 3.92
CA ASN B 311 -30.85 19.54 4.13
C ASN B 311 -30.81 20.58 3.02
N SER B 312 -31.53 21.69 3.21
CA SER B 312 -31.67 22.68 2.14
C SER B 312 -30.40 23.51 1.99
N THR B 313 -29.74 23.83 3.09
CA THR B 313 -28.54 24.64 3.07
C THR B 313 -27.27 23.81 2.91
N GLY B 314 -27.38 22.48 2.92
CA GLY B 314 -26.19 21.66 2.85
C GLY B 314 -25.34 21.71 4.09
N ARG B 315 -25.81 22.38 5.14
CA ARG B 315 -25.03 22.61 6.33
C ARG B 315 -25.76 22.22 7.61
N ARG B 316 -27.07 21.96 7.55
CA ARG B 316 -27.86 21.63 8.72
C ARG B 316 -28.95 20.66 8.32
N PHE B 317 -28.91 19.45 8.88
CA PHE B 317 -29.93 18.45 8.59
C PHE B 317 -31.14 18.70 9.48
N VAL B 318 -32.32 18.67 8.89
CA VAL B 318 -33.55 18.91 9.64
C VAL B 318 -34.38 17.62 9.60
N PRO B 319 -34.32 16.78 10.62
CA PRO B 319 -35.13 15.57 10.62
C PRO B 319 -36.62 15.89 10.68
N THR B 320 -37.41 15.09 9.98
CA THR B 320 -38.85 15.12 10.09
C THR B 320 -39.45 13.83 10.63
N LYS B 321 -38.73 12.71 10.50
CA LYS B 321 -39.14 11.45 11.12
C LYS B 321 -37.92 10.76 11.70
N LEU B 322 -38.08 10.24 12.91
CA LEU B 322 -37.06 9.42 13.56
C LEU B 322 -37.63 8.02 13.69
N TYR B 323 -37.05 7.10 12.92
CA TYR B 323 -37.54 5.72 12.94
C TYR B 323 -37.33 5.12 14.31
N GLU B 324 -38.31 4.33 14.76
CA GLU B 324 -38.22 3.69 16.06
C GLU B 324 -37.21 2.54 16.01
N GLY B 325 -36.78 2.14 17.19
CA GLY B 325 -35.90 1.00 17.30
C GLY B 325 -36.64 -0.31 17.12
N VAL B 326 -35.89 -1.34 16.76
CA VAL B 326 -36.42 -2.68 16.55
C VAL B 326 -35.64 -3.64 17.44
N PRO B 327 -36.22 -4.09 18.55
CA PRO B 327 -35.52 -5.03 19.41
C PRO B 327 -35.40 -6.39 18.76
N LEU B 328 -34.40 -7.15 19.20
CA LEU B 328 -34.23 -8.49 18.70
C LEU B 328 -35.36 -9.39 19.20
N PRO B 329 -35.68 -10.45 18.48
CA PRO B 329 -36.70 -11.39 18.97
C PRO B 329 -36.24 -12.10 20.23
N PHE B 330 -37.21 -12.47 21.05
CA PHE B 330 -36.91 -13.24 22.25
C PHE B 330 -36.44 -14.63 21.86
N HIS B 331 -35.99 -15.38 22.86
CA HIS B 331 -35.50 -16.73 22.64
C HIS B 331 -36.69 -17.70 22.64
N GLN B 332 -36.66 -18.63 21.70
CA GLN B 332 -37.67 -19.69 21.62
C GLN B 332 -37.10 -20.92 22.31
N PRO B 333 -37.42 -21.17 23.57
CA PRO B 333 -36.76 -22.28 24.28
C PRO B 333 -37.14 -23.64 23.70
N SER B 334 -36.19 -24.57 23.79
CA SER B 334 -36.44 -25.94 23.41
C SER B 334 -37.25 -26.65 24.51
N LYS B 335 -37.83 -27.78 24.14
CA LYS B 335 -38.64 -28.55 25.08
C LYS B 335 -37.80 -29.31 26.10
N GLU B 336 -36.47 -29.32 25.95
CA GLU B 336 -35.63 -30.09 26.89
C GLU B 336 -35.88 -29.68 28.33
N PHE B 337 -36.23 -28.42 28.57
CA PHE B 337 -36.45 -27.91 29.92
C PHE B 337 -37.92 -27.66 30.22
N GLU B 338 -38.83 -28.31 29.47
CA GLU B 338 -40.25 -28.11 29.71
C GLU B 338 -40.67 -28.63 31.06
N GLU B 339 -40.08 -29.72 31.52
CA GLU B 339 -40.47 -30.36 32.77
C GLU B 339 -39.67 -29.88 33.98
N CYS B 340 -38.70 -28.98 33.78
CA CYS B 340 -37.92 -28.50 34.90
C CYS B 340 -38.76 -27.56 35.77
N PRO B 341 -38.52 -27.53 37.08
CA PRO B 341 -39.30 -26.65 37.95
C PRO B 341 -38.82 -25.21 37.84
N GLN B 342 -39.57 -24.32 38.49
CA GLN B 342 -39.18 -22.92 38.55
C GLN B 342 -37.88 -22.79 39.34
N GLN B 343 -37.04 -21.86 38.90
CA GLN B 343 -35.72 -21.65 39.49
C GLN B 343 -35.67 -20.33 40.22
N MET B 344 -34.99 -20.32 41.36
CA MET B 344 -34.85 -19.13 42.19
C MET B 344 -33.46 -18.54 41.98
N VAL B 345 -33.41 -17.23 41.75
CA VAL B 345 -32.17 -16.52 41.50
C VAL B 345 -32.09 -15.35 42.47
N ILE B 346 -31.00 -15.28 43.22
CA ILE B 346 -30.70 -14.15 44.10
C ILE B 346 -29.54 -13.39 43.46
N THR B 347 -29.75 -12.11 43.17
CA THR B 347 -28.74 -11.28 42.53
C THR B 347 -28.38 -10.13 43.43
N ALA B 348 -27.07 -9.90 43.60
CA ALA B 348 -26.57 -8.78 44.37
C ALA B 348 -25.37 -8.18 43.66
N CYS B 349 -25.16 -6.87 43.89
CA CYS B 349 -24.10 -6.12 43.26
C CYS B 349 -23.28 -5.40 44.32
N GLY B 350 -22.00 -5.21 44.04
CA GLY B 350 -21.12 -4.54 44.95
C GLY B 350 -21.39 -3.05 45.00
N PRO B 351 -20.75 -2.34 45.94
CA PRO B 351 -19.79 -2.82 46.93
C PRO B 351 -20.40 -3.72 48.00
N PHE B 352 -19.61 -4.64 48.54
CA PHE B 352 -20.08 -5.61 49.52
C PHE B 352 -19.68 -5.28 50.94
N THR B 353 -18.81 -4.28 51.13
CA THR B 353 -18.39 -3.86 52.44
C THR B 353 -18.73 -2.39 52.65
N THR B 354 -18.89 -2.01 53.91
CA THR B 354 -19.21 -0.64 54.25
C THR B 354 -18.05 0.27 53.88
N SER B 355 -18.34 1.57 53.74
CA SER B 355 -17.33 2.50 53.28
C SER B 355 -16.13 2.55 54.21
N ASP B 356 -16.35 2.33 55.51
CA ASP B 356 -15.31 2.47 56.51
C ASP B 356 -14.82 1.12 57.05
N THR B 357 -15.16 0.02 56.40
CA THR B 357 -14.74 -1.30 56.87
C THR B 357 -14.32 -2.14 55.68
N ILE B 358 -13.55 -3.19 55.97
CA ILE B 358 -13.07 -4.11 54.95
C ILE B 358 -13.40 -5.53 55.37
N THR B 359 -14.44 -5.68 56.20
CA THR B 359 -14.78 -6.97 56.79
C THR B 359 -15.86 -7.71 56.01
N TYR B 360 -16.55 -7.06 55.08
CA TYR B 360 -17.58 -7.70 54.27
C TYR B 360 -18.71 -8.23 55.16
N ASP B 361 -19.33 -7.31 55.90
CA ASP B 361 -20.46 -7.67 56.74
C ASP B 361 -21.71 -7.90 55.90
N ALA B 362 -21.96 -7.03 54.93
CA ALA B 362 -23.13 -7.22 54.07
C ALA B 362 -23.03 -8.51 53.30
N LEU B 363 -21.82 -8.86 52.87
CA LEU B 363 -21.63 -10.14 52.18
C LEU B 363 -21.96 -11.30 53.10
N LYS B 364 -21.56 -11.23 54.36
CA LYS B 364 -21.89 -12.30 55.30
C LYS B 364 -23.40 -12.41 55.49
N ASP B 365 -24.09 -11.29 55.61
CA ASP B 365 -25.54 -11.33 55.73
C ASP B 365 -26.18 -11.95 54.48
N LEU B 366 -25.68 -11.58 53.30
CA LEU B 366 -26.23 -12.14 52.07
C LEU B 366 -25.96 -13.63 51.97
N ILE B 367 -24.79 -14.08 52.40
CA ILE B 367 -24.49 -15.51 52.39
C ILE B 367 -25.41 -16.25 53.35
N ASP B 368 -25.70 -15.65 54.51
CA ASP B 368 -26.66 -16.25 55.42
C ASP B 368 -28.03 -16.36 54.76
N ILE B 369 -28.44 -15.31 54.06
CA ILE B 369 -29.72 -15.35 53.34
C ILE B 369 -29.71 -16.46 52.30
N VAL B 370 -28.59 -16.62 51.59
CA VAL B 370 -28.51 -17.65 50.56
C VAL B 370 -28.67 -19.03 51.17
N ASN B 371 -27.94 -19.30 52.25
CA ASN B 371 -28.05 -20.60 52.90
C ASN B 371 -29.44 -20.80 53.48
N ARG B 372 -30.10 -19.73 53.92
CA ARG B 372 -31.44 -19.85 54.47
C ARG B 372 -32.45 -20.18 53.39
N ASP B 373 -32.41 -19.47 52.26
CA ASP B 373 -33.41 -19.62 51.22
C ASP B 373 -33.05 -20.69 50.19
N ARG B 374 -31.78 -21.08 50.12
CA ARG B 374 -31.32 -22.10 49.19
C ARG B 374 -31.78 -21.78 47.75
N PRO B 375 -31.29 -20.69 47.17
CA PRO B 375 -31.62 -20.38 45.78
C PRO B 375 -30.90 -21.32 44.83
N ASP B 376 -31.40 -21.33 43.58
CA ASP B 376 -30.78 -22.15 42.55
C ASP B 376 -29.59 -21.46 41.92
N ILE B 377 -29.62 -20.14 41.79
CA ILE B 377 -28.49 -19.38 41.27
C ILE B 377 -28.29 -18.13 42.10
N CYS B 378 -27.02 -17.79 42.34
CA CYS B 378 -26.64 -16.55 43.01
C CYS B 378 -25.73 -15.78 42.07
N ILE B 379 -26.20 -14.63 41.58
CA ILE B 379 -25.45 -13.80 40.66
C ILE B 379 -24.84 -12.66 41.45
N LEU B 380 -23.52 -12.67 41.59
CA LEU B 380 -22.80 -11.64 42.31
C LEU B 380 -22.02 -10.79 41.31
N LEU B 381 -22.33 -9.50 41.28
CA LEU B 381 -21.68 -8.55 40.39
C LEU B 381 -20.74 -7.66 41.17
N GLY B 382 -19.62 -7.29 40.56
CA GLY B 382 -18.62 -6.52 41.23
C GLY B 382 -19.08 -5.10 41.49
N PRO B 383 -18.21 -4.31 42.13
CA PRO B 383 -16.85 -4.65 42.57
C PRO B 383 -16.82 -5.51 43.81
N PHE B 384 -15.80 -6.36 43.94
CA PHE B 384 -15.57 -7.13 45.14
C PHE B 384 -14.47 -6.54 46.00
N LEU B 385 -13.55 -5.78 45.39
CA LEU B 385 -12.57 -4.97 46.11
C LEU B 385 -12.61 -3.61 45.40
N ASP B 386 -13.48 -2.73 45.89
CA ASP B 386 -13.74 -1.48 45.18
C ASP B 386 -12.49 -0.60 45.14
N ALA B 387 -12.28 0.01 43.98
CA ALA B 387 -11.15 0.92 43.83
C ALA B 387 -11.41 2.25 44.51
N LYS B 388 -12.67 2.63 44.66
CA LYS B 388 -13.06 3.90 45.27
C LYS B 388 -13.21 3.78 46.78
N HIS B 389 -13.04 2.60 47.34
CA HIS B 389 -13.08 2.44 48.79
C HIS B 389 -12.04 3.35 49.43
N GLU B 390 -12.43 4.09 50.46
CA GLU B 390 -11.54 5.08 51.04
C GLU B 390 -10.25 4.45 51.53
N GLN B 391 -10.33 3.23 52.06
CA GLN B 391 -9.12 2.55 52.51
C GLN B 391 -8.20 2.21 51.35
N ILE B 392 -8.76 1.84 50.21
CA ILE B 392 -7.95 1.43 49.07
C ILE B 392 -7.21 2.63 48.48
N GLU B 393 -7.89 3.75 48.31
CA GLU B 393 -7.28 4.89 47.62
C GLU B 393 -6.13 5.47 48.42
N ASN B 394 -6.29 5.59 49.74
CA ASN B 394 -5.29 6.22 50.59
C ASN B 394 -4.20 5.27 51.05
N LEU B 395 -4.20 4.02 50.57
CA LEU B 395 -3.15 3.05 50.86
C LEU B 395 -3.01 2.83 52.36
N GLN B 396 -4.09 2.33 52.96
CA GLN B 396 -4.09 1.92 54.35
C GLN B 396 -4.18 0.42 54.51
N LEU B 397 -4.26 -0.33 53.43
CA LEU B 397 -4.38 -1.78 53.49
C LEU B 397 -3.02 -2.40 53.78
N THR B 398 -3.00 -3.34 54.72
CA THR B 398 -1.78 -4.02 55.11
C THR B 398 -1.55 -5.31 54.32
N VAL B 399 -2.47 -5.68 53.43
CA VAL B 399 -2.34 -6.88 52.62
C VAL B 399 -2.58 -6.52 51.17
N THR B 400 -2.02 -7.32 50.26
CA THR B 400 -2.13 -7.05 48.84
C THR B 400 -3.58 -7.16 48.39
N PHE B 401 -3.88 -6.48 47.27
CA PHE B 401 -5.23 -6.53 46.73
C PHE B 401 -5.65 -7.95 46.41
N GLU B 402 -4.75 -8.71 45.79
CA GLU B 402 -5.07 -10.09 45.42
C GLU B 402 -5.44 -10.91 46.65
N ASP B 403 -4.77 -10.68 47.77
CA ASP B 403 -5.07 -11.44 48.98
C ASP B 403 -6.47 -11.12 49.50
N VAL B 404 -6.85 -9.84 49.51
CA VAL B 404 -8.20 -9.49 49.96
C VAL B 404 -9.23 -10.10 49.04
N PHE B 405 -9.02 -10.02 47.73
CA PHE B 405 -9.99 -10.59 46.80
C PHE B 405 -10.08 -12.10 46.95
N LYS B 406 -8.94 -12.76 47.17
CA LYS B 406 -8.95 -14.20 47.39
C LYS B 406 -9.73 -14.55 48.65
N ARG B 407 -9.54 -13.78 49.71
CA ARG B 407 -10.31 -14.01 50.94
C ARG B 407 -11.80 -13.85 50.69
N CYS B 408 -12.18 -12.80 49.94
CA CYS B 408 -13.59 -12.58 49.66
C CYS B 408 -14.18 -13.74 48.87
N LEU B 409 -13.48 -14.19 47.84
CA LEU B 409 -13.99 -15.28 47.03
C LEU B 409 -14.07 -16.57 47.81
N LYS B 410 -13.08 -16.84 48.67
CA LYS B 410 -13.16 -18.01 49.52
C LYS B 410 -14.36 -17.93 50.44
N MET B 411 -14.59 -16.77 51.05
CA MET B 411 -15.77 -16.59 51.89
C MET B 411 -17.03 -16.91 51.12
N ILE B 412 -17.17 -16.35 49.91
CA ILE B 412 -18.38 -16.56 49.13
C ILE B 412 -18.56 -18.04 48.81
N ILE B 413 -17.52 -18.68 48.29
CA ILE B 413 -17.67 -20.03 47.77
C ILE B 413 -17.86 -21.02 48.92
N GLU B 414 -17.01 -20.96 49.94
CA GLU B 414 -17.11 -21.89 51.05
C GLU B 414 -18.40 -21.68 51.84
N GLY B 415 -18.81 -20.43 52.04
CA GLY B 415 -20.01 -20.15 52.80
C GLY B 415 -21.28 -20.62 52.13
N THR B 416 -21.27 -20.75 50.81
CA THR B 416 -22.44 -21.21 50.07
C THR B 416 -22.48 -22.72 49.90
N ARG B 417 -21.51 -23.43 50.47
CA ARG B 417 -21.50 -24.89 50.34
C ARG B 417 -22.80 -25.51 50.83
N PRO B 418 -23.34 -25.15 51.99
CA PRO B 418 -24.61 -25.77 52.42
C PRO B 418 -25.75 -25.55 51.43
N SER B 419 -25.79 -24.40 50.77
CA SER B 419 -26.89 -24.12 49.86
C SER B 419 -26.78 -24.89 48.55
N GLY B 420 -25.57 -25.28 48.15
CA GLY B 420 -25.40 -25.94 46.87
C GLY B 420 -25.86 -25.10 45.70
N CYS B 421 -25.62 -23.80 45.75
CA CYS B 421 -26.17 -22.86 44.77
C CYS B 421 -25.12 -22.50 43.74
N HIS B 422 -25.50 -22.55 42.47
CA HIS B 422 -24.60 -22.14 41.39
C HIS B 422 -24.28 -20.65 41.50
N LEU B 423 -23.00 -20.34 41.67
CA LEU B 423 -22.55 -18.96 41.80
C LEU B 423 -22.06 -18.45 40.45
N VAL B 424 -22.56 -17.29 40.04
CA VAL B 424 -22.15 -16.63 38.81
C VAL B 424 -21.50 -15.31 39.21
N ILE B 425 -20.18 -15.21 39.05
CA ILE B 425 -19.41 -14.05 39.47
C ILE B 425 -19.10 -13.20 38.26
N VAL B 426 -19.52 -11.94 38.29
CA VAL B 426 -19.32 -10.99 37.19
C VAL B 426 -18.36 -9.90 37.67
N PRO B 427 -17.25 -9.66 36.98
CA PRO B 427 -16.33 -8.61 37.41
C PRO B 427 -16.88 -7.22 37.14
N SER B 428 -16.25 -6.24 37.77
CA SER B 428 -16.63 -4.84 37.62
C SER B 428 -15.40 -4.02 37.27
N LEU B 429 -15.62 -2.92 36.57
CA LEU B 429 -14.52 -2.03 36.24
C LEU B 429 -13.91 -1.39 37.47
N ARG B 430 -14.61 -1.43 38.61
CA ARG B 430 -14.09 -0.89 39.85
C ARG B 430 -13.27 -1.90 40.65
N ASP B 431 -13.11 -3.11 40.13
CA ASP B 431 -12.27 -4.12 40.79
C ASP B 431 -10.81 -3.71 40.68
N VAL B 432 -10.23 -3.27 41.79
CA VAL B 432 -8.87 -2.73 41.78
C VAL B 432 -7.85 -3.80 41.42
N HIS B 433 -8.19 -5.09 41.55
CA HIS B 433 -7.24 -6.16 41.34
C HIS B 433 -7.30 -6.76 39.94
N HIS B 434 -8.25 -6.36 39.11
CA HIS B 434 -8.47 -6.98 37.81
C HIS B 434 -8.08 -6.03 36.69
N ASP B 435 -8.03 -6.59 35.49
CA ASP B 435 -7.63 -5.82 34.31
C ASP B 435 -8.66 -4.74 34.02
N PRO B 436 -8.27 -3.46 33.95
CA PRO B 436 -9.25 -2.40 33.69
C PRO B 436 -9.52 -2.18 32.21
N VAL B 437 -10.38 -3.03 31.65
CA VAL B 437 -10.72 -2.97 30.23
C VAL B 437 -12.12 -3.55 30.06
N TYR B 438 -12.86 -2.98 29.12
CA TYR B 438 -14.21 -3.42 28.81
C TYR B 438 -14.28 -3.81 27.34
N PRO B 439 -14.87 -4.96 26.98
CA PRO B 439 -15.48 -6.00 27.83
C PRO B 439 -14.48 -6.65 28.77
N GLN B 440 -14.84 -6.83 30.03
CA GLN B 440 -13.92 -7.34 31.03
C GLN B 440 -13.83 -8.86 30.93
N PRO B 441 -12.64 -9.43 30.85
CA PRO B 441 -12.53 -10.89 30.88
C PRO B 441 -12.91 -11.43 32.25
N PRO B 442 -13.21 -12.73 32.35
CA PRO B 442 -13.58 -13.30 33.65
C PRO B 442 -12.40 -13.31 34.61
N PHE B 443 -12.73 -13.42 35.89
CA PHE B 443 -11.70 -13.61 36.90
C PHE B 443 -10.96 -14.91 36.67
N SER B 444 -9.65 -14.90 36.88
CA SER B 444 -8.84 -16.09 36.66
C SER B 444 -7.78 -16.30 37.74
N CYS B 445 -7.84 -15.56 38.85
CA CYS B 445 -6.85 -15.69 39.91
C CYS B 445 -7.26 -16.66 41.00
N PHE B 446 -8.44 -17.27 40.92
CA PHE B 446 -8.94 -18.16 41.94
C PHE B 446 -9.28 -19.51 41.34
N GLU B 447 -8.80 -20.58 41.97
CA GLU B 447 -9.11 -21.93 41.53
C GLU B 447 -10.04 -22.58 42.55
N PRO B 448 -11.32 -22.76 42.26
CA PRO B 448 -12.21 -23.39 43.24
C PRO B 448 -11.79 -24.82 43.53
N ALA B 449 -12.05 -25.26 44.76
CA ALA B 449 -11.78 -26.63 45.13
C ALA B 449 -12.54 -27.59 44.22
N LYS B 450 -12.12 -28.85 44.24
CA LYS B 450 -12.74 -29.85 43.38
C LYS B 450 -14.22 -30.02 43.68
N GLU B 451 -14.67 -29.67 44.88
CA GLU B 451 -16.06 -29.82 45.27
C GLU B 451 -16.91 -28.62 44.90
N ASP B 452 -16.31 -27.57 44.33
CA ASP B 452 -17.05 -26.37 43.95
C ASP B 452 -16.82 -25.98 42.50
N LYS B 453 -16.10 -26.80 41.72
CA LYS B 453 -15.82 -26.45 40.35
C LYS B 453 -17.09 -26.35 39.52
N GLU B 454 -18.02 -27.30 39.70
CA GLU B 454 -19.25 -27.31 38.92
C GLU B 454 -20.25 -26.26 39.37
N ARG B 455 -20.01 -25.60 40.50
CA ARG B 455 -20.94 -24.63 41.05
C ARG B 455 -20.58 -23.19 40.72
N VAL B 456 -19.29 -22.90 40.54
CA VAL B 456 -18.81 -21.54 40.34
C VAL B 456 -18.61 -21.29 38.86
N HIS B 457 -19.14 -20.18 38.38
CA HIS B 457 -19.03 -19.76 36.99
C HIS B 457 -18.43 -18.36 36.97
N PHE B 458 -17.17 -18.26 36.57
CA PHE B 458 -16.51 -16.98 36.39
C PHE B 458 -16.83 -16.53 34.98
N VAL B 459 -17.74 -15.58 34.84
CA VAL B 459 -18.20 -15.11 33.55
C VAL B 459 -17.65 -13.73 33.27
N ALA B 460 -17.85 -13.26 32.05
CA ALA B 460 -17.33 -11.98 31.59
C ALA B 460 -18.40 -10.90 31.70
N ASP B 461 -17.94 -9.65 31.73
CA ASP B 461 -18.82 -8.50 31.72
C ASP B 461 -18.84 -7.92 30.31
N PRO B 462 -19.99 -7.91 29.61
CA PRO B 462 -21.32 -8.37 29.98
C PRO B 462 -21.48 -9.87 29.82
N CYS B 463 -22.55 -10.46 30.34
CA CYS B 463 -22.78 -11.89 30.19
C CYS B 463 -24.23 -12.15 29.80
N THR B 464 -24.41 -13.13 28.91
CA THR B 464 -25.72 -13.67 28.57
C THR B 464 -25.72 -15.12 29.04
N LEU B 465 -26.52 -15.41 30.04
CA LEU B 465 -26.55 -16.71 30.69
C LEU B 465 -27.83 -17.44 30.30
N SER B 466 -27.74 -18.77 30.16
CA SER B 466 -28.90 -19.62 29.94
C SER B 466 -29.09 -20.49 31.16
N VAL B 467 -30.28 -20.40 31.76
CA VAL B 467 -30.65 -21.12 32.97
C VAL B 467 -31.92 -21.89 32.64
N ASN B 468 -31.77 -23.16 32.29
CA ASN B 468 -32.92 -23.99 31.92
C ASN B 468 -33.73 -23.32 30.82
N GLY B 469 -33.03 -22.72 29.85
CA GLY B 469 -33.67 -22.07 28.74
C GLY B 469 -33.99 -20.61 28.93
N VAL B 470 -33.96 -20.11 30.16
CA VAL B 470 -34.21 -18.70 30.41
C VAL B 470 -32.93 -17.92 30.16
N VAL B 471 -33.03 -16.90 29.32
CA VAL B 471 -31.88 -16.07 28.96
C VAL B 471 -31.86 -14.86 29.89
N ILE B 472 -30.78 -14.73 30.65
CA ILE B 472 -30.58 -13.60 31.56
C ILE B 472 -29.41 -12.79 31.05
N GLY B 473 -29.65 -11.52 30.75
CA GLY B 473 -28.56 -10.61 30.45
C GLY B 473 -28.15 -9.88 31.71
N MET B 474 -26.85 -9.68 31.86
CA MET B 474 -26.34 -9.00 33.04
C MET B 474 -25.09 -8.22 32.68
N THR B 475 -24.93 -7.08 33.34
CA THR B 475 -23.73 -6.27 33.21
C THR B 475 -23.48 -5.58 34.54
N SER B 476 -22.22 -5.54 34.95
CA SER B 476 -21.84 -4.81 36.14
C SER B 476 -21.79 -3.31 35.89
N THR B 477 -21.57 -2.90 34.65
CA THR B 477 -21.45 -1.49 34.33
C THR B 477 -22.74 -0.74 34.63
N ASP B 478 -22.61 0.46 35.17
CA ASP B 478 -23.76 1.30 35.49
C ASP B 478 -24.22 1.99 34.20
N LEU B 479 -24.94 1.23 33.39
CA LEU B 479 -25.39 1.73 32.10
C LEU B 479 -26.36 2.89 32.26
N LEU B 480 -27.30 2.78 33.20
CA LEU B 480 -28.32 3.80 33.36
C LEU B 480 -27.73 5.13 33.79
N PHE B 481 -26.78 5.12 34.71
CA PHE B 481 -26.13 6.35 35.12
C PHE B 481 -25.34 6.96 33.96
N HIS B 482 -24.65 6.12 33.21
CA HIS B 482 -23.85 6.59 32.08
C HIS B 482 -24.72 7.25 31.01
N MET B 483 -25.85 6.64 30.68
CA MET B 483 -26.68 7.15 29.60
C MET B 483 -27.66 8.22 30.05
N GLY B 484 -28.08 8.21 31.31
CA GLY B 484 -28.93 9.27 31.82
C GLY B 484 -28.27 10.63 31.77
N ALA B 485 -26.95 10.67 31.91
CA ALA B 485 -26.23 11.94 31.85
C ALA B 485 -26.15 12.51 30.45
N GLU B 486 -26.52 11.74 29.43
CA GLU B 486 -26.38 12.17 28.04
C GLU B 486 -27.66 12.08 27.23
N GLU B 487 -28.68 11.36 27.68
CA GLU B 487 -29.89 11.21 26.90
C GLU B 487 -30.71 12.50 26.92
N ILE B 488 -31.17 12.92 25.74
CA ILE B 488 -32.04 14.08 25.60
C ILE B 488 -33.36 13.60 25.01
N SER B 489 -34.46 14.09 25.56
CA SER B 489 -35.80 13.67 25.16
C SER B 489 -36.67 14.89 24.94
N SER B 490 -37.69 14.72 24.08
CA SER B 490 -38.60 15.82 23.80
C SER B 490 -39.50 16.12 25.01
N SER B 491 -39.90 15.08 25.73
CA SER B 491 -40.76 15.26 26.90
C SER B 491 -40.35 14.31 28.03
N ASP B 496 -41.29 7.22 31.40
CA ASP B 496 -40.23 7.05 32.40
C ASP B 496 -38.87 7.06 31.74
N ARG B 497 -37.97 7.89 32.27
CA ARG B 497 -36.65 8.06 31.66
C ARG B 497 -35.88 6.75 31.66
N PHE B 498 -35.92 6.02 32.78
CA PHE B 498 -35.21 4.75 32.87
C PHE B 498 -35.77 3.75 31.87
N SER B 499 -37.09 3.72 31.69
CA SER B 499 -37.67 2.83 30.69
C SER B 499 -37.20 3.20 29.29
N ARG B 500 -37.11 4.49 28.99
CA ARG B 500 -36.59 4.92 27.70
C ARG B 500 -35.16 4.45 27.49
N ILE B 501 -34.33 4.61 28.52
CA ILE B 501 -32.93 4.22 28.39
C ILE B 501 -32.81 2.70 28.21
N LEU B 502 -33.62 1.94 28.96
CA LEU B 502 -33.59 0.49 28.84
C LEU B 502 -34.04 0.04 27.46
N ARG B 503 -35.08 0.66 26.93
CA ARG B 503 -35.52 0.36 25.57
C ARG B 503 -34.44 0.72 24.57
N HIS B 504 -33.73 1.82 24.79
CA HIS B 504 -32.63 2.18 23.92
C HIS B 504 -31.56 1.08 23.92
N ILE B 505 -31.23 0.58 25.11
CA ILE B 505 -30.22 -0.47 25.20
C ILE B 505 -30.69 -1.71 24.45
N LEU B 506 -31.95 -2.09 24.64
CA LEU B 506 -32.46 -3.30 23.99
C LEU B 506 -32.53 -3.13 22.48
N THR B 507 -32.92 -1.96 22.00
CA THR B 507 -33.08 -1.74 20.56
C THR B 507 -31.75 -1.58 19.85
N GLN B 508 -30.74 -0.99 20.51
CA GLN B 508 -29.43 -0.89 19.91
C GLN B 508 -28.72 -2.23 19.85
N ARG B 509 -29.19 -3.21 20.64
CA ARG B 509 -28.67 -4.57 20.60
C ARG B 509 -27.23 -4.64 21.07
N SER B 510 -26.82 -3.72 21.93
CA SER B 510 -25.48 -3.74 22.52
C SER B 510 -25.59 -3.50 24.01
N TYR B 511 -24.72 -4.16 24.78
CA TYR B 511 -24.67 -3.92 26.21
C TYR B 511 -24.01 -2.61 26.58
N TYR B 512 -23.42 -1.90 25.63
CA TYR B 512 -22.87 -0.57 25.89
C TYR B 512 -22.90 0.22 24.59
N PRO B 513 -24.03 0.83 24.26
CA PRO B 513 -24.16 1.60 23.03
C PRO B 513 -23.70 3.04 23.10
N LEU B 514 -23.18 3.49 24.24
CA LEU B 514 -22.82 4.89 24.41
C LEU B 514 -21.45 5.14 23.78
N TYR B 515 -21.37 6.17 22.93
CA TYR B 515 -20.12 6.56 22.31
C TYR B 515 -20.03 8.07 22.17
N PRO B 516 -19.00 8.72 22.72
CA PRO B 516 -17.90 8.17 23.52
C PRO B 516 -18.40 7.66 24.86
N PRO B 517 -17.71 6.71 25.47
CA PRO B 517 -18.19 6.18 26.75
C PRO B 517 -18.12 7.20 27.86
N ASN B 518 -18.53 6.81 29.06
CA ASN B 518 -18.34 7.66 30.23
C ASN B 518 -16.86 7.68 30.60
N GLU B 519 -16.51 8.63 31.46
CA GLU B 519 -15.11 8.81 31.85
C GLU B 519 -14.59 7.69 32.74
N GLU B 520 -15.45 6.79 33.21
CA GLU B 520 -15.06 5.81 34.21
C GLU B 520 -14.91 4.40 33.64
N ILE B 521 -14.98 4.23 32.32
CA ILE B 521 -14.93 2.92 31.70
C ILE B 521 -13.90 2.93 30.58
N ASN B 522 -13.03 1.92 30.56
CA ASN B 522 -12.04 1.75 29.50
C ASN B 522 -12.57 0.73 28.50
N ILE B 523 -12.70 1.13 27.25
CA ILE B 523 -13.33 0.32 26.22
C ILE B 523 -12.29 -0.08 25.19
N ASP B 524 -12.07 -1.38 25.03
CA ASP B 524 -11.32 -1.93 23.91
C ASP B 524 -12.32 -2.25 22.81
N TYR B 525 -12.23 -1.53 21.70
CA TYR B 525 -13.33 -1.54 20.73
C TYR B 525 -13.41 -2.82 19.91
N GLU B 526 -12.29 -3.50 19.67
CA GLU B 526 -12.38 -4.81 19.03
C GLU B 526 -13.10 -5.81 19.92
N ALA B 527 -12.73 -5.85 21.20
CA ALA B 527 -13.43 -6.71 22.15
C ALA B 527 -14.88 -6.28 22.32
N LEU B 528 -15.13 -4.97 22.30
CA LEU B 528 -16.50 -4.50 22.37
C LEU B 528 -17.33 -4.99 21.19
N TYR B 529 -16.75 -4.93 19.99
CA TYR B 529 -17.44 -5.43 18.81
C TYR B 529 -17.72 -6.91 18.92
N SER B 530 -16.74 -7.67 19.42
CA SER B 530 -16.86 -9.12 19.46
C SER B 530 -17.74 -9.64 20.60
N TYR B 531 -17.88 -8.91 21.71
CA TYR B 531 -18.46 -9.49 22.91
C TYR B 531 -19.55 -8.65 23.58
N THR B 532 -19.98 -7.55 22.97
CA THR B 532 -21.09 -6.74 23.48
C THR B 532 -22.38 -6.86 22.67
N PRO B 533 -22.40 -7.48 21.49
CA PRO B 533 -23.68 -7.68 20.82
C PRO B 533 -24.61 -8.53 21.68
N MET B 534 -25.87 -8.09 21.78
CA MET B 534 -26.88 -8.86 22.48
C MET B 534 -27.41 -9.95 21.57
N PRO B 535 -27.20 -11.23 21.89
CA PRO B 535 -27.65 -12.28 20.96
C PRO B 535 -29.15 -12.22 20.71
N VAL B 536 -29.95 -12.20 21.77
CA VAL B 536 -31.39 -12.05 21.70
C VAL B 536 -31.80 -11.02 22.73
N THR B 537 -33.11 -10.77 22.81
CA THR B 537 -33.63 -9.92 23.87
C THR B 537 -33.81 -10.75 25.13
N PRO B 538 -33.08 -10.47 26.21
CA PRO B 538 -33.11 -11.38 27.36
C PRO B 538 -34.43 -11.38 28.08
N ASP B 539 -34.77 -12.53 28.65
CA ASP B 539 -35.97 -12.64 29.47
C ASP B 539 -35.84 -11.80 30.73
N VAL B 540 -34.65 -11.79 31.35
CA VAL B 540 -34.35 -10.96 32.50
C VAL B 540 -33.07 -10.21 32.20
N PHE B 541 -33.01 -8.94 32.58
CA PHE B 541 -31.86 -8.09 32.33
C PHE B 541 -31.45 -7.43 33.64
N ILE B 542 -30.35 -7.91 34.21
CA ILE B 542 -29.84 -7.37 35.48
C ILE B 542 -28.95 -6.18 35.19
N VAL B 543 -29.36 -5.01 35.66
CA VAL B 543 -28.65 -3.76 35.42
C VAL B 543 -28.50 -3.01 36.73
N PRO B 544 -27.55 -3.39 37.58
CA PRO B 544 -27.34 -2.67 38.84
C PRO B 544 -26.94 -1.23 38.55
N SER B 545 -27.39 -0.32 39.42
CA SER B 545 -27.14 1.09 39.19
C SER B 545 -27.07 1.82 40.51
N GLU B 546 -26.32 2.92 40.53
CA GLU B 546 -26.37 3.83 41.66
C GLU B 546 -27.74 4.47 41.80
N LEU B 547 -28.50 4.53 40.72
CA LEU B 547 -29.87 5.03 40.78
C LEU B 547 -30.71 4.09 41.63
N ARG B 548 -31.98 4.46 41.82
CA ARG B 548 -32.84 3.70 42.71
C ARG B 548 -33.15 2.32 42.13
N TYR B 549 -33.36 1.37 43.03
CA TYR B 549 -33.73 0.02 42.62
C TYR B 549 -35.06 0.03 41.89
N PHE B 550 -35.25 -0.96 41.02
CA PHE B 550 -36.53 -1.04 40.31
C PHE B 550 -36.67 -2.42 39.68
N ILE B 551 -37.93 -2.74 39.32
CA ILE B 551 -38.25 -3.88 38.49
C ILE B 551 -39.22 -3.38 37.43
N LYS B 552 -38.74 -3.26 36.20
CA LYS B 552 -39.52 -2.70 35.11
C LYS B 552 -39.75 -3.75 34.04
N ASP B 553 -40.82 -3.59 33.28
CA ASP B 553 -41.12 -4.44 32.14
C ASP B 553 -40.97 -3.58 30.89
N VAL B 554 -39.85 -3.75 30.19
CA VAL B 554 -39.54 -2.98 29.00
C VAL B 554 -39.63 -3.92 27.81
N THR B 555 -40.67 -3.73 26.99
CA THR B 555 -40.86 -4.51 25.77
C THR B 555 -40.81 -6.00 26.06
N GLY B 556 -41.41 -6.42 27.16
CA GLY B 556 -41.47 -7.82 27.51
C GLY B 556 -40.25 -8.38 28.20
N CYS B 557 -39.25 -7.56 28.48
CA CYS B 557 -38.06 -7.98 29.20
C CYS B 557 -38.12 -7.41 30.61
N ILE B 558 -37.86 -8.25 31.60
CA ILE B 558 -37.92 -7.83 33.00
C ILE B 558 -36.54 -7.30 33.37
N CYS B 559 -36.43 -5.98 33.43
CA CYS B 559 -35.20 -5.30 33.79
C CYS B 559 -35.19 -5.08 35.29
N ILE B 560 -34.19 -5.64 35.97
CA ILE B 560 -34.10 -5.59 37.42
C ILE B 560 -32.86 -4.79 37.79
N ASN B 561 -33.06 -3.73 38.57
CA ASN B 561 -31.96 -3.03 39.23
C ASN B 561 -32.07 -3.32 40.71
N PRO B 562 -31.27 -4.24 41.25
CA PRO B 562 -31.31 -4.52 42.69
C PRO B 562 -30.58 -3.50 43.55
N GLY B 563 -30.20 -2.36 42.98
CA GLY B 563 -29.36 -1.44 43.71
C GLY B 563 -28.00 -2.07 43.98
N ARG B 564 -27.37 -1.60 45.04
CA ARG B 564 -26.08 -2.12 45.48
C ARG B 564 -26.24 -2.60 46.92
N LEU B 565 -25.56 -3.71 47.24
CA LEU B 565 -25.74 -4.31 48.55
C LEU B 565 -25.44 -3.32 49.67
N THR B 566 -24.50 -2.41 49.47
CA THR B 566 -24.14 -1.40 50.45
C THR B 566 -24.17 -0.03 49.82
N LYS B 567 -24.84 0.92 50.49
CA LYS B 567 -24.95 2.30 50.03
C LYS B 567 -24.22 3.18 51.05
N GLY B 568 -22.92 3.35 50.86
CA GLY B 568 -22.13 4.13 51.78
C GLY B 568 -21.96 3.44 53.12
N LEU B 569 -22.43 4.09 54.18
CA LEU B 569 -22.36 3.53 55.53
C LEU B 569 -23.54 2.64 55.87
N VAL B 570 -24.62 2.69 55.09
CA VAL B 570 -25.85 1.99 55.39
C VAL B 570 -25.99 0.78 54.47
N GLY B 571 -26.72 -0.22 54.93
CA GLY B 571 -26.95 -1.40 54.12
C GLY B 571 -27.83 -1.12 52.92
N GLY B 572 -27.67 -1.94 51.89
CA GLY B 572 -28.38 -1.74 50.65
C GLY B 572 -29.46 -2.77 50.39
N THR B 573 -29.51 -3.31 49.18
CA THR B 573 -30.58 -4.20 48.79
C THR B 573 -30.04 -5.25 47.82
N TYR B 574 -30.80 -6.34 47.69
CA TYR B 574 -30.56 -7.36 46.69
C TYR B 574 -31.89 -7.67 46.02
N ALA B 575 -31.89 -8.60 45.07
CA ALA B 575 -33.12 -8.98 44.39
C ALA B 575 -33.23 -10.50 44.33
N ARG B 576 -34.47 -10.97 44.31
CA ARG B 576 -34.75 -12.39 44.15
C ARG B 576 -35.88 -12.53 43.15
N PHE B 577 -35.72 -13.43 42.19
CA PHE B 577 -36.77 -13.64 41.20
C PHE B 577 -36.87 -15.11 40.84
N LEU B 578 -38.03 -15.47 40.30
CA LEU B 578 -38.34 -16.84 39.91
C LEU B 578 -38.50 -16.90 38.40
N VAL B 579 -37.81 -17.84 37.77
CA VAL B 579 -37.79 -17.97 36.32
C VAL B 579 -38.16 -19.39 35.96
N LYS B 580 -39.07 -19.54 35.01
CA LYS B 580 -39.40 -20.85 34.45
C LYS B 580 -39.63 -20.69 32.95
N SER B 581 -39.03 -21.59 32.17
CA SER B 581 -39.13 -21.50 30.72
C SER B 581 -40.51 -21.97 30.28
N GLY B 582 -41.17 -21.16 29.44
CA GLY B 582 -42.47 -21.51 28.93
C GLY B 582 -43.63 -21.19 29.84
N ALA B 583 -43.40 -20.49 30.94
CA ALA B 583 -44.49 -20.12 31.84
C ALA B 583 -45.49 -19.23 31.12
N MET B 584 -46.77 -19.56 31.25
CA MET B 584 -47.85 -18.80 30.61
C MET B 584 -47.54 -18.54 29.14
N ARG B 590 -46.16 -14.32 27.42
CA ARG B 590 -44.78 -14.55 27.82
C ARG B 590 -44.57 -14.06 29.25
N SER B 591 -44.50 -15.01 30.18
CA SER B 591 -44.34 -14.72 31.61
C SER B 591 -43.19 -15.54 32.18
N THR B 592 -42.05 -15.52 31.49
CA THR B 592 -40.90 -16.30 31.94
C THR B 592 -40.45 -15.88 33.33
N CYS B 593 -40.79 -14.67 33.77
CA CYS B 593 -40.49 -14.21 35.13
C CYS B 593 -41.77 -14.29 35.93
N ILE B 594 -41.87 -15.31 36.79
CA ILE B 594 -43.08 -15.51 37.57
C ILE B 594 -43.25 -14.38 38.58
N SER B 595 -42.19 -14.08 39.32
CA SER B 595 -42.21 -13.07 40.36
C SER B 595 -40.81 -12.53 40.56
N ALA B 596 -40.74 -11.31 41.08
CA ALA B 596 -39.47 -10.65 41.33
C ALA B 596 -39.66 -9.69 42.48
N GLN B 597 -38.61 -9.51 43.27
CA GLN B 597 -38.69 -8.67 44.45
C GLN B 597 -37.33 -8.06 44.74
N VAL B 598 -37.33 -6.76 44.97
CA VAL B 598 -36.17 -6.06 45.52
C VAL B 598 -36.36 -5.99 47.02
N VAL B 599 -35.42 -6.59 47.75
CA VAL B 599 -35.52 -6.79 49.19
C VAL B 599 -34.31 -6.14 49.84
N ARG B 600 -34.46 -5.77 51.10
CA ARG B 600 -33.40 -5.14 51.87
C ARG B 600 -32.52 -6.18 52.54
N VAL B 601 -31.26 -5.83 52.73
CA VAL B 601 -30.29 -6.73 53.35
C VAL B 601 -30.32 -6.56 54.87
N THR C 16 18.02 -28.36 24.73
CA THR C 16 16.57 -28.42 24.69
C THR C 16 15.99 -28.26 26.08
N GLY C 17 16.06 -27.05 26.62
CA GLY C 17 15.60 -26.80 27.97
C GLY C 17 14.08 -26.83 28.15
N ASP C 18 13.40 -25.79 27.68
CA ASP C 18 11.97 -25.62 27.96
C ASP C 18 11.10 -25.70 26.71
N ARG C 19 11.39 -24.90 25.70
CA ARG C 19 10.52 -24.75 24.53
C ARG C 19 11.32 -24.85 23.24
N LYS C 20 12.16 -25.87 23.15
CA LYS C 20 13.02 -26.08 21.99
C LYS C 20 12.48 -27.22 21.13
N GLY C 21 13.15 -27.49 20.03
CA GLY C 21 12.75 -28.55 19.15
C GLY C 21 13.81 -28.81 18.10
N ASP C 22 13.43 -29.61 17.11
CA ASP C 22 14.29 -29.92 15.98
C ASP C 22 14.16 -28.89 14.86
N LEU C 23 13.66 -27.70 15.17
CA LEU C 23 13.45 -26.68 14.14
C LEU C 23 14.74 -26.15 13.56
N TYR C 24 15.87 -26.30 14.24
CA TYR C 24 17.14 -25.75 13.80
C TYR C 24 18.20 -26.84 13.82
N PRO C 25 18.15 -27.77 12.86
CA PRO C 25 19.12 -28.87 12.83
C PRO C 25 20.55 -28.41 12.62
N SER C 26 20.80 -27.67 11.55
CA SER C 26 22.15 -27.29 11.15
C SER C 26 22.35 -25.80 11.30
N SER C 27 23.63 -25.40 11.35
CA SER C 27 23.96 -23.99 11.47
C SER C 27 23.54 -23.24 10.22
N LEU C 28 24.10 -23.61 9.08
CA LEU C 28 23.71 -22.99 7.82
C LEU C 28 22.29 -23.40 7.45
N GLN C 29 21.57 -22.48 6.83
CA GLN C 29 20.23 -22.78 6.33
C GLN C 29 19.96 -21.90 5.13
N PHE C 30 19.00 -22.32 4.32
CA PHE C 30 18.58 -21.55 3.15
C PHE C 30 17.52 -20.52 3.47
N TYR C 31 17.07 -20.45 4.72
CA TYR C 31 16.05 -19.51 5.14
C TYR C 31 14.80 -19.66 4.27
N GLN C 32 14.23 -20.86 4.30
CA GLN C 32 13.07 -21.19 3.47
C GLN C 32 11.76 -20.98 4.20
N HIS C 33 11.68 -21.40 5.46
CA HIS C 33 10.44 -21.37 6.21
C HIS C 33 10.40 -20.17 7.14
N PRO C 34 9.43 -19.26 6.98
CA PRO C 34 9.38 -18.10 7.86
C PRO C 34 9.14 -18.50 9.30
N PRO C 35 9.60 -17.70 10.25
CA PRO C 35 9.29 -17.99 11.66
C PRO C 35 7.82 -17.80 11.96
N THR C 36 7.34 -18.54 12.96
CA THR C 36 5.95 -18.50 13.35
C THR C 36 5.76 -18.06 14.80
N GLU C 37 6.83 -17.72 15.50
CA GLU C 37 6.76 -17.40 16.91
C GLU C 37 6.19 -16.01 17.14
N ASN C 38 5.87 -15.73 18.40
CA ASN C 38 5.50 -14.41 18.87
C ASN C 38 6.67 -13.88 19.68
N ILE C 39 7.36 -12.87 19.16
CA ILE C 39 8.52 -12.30 19.82
C ILE C 39 8.15 -10.92 20.35
N SER C 40 9.02 -10.37 21.19
CA SER C 40 8.82 -9.05 21.76
C SER C 40 9.38 -7.97 20.83
N LEU C 41 8.90 -6.75 21.04
CA LEU C 41 9.40 -5.62 20.25
C LEU C 41 10.88 -5.38 20.50
N ILE C 42 11.30 -5.53 21.75
CA ILE C 42 12.72 -5.36 22.09
C ILE C 42 13.56 -6.40 21.38
N GLU C 43 13.11 -7.66 21.38
CA GLU C 43 13.84 -8.70 20.67
C GLU C 43 13.89 -8.42 19.18
N PHE C 44 12.76 -7.97 18.62
CA PHE C 44 12.70 -7.60 17.22
C PHE C 44 13.78 -6.58 16.88
N GLU C 45 13.82 -5.49 17.64
CA GLU C 45 14.76 -4.42 17.35
C GLU C 45 16.20 -4.88 17.54
N THR C 46 16.47 -5.63 18.61
CA THR C 46 17.83 -6.09 18.87
C THR C 46 18.32 -6.98 17.73
N PHE C 47 17.49 -7.93 17.30
CA PHE C 47 17.88 -8.84 16.23
C PHE C 47 18.11 -8.07 14.93
N ALA C 48 17.19 -7.17 14.59
CA ALA C 48 17.34 -6.40 13.37
C ALA C 48 18.65 -5.63 13.35
N ILE C 49 18.93 -4.88 14.41
CA ILE C 49 20.13 -4.06 14.43
C ILE C 49 21.37 -4.93 14.39
N GLU C 50 21.35 -6.04 15.14
CA GLU C 50 22.53 -6.91 15.18
C GLU C 50 22.85 -7.46 13.80
N ARG C 51 21.83 -7.95 13.08
CA ARG C 51 22.13 -8.47 11.76
C ARG C 51 22.52 -7.36 10.79
N LEU C 52 21.98 -6.15 10.97
CA LEU C 52 22.45 -5.04 10.14
C LEU C 52 23.93 -4.78 10.37
N LYS C 53 24.36 -4.82 11.63
CA LYS C 53 25.79 -4.68 11.92
C LYS C 53 26.59 -5.78 11.24
N LEU C 54 26.10 -7.01 11.32
CA LEU C 54 26.83 -8.13 10.71
C LEU C 54 26.97 -7.94 9.21
N LEU C 55 25.88 -7.55 8.54
CA LEU C 55 25.93 -7.40 7.09
C LEU C 55 26.80 -6.22 6.68
N LYS C 56 26.76 -5.12 7.44
CA LYS C 56 27.64 -4.00 7.13
C LYS C 56 29.10 -4.38 7.33
N ALA C 57 29.40 -5.16 8.36
CA ALA C 57 30.77 -5.64 8.53
C ALA C 57 31.19 -6.51 7.36
N VAL C 58 30.29 -7.38 6.90
CA VAL C 58 30.60 -8.21 5.74
C VAL C 58 30.93 -7.34 4.54
N GLU C 59 30.11 -6.32 4.28
CA GLU C 59 30.34 -5.45 3.13
C GLU C 59 31.67 -4.72 3.24
N ASN C 60 31.97 -4.17 4.41
CA ASN C 60 33.21 -3.44 4.59
C ASN C 60 34.42 -4.35 4.39
N LEU C 61 34.38 -5.55 4.97
CA LEU C 61 35.49 -6.47 4.82
C LEU C 61 35.64 -6.94 3.38
N GLY C 62 34.53 -7.11 2.67
CA GLY C 62 34.62 -7.46 1.26
C GLY C 62 35.25 -6.38 0.44
N VAL C 63 34.92 -5.12 0.73
CA VAL C 63 35.54 -4.02 0.00
C VAL C 63 37.03 -3.93 0.33
N SER C 64 37.39 -4.07 1.60
CA SER C 64 38.77 -3.83 2.02
C SER C 64 39.69 -4.98 1.65
N TYR C 65 39.23 -6.23 1.78
CA TYR C 65 40.09 -7.39 1.64
C TYR C 65 39.54 -8.33 0.57
N VAL C 66 40.39 -9.26 0.15
CA VAL C 66 39.98 -10.31 -0.77
C VAL C 66 39.29 -11.41 0.04
N LYS C 67 38.13 -11.86 -0.45
CA LYS C 67 37.27 -12.71 0.36
C LYS C 67 37.94 -14.04 0.71
N ASN C 68 38.91 -14.48 -0.09
CA ASN C 68 39.68 -15.67 0.25
C ASN C 68 40.82 -15.37 1.21
N SER C 69 41.11 -14.10 1.48
CA SER C 69 42.25 -13.75 2.32
C SER C 69 42.03 -14.24 3.74
N GLU C 70 43.14 -14.48 4.45
CA GLU C 70 43.05 -14.89 5.84
C GLU C 70 42.61 -13.74 6.74
N GLU C 71 42.98 -12.51 6.38
CA GLU C 71 42.51 -11.36 7.15
C GLU C 71 40.99 -11.27 7.11
N TYR C 72 40.40 -11.50 5.94
CA TYR C 72 38.95 -11.51 5.83
C TYR C 72 38.33 -12.52 6.77
N SER C 73 38.87 -13.74 6.79
CA SER C 73 38.32 -14.78 7.64
C SER C 73 38.45 -14.42 9.11
N LYS C 74 39.62 -13.92 9.51
CA LYS C 74 39.84 -13.57 10.92
C LYS C 74 38.89 -12.47 11.36
N LYS C 75 38.77 -11.41 10.56
CA LYS C 75 37.92 -10.30 10.94
C LYS C 75 36.45 -10.70 10.96
N LEU C 76 36.03 -11.53 9.99
CA LEU C 76 34.64 -11.97 9.98
C LEU C 76 34.33 -12.86 11.17
N GLU C 77 35.27 -13.74 11.54
CA GLU C 77 35.06 -14.54 12.74
C GLU C 77 34.97 -13.66 13.98
N LEU C 78 35.83 -12.64 14.07
CA LEU C 78 35.75 -11.73 15.20
C LEU C 78 34.39 -11.04 15.27
N GLU C 79 33.89 -10.56 14.14
CA GLU C 79 32.59 -9.90 14.13
C GLU C 79 31.47 -10.86 14.52
N LEU C 80 31.51 -12.08 13.99
CA LEU C 80 30.47 -13.04 14.32
C LEU C 80 30.49 -13.38 15.80
N ARG C 81 31.68 -13.50 16.39
CA ARG C 81 31.77 -13.75 17.82
C ARG C 81 31.25 -12.55 18.61
N LYS C 82 31.58 -11.34 18.17
CA LYS C 82 31.17 -10.16 18.91
C LYS C 82 29.66 -10.01 18.92
N LEU C 83 29.00 -10.27 17.80
CA LEU C 83 27.55 -10.15 17.71
C LEU C 83 26.82 -11.43 18.06
N LYS C 84 27.54 -12.52 18.33
CA LYS C 84 26.94 -13.78 18.78
C LYS C 84 25.98 -14.35 17.74
N PHE C 85 26.54 -14.65 16.57
CA PHE C 85 25.83 -15.33 15.52
C PHE C 85 26.45 -16.70 15.28
N PRO C 86 25.69 -17.69 14.80
CA PRO C 86 26.29 -19.01 14.56
C PRO C 86 27.30 -18.93 13.43
N TYR C 87 28.54 -19.34 13.71
CA TYR C 87 29.51 -19.41 12.62
C TYR C 87 30.32 -20.69 12.61
N ARG C 88 30.45 -21.37 13.76
CA ARG C 88 31.20 -22.60 13.83
C ARG C 88 30.28 -23.76 14.19
N PRO C 89 30.55 -24.97 13.72
CA PRO C 89 29.69 -26.09 14.10
C PRO C 89 30.04 -26.50 15.53
N LEU C 90 29.29 -27.44 16.08
CA LEU C 90 29.62 -28.03 17.37
C LEU C 90 29.16 -29.48 17.38
N HIS C 91 30.13 -30.40 17.44
CA HIS C 91 29.87 -31.84 17.45
C HIS C 91 29.60 -32.30 18.88
N GLU C 92 28.72 -31.57 19.56
CA GLU C 92 28.37 -31.91 20.93
C GLU C 92 26.91 -32.34 21.01
N GLU C 93 26.00 -31.40 20.74
CA GLU C 93 24.59 -31.65 20.53
C GLU C 93 23.96 -30.28 20.30
N ILE C 94 22.63 -30.21 20.26
CA ILE C 94 21.97 -28.92 20.19
C ILE C 94 21.85 -28.35 21.59
N SER C 95 22.89 -27.66 22.04
CA SER C 95 22.86 -26.97 23.33
C SER C 95 21.91 -25.78 23.28
N ASP C 96 21.27 -25.51 24.43
CA ASP C 96 20.29 -24.43 24.49
C ASP C 96 20.86 -23.14 23.93
N ASP C 97 22.05 -22.74 24.41
CA ASP C 97 22.69 -21.53 23.90
C ASP C 97 22.78 -21.56 22.38
N VAL C 98 23.28 -22.66 21.83
CA VAL C 98 23.38 -22.81 20.38
C VAL C 98 22.01 -22.59 19.75
N TYR C 99 20.99 -23.27 20.28
CA TYR C 99 19.65 -23.09 19.77
C TYR C 99 19.30 -21.61 19.71
N ASP C 100 19.52 -20.91 20.82
CA ASP C 100 19.20 -19.48 20.88
C ASP C 100 19.86 -18.76 19.71
N LEU C 101 21.17 -18.96 19.55
CA LEU C 101 21.89 -18.29 18.47
C LEU C 101 21.23 -18.56 17.13
N ARG C 102 20.94 -19.82 16.85
CA ARG C 102 20.35 -20.17 15.56
C ARG C 102 19.01 -19.48 15.39
N ARG C 103 18.19 -19.48 16.44
CA ARG C 103 16.92 -18.77 16.39
C ARG C 103 17.14 -17.31 16.02
N LYS C 104 18.08 -16.66 16.71
CA LYS C 104 18.45 -15.30 16.35
C LYS C 104 18.61 -15.22 14.84
N ASP C 105 19.57 -15.98 14.33
CA ASP C 105 19.91 -15.90 12.90
C ASP C 105 18.65 -16.00 12.06
N HIS C 106 17.80 -16.97 12.37
CA HIS C 106 16.65 -17.27 11.53
C HIS C 106 15.67 -16.10 11.52
N ILE C 107 15.41 -15.52 12.69
CA ILE C 107 14.44 -14.43 12.77
C ILE C 107 15.03 -13.17 12.16
N SER C 108 16.24 -12.80 12.59
CA SER C 108 16.90 -11.61 12.08
C SER C 108 16.89 -11.59 10.56
N HIS C 109 17.24 -12.71 9.92
CA HIS C 109 17.27 -12.73 8.47
C HIS C 109 15.95 -12.23 7.88
N PHE C 110 14.85 -12.83 8.32
CA PHE C 110 13.55 -12.47 7.76
C PHE C 110 13.20 -11.03 8.08
N ILE C 111 13.56 -10.56 9.27
CA ILE C 111 13.31 -9.15 9.60
C ILE C 111 13.99 -8.26 8.58
N LEU C 112 15.25 -8.57 8.29
CA LEU C 112 16.00 -7.77 7.32
C LEU C 112 15.39 -7.89 5.94
N ARG C 113 14.83 -9.06 5.61
CA ARG C 113 14.10 -9.20 4.36
C ARG C 113 13.01 -8.15 4.30
N LEU C 114 12.22 -8.05 5.36
CA LEU C 114 11.19 -7.02 5.41
C LEU C 114 11.81 -5.63 5.26
N ALA C 115 13.03 -5.44 5.76
CA ALA C 115 13.69 -4.14 5.62
C ALA C 115 14.26 -3.91 4.22
N TYR C 116 14.65 -4.97 3.52
CA TYR C 116 15.45 -4.84 2.32
C TYR C 116 14.76 -5.42 1.09
N CYS C 117 13.47 -5.09 0.91
CA CYS C 117 12.72 -5.55 -0.25
C CYS C 117 11.99 -4.43 -0.95
N GLN C 118 12.11 -3.18 -0.48
CA GLN C 118 11.33 -2.09 -1.04
C GLN C 118 11.86 -1.63 -2.38
N SER C 119 13.18 -1.61 -2.55
CA SER C 119 13.80 -1.06 -3.75
C SER C 119 14.82 -2.05 -4.31
N GLU C 120 14.87 -2.12 -5.65
CA GLU C 120 15.77 -3.05 -6.31
C GLU C 120 17.20 -2.90 -5.79
N ASP C 121 17.69 -1.67 -5.74
CA ASP C 121 19.01 -1.41 -5.16
C ASP C 121 19.17 -2.16 -3.85
N LEU C 122 18.30 -1.85 -2.88
CA LEU C 122 18.34 -2.50 -1.57
C LEU C 122 18.38 -4.01 -1.74
N ARG C 123 17.48 -4.55 -2.57
CA ARG C 123 17.42 -5.99 -2.76
C ARG C 123 18.79 -6.54 -3.15
N ARG C 124 19.39 -5.95 -4.18
CA ARG C 124 20.69 -6.41 -4.64
C ARG C 124 21.68 -6.38 -3.50
N TRP C 125 21.74 -5.26 -2.77
CA TRP C 125 22.68 -5.14 -1.67
C TRP C 125 22.50 -6.30 -0.70
N PHE C 126 21.25 -6.50 -0.25
CA PHE C 126 20.95 -7.56 0.70
C PHE C 126 21.46 -8.89 0.17
N ILE C 127 21.09 -9.21 -1.07
CA ILE C 127 21.45 -10.50 -1.64
C ILE C 127 22.95 -10.66 -1.57
N GLN C 128 23.69 -9.64 -2.02
CA GLN C 128 25.14 -9.73 -2.06
C GLN C 128 25.68 -10.08 -0.68
N GLN C 129 25.29 -9.29 0.33
CA GLN C 129 25.82 -9.51 1.67
C GLN C 129 25.49 -10.92 2.14
N GLU C 130 24.24 -11.33 1.95
CA GLU C 130 23.82 -12.64 2.43
C GLU C 130 24.66 -13.73 1.78
N MET C 131 24.85 -13.64 0.46
CA MET C 131 25.65 -14.63 -0.24
C MET C 131 27.05 -14.69 0.36
N ASP C 132 27.66 -13.52 0.57
CA ASP C 132 29.00 -13.49 1.13
C ASP C 132 29.04 -14.25 2.45
N LEU C 133 28.11 -13.91 3.35
CA LEU C 133 28.09 -14.54 4.66
C LEU C 133 27.96 -16.05 4.50
N PHE C 134 27.04 -16.48 3.64
CA PHE C 134 26.80 -17.90 3.45
C PHE C 134 28.07 -18.59 2.98
N LYS C 135 28.75 -17.98 2.01
CA LYS C 135 29.98 -18.56 1.50
C LYS C 135 30.96 -18.76 2.63
N PHE C 136 31.18 -17.72 3.44
CA PHE C 136 32.11 -17.83 4.55
C PHE C 136 31.75 -19.04 5.43
N ARG C 137 30.47 -19.12 5.79
CA ARG C 137 30.06 -20.17 6.71
C ARG C 137 30.29 -21.54 6.09
N PHE C 138 29.99 -21.68 4.80
CA PHE C 138 30.25 -22.93 4.11
C PHE C 138 31.73 -23.26 4.18
N GLY C 139 32.57 -22.24 3.99
CA GLY C 139 34.01 -22.44 4.02
C GLY C 139 34.48 -22.95 5.37
N LEU C 140 33.67 -22.78 6.40
CA LEU C 140 34.05 -23.24 7.74
C LEU C 140 33.43 -24.59 8.10
N LEU C 141 32.80 -25.27 7.16
CA LEU C 141 32.12 -26.55 7.42
C LEU C 141 33.03 -27.75 7.16
N THR C 142 33.14 -28.63 8.15
CA THR C 142 33.84 -29.89 7.97
C THR C 142 33.04 -30.80 7.02
N LYS C 143 33.75 -31.69 6.34
CA LYS C 143 33.12 -32.52 5.30
C LYS C 143 31.87 -33.21 5.84
N GLU C 144 31.97 -33.86 7.00
CA GLU C 144 30.80 -34.48 7.61
C GLU C 144 29.64 -33.48 7.69
N SER C 145 29.86 -32.38 8.39
CA SER C 145 28.83 -31.35 8.49
C SER C 145 28.32 -30.94 7.11
N VAL C 146 29.23 -30.80 6.14
CA VAL C 146 28.83 -30.38 4.80
C VAL C 146 27.79 -31.36 4.26
N GLN C 147 28.10 -32.65 4.32
CA GLN C 147 27.17 -33.66 3.83
C GLN C 147 25.86 -33.58 4.57
N GLU C 148 25.91 -33.41 5.89
CA GLU C 148 24.68 -33.30 6.67
C GLU C 148 23.81 -32.20 6.07
N PHE C 149 24.41 -31.04 5.86
CA PHE C 149 23.68 -29.92 5.28
C PHE C 149 23.09 -30.31 3.93
N LEU C 150 23.92 -30.87 3.05
CA LEU C 150 23.47 -31.20 1.71
C LEU C 150 22.33 -32.20 1.74
N LYS C 151 22.19 -32.96 2.82
CA LYS C 151 21.09 -33.91 2.95
C LYS C 151 19.83 -33.23 3.49
N LEU C 152 19.98 -32.41 4.52
CA LEU C 152 18.83 -31.83 5.19
C LEU C 152 17.99 -30.99 4.25
N ASN C 153 18.60 -30.43 3.21
CA ASN C 153 17.91 -29.58 2.26
C ASN C 153 17.57 -30.29 0.96
N ASP C 154 17.73 -31.62 0.92
CA ASP C 154 17.39 -32.41 -0.26
C ASP C 154 18.15 -31.93 -1.48
N LEU C 155 19.43 -31.66 -1.29
CA LEU C 155 20.29 -31.33 -2.41
C LEU C 155 20.83 -32.60 -3.06
N GLN C 156 20.96 -33.67 -2.27
CA GLN C 156 21.29 -35.00 -2.75
C GLN C 156 22.49 -34.95 -3.71
N TYR C 157 23.60 -34.46 -3.16
CA TYR C 157 24.89 -34.52 -3.82
C TYR C 157 25.73 -35.58 -3.11
N VAL C 158 26.27 -36.51 -3.88
CA VAL C 158 26.92 -37.70 -3.34
C VAL C 158 28.42 -37.44 -3.27
N ALA C 159 29.03 -37.78 -2.13
CA ALA C 159 30.47 -37.75 -2.01
C ALA C 159 31.04 -39.06 -2.54
N ILE C 160 31.97 -38.96 -3.48
CA ILE C 160 32.48 -40.16 -4.13
C ILE C 160 33.25 -41.01 -3.14
N SER C 161 33.25 -42.32 -3.38
CA SER C 161 34.06 -43.24 -2.59
C SER C 161 35.54 -43.08 -2.94
N GLU C 162 36.39 -43.59 -2.06
CA GLU C 162 37.82 -43.62 -2.35
C GLU C 162 38.12 -44.58 -3.50
N ASP C 163 37.44 -45.73 -3.53
CA ASP C 163 37.70 -46.71 -4.57
C ASP C 163 37.35 -46.17 -5.94
N GLU C 164 36.19 -45.52 -6.06
CA GLU C 164 35.83 -44.90 -7.34
C GLU C 164 36.79 -43.79 -7.70
N LYS C 165 37.28 -43.05 -6.69
CA LYS C 165 38.24 -42.00 -6.95
C LYS C 165 39.52 -42.58 -7.56
N ASN C 166 40.04 -43.66 -6.98
CA ASN C 166 41.19 -44.32 -7.60
C ASN C 166 40.83 -44.83 -8.98
N MET C 167 39.61 -45.30 -9.17
CA MET C 167 39.18 -45.80 -10.47
C MET C 167 39.30 -44.72 -11.54
N HIS C 168 38.93 -43.48 -11.22
CA HIS C 168 39.01 -42.37 -12.17
C HIS C 168 40.12 -41.38 -11.80
N LYS C 169 41.19 -41.87 -11.18
CA LYS C 169 42.26 -40.99 -10.72
C LYS C 169 42.78 -40.09 -11.83
N GLU C 170 43.17 -40.66 -12.97
CA GLU C 170 43.77 -39.85 -14.02
C GLU C 170 42.77 -38.84 -14.59
N ASP C 171 41.52 -39.28 -14.78
CA ASP C 171 40.50 -38.37 -15.29
C ASP C 171 40.29 -37.21 -14.34
N LEU C 172 40.23 -37.50 -13.04
CA LEU C 172 40.07 -36.43 -12.05
C LEU C 172 41.28 -35.50 -12.07
N MET C 173 42.48 -36.07 -12.19
CA MET C 173 43.68 -35.25 -12.20
C MET C 173 43.65 -34.27 -13.38
N ASN C 174 43.25 -34.75 -14.55
CA ASN C 174 43.20 -33.88 -15.72
C ASN C 174 41.96 -33.00 -15.74
N SER C 175 40.97 -33.26 -14.88
CA SER C 175 39.77 -32.45 -14.87
C SER C 175 39.96 -31.14 -14.10
N SER C 176 40.45 -31.24 -12.86
CA SER C 176 40.55 -30.08 -11.99
C SER C 176 41.84 -29.33 -12.29
N PHE C 177 41.71 -28.03 -12.59
CA PHE C 177 42.86 -27.21 -12.95
C PHE C 177 43.78 -27.04 -11.75
N GLY C 178 45.09 -27.16 -12.01
CA GLY C 178 46.08 -26.91 -10.97
C GLY C 178 45.96 -27.81 -9.76
N LEU C 179 45.73 -29.10 -9.97
CA LEU C 179 45.63 -30.07 -8.89
C LEU C 179 46.81 -31.02 -8.97
N SER C 180 47.59 -31.09 -7.89
CA SER C 180 48.78 -31.93 -7.87
C SER C 180 48.44 -33.36 -7.45
N LEU C 181 49.32 -34.29 -7.84
CA LEU C 181 49.07 -35.69 -7.59
C LEU C 181 48.79 -35.95 -6.11
N THR C 182 49.75 -35.65 -5.24
CA THR C 182 49.54 -35.88 -3.81
C THR C 182 48.44 -35.00 -3.25
N LYS C 183 48.46 -33.71 -3.59
CA LYS C 183 47.39 -32.83 -3.16
C LYS C 183 46.03 -33.37 -3.60
N MET C 184 45.95 -33.92 -4.80
CA MET C 184 44.72 -34.53 -5.26
C MET C 184 44.37 -35.73 -4.39
N GLU C 185 45.36 -36.55 -4.05
CA GLU C 185 45.11 -37.66 -3.14
C GLU C 185 44.56 -37.18 -1.81
N ASP C 186 44.84 -35.94 -1.43
CA ASP C 186 44.36 -35.38 -0.17
C ASP C 186 42.99 -34.74 -0.29
N THR C 187 42.35 -34.81 -1.46
CA THR C 187 41.07 -34.14 -1.70
C THR C 187 39.99 -35.15 -2.05
N GLU C 188 38.75 -34.81 -1.71
CA GLU C 188 37.59 -35.65 -1.99
C GLU C 188 36.58 -34.85 -2.82
N PHE C 189 36.01 -35.49 -3.82
CA PHE C 189 35.08 -34.86 -4.76
C PHE C 189 33.64 -35.19 -4.40
N TYR C 190 32.72 -34.55 -5.12
CA TYR C 190 31.29 -34.78 -4.98
C TYR C 190 30.67 -35.04 -6.34
N LYS C 191 29.62 -35.86 -6.37
CA LYS C 191 28.91 -36.18 -7.59
C LYS C 191 27.63 -35.36 -7.68
N VAL C 192 27.51 -34.55 -8.73
CA VAL C 192 26.33 -33.70 -8.90
C VAL C 192 25.72 -33.91 -10.29
N PRO C 193 24.40 -33.86 -10.44
CA PRO C 193 23.83 -33.86 -11.79
C PRO C 193 24.35 -32.67 -12.58
N PHE C 194 24.65 -32.90 -13.86
CA PHE C 194 25.29 -31.88 -14.66
C PHE C 194 24.41 -30.66 -14.87
N GLN C 195 23.10 -30.79 -14.63
CA GLN C 195 22.21 -29.65 -14.78
C GLN C 195 22.48 -28.57 -13.75
N ALA C 196 23.16 -28.91 -12.66
CA ALA C 196 23.47 -27.94 -11.61
C ALA C 196 24.85 -27.31 -11.77
N ALA C 197 25.74 -27.94 -12.53
CA ALA C 197 27.09 -27.44 -12.74
C ALA C 197 27.24 -26.77 -14.10
N LEU C 198 26.16 -26.17 -14.61
CA LEU C 198 26.20 -25.56 -15.92
C LEU C 198 27.43 -24.66 -16.09
N ASP C 199 27.65 -23.76 -15.13
CA ASP C 199 28.74 -22.80 -15.26
C ASP C 199 30.10 -23.47 -15.26
N LEU C 200 30.21 -24.67 -14.68
CA LEU C 200 31.48 -25.39 -14.70
C LEU C 200 31.63 -26.21 -15.97
N VAL C 201 30.59 -26.96 -16.35
CA VAL C 201 30.66 -27.81 -17.52
C VAL C 201 30.85 -26.98 -18.78
N ARG C 202 30.14 -25.87 -18.88
CA ARG C 202 30.14 -25.07 -20.11
C ARG C 202 31.55 -24.71 -20.59
N PRO C 203 32.46 -24.26 -19.73
CA PRO C 203 33.86 -24.09 -20.16
C PRO C 203 34.74 -25.32 -19.98
N ARG C 204 34.18 -26.50 -19.69
CA ARG C 204 34.93 -27.75 -19.62
C ARG C 204 36.03 -27.67 -18.55
N LYS C 205 35.60 -27.39 -17.32
CA LYS C 205 36.52 -27.37 -16.19
C LYS C 205 36.12 -28.37 -15.12
N VAL C 206 35.29 -29.35 -15.46
CA VAL C 206 34.96 -30.44 -14.53
C VAL C 206 34.60 -31.66 -15.34
N PHE C 207 35.10 -32.81 -14.92
CA PHE C 207 34.87 -34.06 -15.62
C PHE C 207 33.42 -34.50 -15.49
N LEU C 208 32.84 -34.96 -16.60
CA LEU C 208 31.52 -35.55 -16.61
C LEU C 208 31.62 -37.04 -16.89
N TRP C 209 30.99 -37.85 -16.06
CA TRP C 209 30.90 -39.29 -16.30
C TRP C 209 29.48 -39.76 -16.00
N ARG C 210 28.83 -40.31 -17.03
CA ARG C 210 27.50 -40.89 -16.88
C ARG C 210 26.52 -39.90 -16.26
N GLY C 211 26.55 -38.67 -16.74
CA GLY C 211 25.58 -37.67 -16.35
C GLY C 211 25.86 -36.98 -15.03
N PHE C 212 26.99 -37.28 -14.39
CA PHE C 212 27.37 -36.66 -13.13
C PHE C 212 28.72 -35.98 -13.25
N ALA C 213 28.82 -34.77 -12.71
CA ALA C 213 30.06 -34.03 -12.63
C ALA C 213 30.72 -34.29 -11.28
N PHE C 214 32.04 -34.33 -11.29
CA PHE C 214 32.85 -34.64 -10.11
C PHE C 214 33.52 -33.34 -9.67
N ILE C 215 32.88 -32.68 -8.73
CA ILE C 215 33.20 -31.31 -8.33
C ILE C 215 34.02 -31.33 -7.05
N PRO C 216 35.19 -30.71 -7.02
CA PRO C 216 35.99 -30.73 -5.79
C PRO C 216 35.30 -29.97 -4.67
N HIS C 217 35.99 -29.91 -3.53
CA HIS C 217 35.44 -29.28 -2.35
C HIS C 217 35.40 -27.75 -2.51
N LYS C 218 36.01 -27.22 -3.56
CA LYS C 218 36.06 -25.78 -3.75
C LYS C 218 34.93 -25.26 -4.63
N ASP C 219 34.60 -25.99 -5.70
CA ASP C 219 33.58 -25.57 -6.64
C ASP C 219 32.16 -25.79 -6.10
N ILE C 220 31.96 -26.78 -5.23
CA ILE C 220 30.61 -27.15 -4.82
C ILE C 220 29.91 -25.95 -4.19
N VAL C 221 30.64 -25.17 -3.40
CA VAL C 221 30.04 -24.00 -2.78
C VAL C 221 29.36 -23.17 -3.85
N SER C 222 30.00 -23.03 -5.00
CA SER C 222 29.43 -22.23 -6.08
C SER C 222 28.01 -22.70 -6.40
N ILE C 223 27.84 -24.00 -6.68
CA ILE C 223 26.51 -24.53 -7.00
C ILE C 223 25.53 -24.23 -5.86
N VAL C 224 25.96 -24.52 -4.62
CA VAL C 224 25.09 -24.29 -3.49
C VAL C 224 24.64 -22.83 -3.50
N LEU C 225 25.59 -21.92 -3.69
CA LEU C 225 25.30 -20.50 -3.68
C LEU C 225 24.32 -20.15 -4.78
N ASN C 226 24.50 -20.72 -5.97
CA ASN C 226 23.57 -20.46 -7.06
C ASN C 226 22.15 -20.76 -6.61
N ASP C 227 21.96 -21.97 -6.07
CA ASP C 227 20.63 -22.35 -5.59
C ASP C 227 20.13 -21.31 -4.60
N PHE C 228 20.97 -21.01 -3.61
CA PHE C 228 20.60 -20.07 -2.55
C PHE C 228 20.13 -18.76 -3.18
N ARG C 229 20.93 -18.22 -4.10
CA ARG C 229 20.63 -16.92 -4.70
C ARG C 229 19.28 -16.97 -5.38
N ALA C 230 19.04 -17.99 -6.20
CA ALA C 230 17.74 -18.13 -6.84
C ALA C 230 16.65 -17.98 -5.78
N LYS C 231 16.69 -18.87 -4.79
CA LYS C 231 15.64 -18.87 -3.76
C LYS C 231 15.49 -17.47 -3.18
N LEU C 232 16.60 -16.86 -2.79
CA LEU C 232 16.55 -15.60 -2.05
C LEU C 232 15.90 -14.52 -2.91
N SER C 233 16.28 -14.45 -4.18
CA SER C 233 15.68 -13.47 -5.07
C SER C 233 14.17 -13.66 -5.11
N LYS C 234 13.73 -14.90 -5.33
CA LYS C 234 12.29 -15.17 -5.35
C LYS C 234 11.66 -14.65 -4.06
N ALA C 235 12.27 -14.98 -2.92
CA ALA C 235 11.69 -14.60 -1.63
C ALA C 235 11.56 -13.10 -1.55
N LEU C 236 12.60 -12.36 -1.96
CA LEU C 236 12.55 -10.91 -1.87
C LEU C 236 11.42 -10.37 -2.72
N ALA C 237 11.24 -10.92 -3.93
CA ALA C 237 10.11 -10.50 -4.74
C ALA C 237 8.81 -10.67 -3.97
N LEU C 238 8.61 -11.86 -3.40
CA LEU C 238 7.37 -12.11 -2.67
C LEU C 238 7.20 -11.11 -1.54
N SER C 239 8.29 -10.81 -0.83
CA SER C 239 8.21 -9.89 0.29
C SER C 239 7.80 -8.51 -0.19
N ALA C 240 8.36 -8.06 -1.30
CA ALA C 240 7.97 -6.77 -1.84
C ALA C 240 6.50 -6.80 -2.24
N ARG C 241 5.99 -7.97 -2.60
CA ARG C 241 4.59 -8.11 -2.93
C ARG C 241 3.71 -8.08 -1.69
N SER C 242 4.26 -8.35 -0.52
CA SER C 242 3.48 -8.42 0.71
C SER C 242 3.80 -7.25 1.65
N LEU C 243 4.15 -6.10 1.08
CA LEU C 243 4.56 -4.93 1.85
C LEU C 243 3.39 -4.18 2.47
N PRO C 244 2.26 -4.03 1.79
CA PRO C 244 1.15 -3.25 2.36
C PRO C 244 0.69 -3.75 3.71
N VAL C 245 0.82 -5.04 3.98
CA VAL C 245 0.37 -5.57 5.27
C VAL C 245 1.24 -5.10 6.43
N VAL C 246 2.46 -4.65 6.15
CA VAL C 246 3.40 -4.32 7.22
C VAL C 246 3.43 -2.82 7.46
N GLN C 247 3.21 -2.04 6.41
CA GLN C 247 3.28 -0.58 6.56
C GLN C 247 2.27 -0.08 7.57
N SER C 248 1.16 -0.79 7.76
CA SER C 248 0.16 -0.36 8.74
C SER C 248 0.60 -0.53 10.18
N ASP C 249 1.70 -1.25 10.44
CA ASP C 249 2.17 -1.46 11.79
C ASP C 249 3.19 -0.37 12.12
N GLU C 250 2.69 0.73 12.69
CA GLU C 250 3.56 1.87 12.99
C GLU C 250 4.79 1.45 13.78
N ARG C 251 4.63 0.53 14.73
CA ARG C 251 5.76 0.14 15.57
C ARG C 251 6.97 -0.23 14.74
N LEU C 252 6.76 -0.96 13.65
CA LEU C 252 7.85 -1.48 12.83
C LEU C 252 8.13 -0.61 11.62
N GLN C 253 7.45 0.52 11.46
CA GLN C 253 7.66 1.35 10.28
C GLN C 253 8.93 2.17 10.40
N PRO C 254 9.15 2.87 11.52
CA PRO C 254 10.39 3.65 11.63
C PRO C 254 11.62 2.80 11.43
N LEU C 255 11.60 1.56 11.90
CA LEU C 255 12.77 0.69 11.75
C LEU C 255 12.94 0.23 10.31
N LEU C 256 11.96 -0.51 9.80
CA LEU C 256 12.13 -1.16 8.50
C LEU C 256 12.29 -0.14 7.38
N ASN C 257 11.53 0.95 7.41
CA ASN C 257 11.63 1.95 6.35
C ASN C 257 12.97 2.67 6.34
N HIS C 258 13.74 2.60 7.42
CA HIS C 258 14.95 3.40 7.55
C HIS C 258 16.14 2.57 8.04
N LEU C 259 16.01 1.26 8.11
CA LEU C 259 17.10 0.42 8.59
C LEU C 259 18.36 0.66 7.77
N SER C 260 18.21 0.75 6.45
CA SER C 260 19.37 0.94 5.58
C SER C 260 20.14 2.20 5.95
N HIS C 261 19.49 3.18 6.55
CA HIS C 261 20.11 4.42 6.96
C HIS C 261 20.21 4.52 8.48
N SER C 262 20.52 3.41 9.14
CA SER C 262 20.60 3.35 10.59
C SER C 262 22.06 3.36 11.05
N TYR C 263 22.39 4.28 11.94
CA TYR C 263 23.73 4.35 12.51
C TYR C 263 23.94 3.20 13.49
N ILE C 264 25.08 2.51 13.37
CA ILE C 264 25.30 1.27 14.11
C ILE C 264 26.56 1.39 14.96
N GLY C 265 26.90 2.59 15.38
CA GLY C 265 28.07 2.83 16.21
C GLY C 265 27.72 3.04 17.66
N GLN C 266 28.57 3.79 18.35
CA GLN C 266 28.38 4.09 19.76
C GLN C 266 27.76 5.48 19.94
N ASP C 267 27.30 5.74 21.16
CA ASP C 267 26.62 6.98 21.46
C ASP C 267 27.61 7.99 22.03
N PHE C 268 27.43 9.26 21.62
CA PHE C 268 28.26 10.35 22.10
C PHE C 268 27.45 11.49 22.71
N SER C 269 26.13 11.36 22.79
CA SER C 269 25.32 12.42 23.38
C SER C 269 25.66 12.61 24.85
N SER C 270 25.82 11.52 25.58
CA SER C 270 26.15 11.58 27.00
C SER C 270 27.67 11.55 27.14
N GLN C 271 28.26 12.69 27.50
CA GLN C 271 29.71 12.77 27.60
C GLN C 271 30.24 11.83 28.68
N SER C 272 29.57 11.81 29.83
CA SER C 272 30.04 11.00 30.95
C SER C 272 31.48 11.38 31.30
N ASN C 273 32.45 10.63 30.76
CA ASN C 273 33.87 10.89 31.00
C ASN C 273 34.53 11.09 29.63
N THR C 274 34.51 12.33 29.14
CA THR C 274 35.16 12.69 27.89
C THR C 274 36.51 13.36 28.10
N GLY C 275 36.95 13.53 29.34
CA GLY C 275 38.19 14.22 29.60
C GLY C 275 38.02 15.73 29.58
N LYS C 276 39.11 16.42 29.91
CA LYS C 276 39.15 17.87 29.94
C LYS C 276 40.00 18.37 28.79
N ILE C 277 39.42 19.26 27.98
CA ILE C 277 40.09 19.82 26.82
C ILE C 277 40.17 21.33 26.99
N SER C 278 41.38 21.87 26.89
CA SER C 278 41.59 23.31 26.90
C SER C 278 41.47 23.86 25.50
N LEU C 279 40.94 25.08 25.40
CA LEU C 279 40.73 25.68 24.09
C LEU C 279 42.04 25.75 23.31
N GLU C 280 43.15 26.03 24.00
CA GLU C 280 44.42 26.13 23.32
C GLU C 280 44.77 24.85 22.56
N GLN C 281 44.26 23.72 23.03
CA GLN C 281 44.56 22.45 22.37
C GLN C 281 43.86 22.33 21.03
N ILE C 282 42.72 23.01 20.85
CA ILE C 282 41.86 22.70 19.72
C ILE C 282 42.62 22.83 18.41
N ASP C 283 43.33 23.94 18.23
CA ASP C 283 44.08 24.14 16.99
C ASP C 283 44.99 22.96 16.72
N GLY C 284 45.77 22.56 17.72
CA GLY C 284 46.66 21.43 17.53
C GLY C 284 45.91 20.19 17.08
N PHE C 285 44.75 19.92 17.68
CA PHE C 285 43.96 18.77 17.27
C PHE C 285 43.68 18.82 15.78
N ALA C 286 43.33 20.01 15.28
CA ALA C 286 42.97 20.12 13.87
C ALA C 286 44.10 19.67 12.95
N ALA C 287 45.34 19.65 13.45
CA ALA C 287 46.44 19.17 12.63
C ALA C 287 46.26 17.70 12.27
N LYS C 288 45.94 16.86 13.26
CA LYS C 288 45.94 15.42 13.02
C LYS C 288 44.75 14.67 13.58
N SER C 289 44.05 15.18 14.60
CA SER C 289 43.00 14.41 15.24
C SER C 289 41.62 14.69 14.68
N PHE C 290 41.40 15.86 14.11
CA PHE C 290 40.10 16.16 13.53
C PHE C 290 39.98 15.51 12.16
N PRO C 291 38.91 14.75 11.89
CA PRO C 291 38.69 14.28 10.53
C PRO C 291 38.42 15.44 9.59
N LEU C 292 38.64 15.20 8.31
CA LEU C 292 38.60 16.28 7.32
C LEU C 292 37.30 17.07 7.44
N CYS C 293 36.17 16.39 7.61
CA CYS C 293 34.89 17.08 7.71
C CYS C 293 34.94 18.19 8.75
N MET C 294 35.49 17.90 9.93
CA MET C 294 35.60 18.90 10.97
C MET C 294 36.75 19.87 10.69
N ARG C 295 37.88 19.36 10.19
CA ARG C 295 39.05 20.19 9.93
C ARG C 295 38.67 21.36 9.03
N GLN C 296 37.98 21.06 7.93
CA GLN C 296 37.53 22.10 7.01
C GLN C 296 36.76 23.18 7.74
N LEU C 297 35.77 22.78 8.55
CA LEU C 297 34.98 23.76 9.27
C LEU C 297 35.85 24.62 10.16
N HIS C 298 36.78 23.99 10.89
CA HIS C 298 37.69 24.74 11.74
C HIS C 298 38.42 25.81 10.92
N LYS C 299 38.98 25.39 9.78
CA LYS C 299 39.71 26.32 8.94
C LYS C 299 38.83 27.49 8.54
N SER C 300 37.60 27.20 8.11
CA SER C 300 36.71 28.28 7.71
C SER C 300 36.46 29.22 8.87
N LEU C 301 36.22 28.66 10.06
CA LEU C 301 35.92 29.48 11.22
C LEU C 301 37.11 30.36 11.58
N ARG C 302 38.31 29.90 11.30
CA ARG C 302 39.51 30.68 11.62
C ARG C 302 39.91 31.61 10.48
N GLU C 303 39.28 31.48 9.32
CA GLU C 303 39.56 32.34 8.18
C GLU C 303 38.48 33.42 8.03
N ASN C 304 37.22 33.02 7.93
CA ASN C 304 36.12 33.96 7.78
C ASN C 304 35.50 34.38 9.11
N HIS C 305 35.91 33.79 10.22
CA HIS C 305 35.39 34.14 11.54
C HIS C 305 33.86 34.03 11.60
N HIS C 306 33.30 33.01 10.94
CA HIS C 306 31.86 32.81 10.95
C HIS C 306 31.54 31.49 10.28
N LEU C 307 30.46 30.86 10.74
CA LEU C 307 29.95 29.64 10.12
C LEU C 307 28.44 29.76 9.99
N ARG C 308 27.92 29.16 8.92
CA ARG C 308 26.49 29.13 8.69
C ARG C 308 25.84 28.06 9.56
N HIS C 309 24.51 28.12 9.63
CA HIS C 309 23.75 27.26 10.54
C HIS C 309 24.28 25.82 10.50
N GLY C 310 24.23 25.20 9.33
CA GLY C 310 24.73 23.85 9.18
C GLY C 310 26.05 23.67 9.90
N GLY C 311 27.08 24.38 9.43
CA GLY C 311 28.39 24.26 10.04
C GLY C 311 28.36 24.49 11.53
N ARG C 312 27.72 25.60 11.95
CA ARG C 312 27.62 25.90 13.37
C ARG C 312 27.22 24.66 14.15
N MET C 313 26.11 24.03 13.73
CA MET C 313 25.65 22.83 14.41
C MET C 313 26.77 21.80 14.35
N GLN C 314 27.08 21.33 13.15
CA GLN C 314 27.99 20.21 12.97
C GLN C 314 29.18 20.39 13.91
N TYR C 315 29.96 21.43 13.66
CA TYR C 315 31.19 21.64 14.40
C TYR C 315 30.95 21.72 15.91
N GLY C 316 29.99 22.55 16.34
CA GLY C 316 29.76 22.69 17.77
C GLY C 316 29.47 21.37 18.43
N LEU C 317 28.60 20.57 17.81
CA LEU C 317 28.26 19.27 18.38
C LEU C 317 29.51 18.39 18.43
N PHE C 318 30.33 18.42 17.38
CA PHE C 318 31.58 17.68 17.41
C PHE C 318 32.42 18.10 18.62
N LEU C 319 32.49 19.40 18.86
CA LEU C 319 33.27 19.91 19.98
C LEU C 319 32.71 19.36 21.29
N LYS C 320 31.40 19.39 21.43
CA LYS C 320 30.77 18.80 22.61
C LYS C 320 31.21 17.35 22.75
N GLY C 321 31.22 16.61 21.64
CA GLY C 321 31.60 15.21 21.70
C GLY C 321 33.03 15.02 22.16
N ILE C 322 33.93 15.92 21.79
CA ILE C 322 35.32 15.80 22.22
C ILE C 322 35.55 16.37 23.61
N GLY C 323 34.51 16.90 24.25
CA GLY C 323 34.56 17.24 25.66
C GLY C 323 34.47 18.71 26.03
N LEU C 324 34.35 19.62 25.07
CA LEU C 324 34.18 21.02 25.43
C LEU C 324 32.91 21.19 26.27
N THR C 325 33.05 21.90 27.38
CA THR C 325 31.92 22.19 28.25
C THR C 325 31.16 23.42 27.76
N LEU C 326 29.93 23.57 28.24
CA LEU C 326 29.08 24.65 27.73
C LEU C 326 29.80 25.99 27.84
N GLU C 327 30.30 26.31 29.03
CA GLU C 327 31.05 27.55 29.20
C GLU C 327 32.17 27.65 28.18
N GLN C 328 32.97 26.59 28.07
CA GLN C 328 34.07 26.58 27.10
C GLN C 328 33.57 26.92 25.71
N ALA C 329 32.52 26.24 25.26
CA ALA C 329 32.00 26.48 23.91
C ALA C 329 31.55 27.92 23.76
N LEU C 330 30.86 28.45 24.77
CA LEU C 330 30.42 29.83 24.71
C LEU C 330 31.60 30.75 24.50
N GLN C 331 32.69 30.51 25.24
CA GLN C 331 33.89 31.32 25.04
C GLN C 331 34.40 31.18 23.62
N PHE C 332 34.52 29.94 23.15
CA PHE C 332 35.13 29.65 21.86
C PHE C 332 34.40 30.44 20.80
N TRP C 333 33.13 30.06 20.58
CA TRP C 333 32.31 30.74 19.59
C TRP C 333 32.32 32.24 19.80
N ARG C 334 32.16 32.69 21.05
CA ARG C 334 32.13 34.12 21.31
C ARG C 334 33.34 34.78 20.67
N LEU C 335 34.53 34.42 21.13
CA LEU C 335 35.75 35.04 20.60
C LEU C 335 35.72 35.02 19.09
N GLU C 336 35.46 33.84 18.52
CA GLU C 336 35.62 33.69 17.08
C GLU C 336 34.71 34.67 16.34
N PHE C 337 33.43 34.69 16.69
CA PHE C 337 32.51 35.59 16.01
C PHE C 337 32.86 37.05 16.31
N THR C 338 33.26 37.33 17.55
CA THR C 338 33.64 38.69 17.92
C THR C 338 34.79 39.18 17.08
N LYS C 339 35.58 38.28 16.50
CA LYS C 339 36.61 38.67 15.55
C LYS C 339 35.98 38.86 14.17
N GLY C 340 34.91 39.65 14.12
CA GLY C 340 34.33 40.07 12.85
C GLY C 340 32.82 40.13 12.85
N LYS C 341 32.28 41.30 12.51
CA LYS C 341 30.86 41.50 12.25
C LYS C 341 29.97 41.02 13.40
N VAL C 342 30.51 40.88 14.61
CA VAL C 342 29.71 40.47 15.76
C VAL C 342 30.30 41.11 17.01
N ASP C 343 29.41 41.62 17.87
CA ASP C 343 29.76 42.13 19.18
C ASP C 343 29.11 41.28 20.26
N SER C 344 29.57 41.46 21.49
CA SER C 344 29.12 40.61 22.59
C SER C 344 27.60 40.55 22.65
N GLU C 345 26.96 41.72 22.65
CA GLU C 345 25.50 41.76 22.72
C GLU C 345 24.88 40.86 21.65
N LYS C 346 25.37 40.96 20.41
CA LYS C 346 24.83 40.13 19.34
C LYS C 346 24.97 38.65 19.67
N PHE C 347 26.17 38.22 20.09
CA PHE C 347 26.35 36.83 20.43
C PHE C 347 25.40 36.40 21.53
N ASP C 348 25.05 37.31 22.43
CA ASP C 348 24.13 36.97 23.51
C ASP C 348 22.69 36.90 23.03
N LYS C 349 22.34 37.66 22.00
CA LYS C 349 20.94 37.78 21.61
C LYS C 349 20.52 36.78 20.55
N VAL C 350 21.39 36.48 19.59
CA VAL C 350 21.05 35.68 18.43
C VAL C 350 21.62 34.27 18.53
N TYR C 351 22.91 34.15 18.87
CA TYR C 351 23.63 32.90 18.75
C TYR C 351 23.71 32.10 20.04
N ALA C 352 23.81 32.77 21.19
CA ALA C 352 24.06 32.06 22.45
C ALA C 352 23.07 30.93 22.65
N TYR C 353 21.78 31.22 22.46
CA TYR C 353 20.75 30.21 22.66
C TYR C 353 21.09 28.94 21.90
N SER C 354 21.53 29.08 20.65
CA SER C 354 21.94 27.93 19.87
C SER C 354 22.88 27.03 20.66
N ILE C 355 24.02 27.58 21.09
CA ILE C 355 24.99 26.78 21.83
C ILE C 355 24.35 26.17 23.07
N ARG C 356 23.56 26.95 23.80
CA ARG C 356 22.94 26.43 25.00
C ARG C 356 22.13 25.19 24.68
N HIS C 357 21.31 25.27 23.63
CA HIS C 357 20.51 24.12 23.23
C HIS C 357 21.39 22.96 22.81
N ASN C 358 22.49 23.26 22.11
CA ASN C 358 23.43 22.22 21.73
C ASN C 358 23.92 21.45 22.96
N TYR C 359 24.03 22.13 24.10
CA TYR C 359 24.48 21.50 25.32
C TYR C 359 23.35 21.08 26.23
N GLY C 360 22.10 21.27 25.81
CA GLY C 360 20.95 20.85 26.58
C GLY C 360 20.52 19.43 26.24
N LYS C 361 19.40 19.02 26.84
CA LYS C 361 18.83 17.70 26.61
C LYS C 361 17.38 17.78 26.18
N GLU C 362 16.97 18.91 25.59
CA GLU C 362 15.63 19.09 25.07
C GLU C 362 15.72 19.49 23.61
N GLY C 363 14.89 18.89 22.79
CA GLY C 363 14.88 19.20 21.37
C GLY C 363 14.49 17.98 20.55
N LYS C 364 15.00 17.94 19.33
CA LYS C 364 14.64 16.92 18.35
C LYS C 364 15.69 15.83 18.22
N ARG C 365 16.65 15.76 19.14
CA ARG C 365 17.68 14.73 19.16
C ARG C 365 18.72 14.94 18.06
N THR C 366 18.48 15.88 17.16
CA THR C 366 19.48 16.34 16.22
C THR C 366 20.14 17.63 16.69
N ASP C 367 19.76 18.12 17.87
CA ASP C 367 20.28 19.37 18.41
C ASP C 367 21.34 19.14 19.47
N TYR C 368 21.30 18.01 20.17
CA TYR C 368 22.28 17.73 21.22
C TYR C 368 23.04 16.44 20.99
N THR C 369 22.86 15.80 19.84
CA THR C 369 23.55 14.56 19.53
C THR C 369 24.63 14.82 18.50
N PRO C 370 25.90 14.54 18.77
CA PRO C 370 26.93 14.71 17.74
C PRO C 370 26.59 13.91 16.49
N TYR C 371 26.80 14.54 15.34
CA TYR C 371 26.40 13.95 14.07
C TYR C 371 27.33 12.80 13.71
N SER C 372 26.74 11.74 13.19
CA SER C 372 27.48 10.57 12.74
C SER C 372 27.85 10.72 11.27
N CYS C 373 28.78 9.87 10.83
CA CYS C 373 29.24 9.92 9.45
C CYS C 373 28.06 9.89 8.49
N MET C 374 27.14 8.96 8.71
CA MET C 374 25.97 8.87 7.83
C MET C 374 25.14 10.15 7.89
N LYS C 375 24.92 10.70 9.09
CA LYS C 375 24.20 11.95 9.18
C LYS C 375 24.89 13.03 8.34
N VAL C 376 26.22 13.02 8.32
CA VAL C 376 26.94 14.05 7.58
C VAL C 376 26.93 13.78 6.08
N ILE C 377 26.79 12.52 5.66
CA ILE C 377 26.92 12.17 4.25
C ILE C 377 25.58 12.19 3.54
N LEU C 378 24.53 11.69 4.19
CA LEU C 378 23.24 11.48 3.56
C LEU C 378 22.21 12.52 3.97
N SER C 379 22.62 13.56 4.69
CA SER C 379 21.70 14.60 5.13
C SER C 379 22.40 15.94 5.07
N ASN C 380 21.62 16.97 4.73
CA ASN C 380 22.09 18.34 4.71
C ASN C 380 23.30 18.51 3.80
N PRO C 381 23.13 18.35 2.49
CA PRO C 381 24.25 18.59 1.57
C PRO C 381 24.59 20.07 1.50
N PRO C 382 25.87 20.42 1.59
CA PRO C 382 26.24 21.83 1.59
C PRO C 382 25.96 22.47 0.24
N SER C 383 25.62 23.75 0.28
CA SER C 383 25.49 24.57 -0.92
C SER C 383 26.74 25.42 -1.08
N GLN C 384 26.78 26.21 -2.15
CA GLN C 384 27.91 27.11 -2.35
C GLN C 384 28.03 28.06 -1.17
N GLY C 385 29.23 28.16 -0.63
CA GLY C 385 29.47 28.97 0.56
C GLY C 385 29.21 28.25 1.87
N ASP C 386 28.82 26.98 1.83
CA ASP C 386 28.62 26.17 3.02
C ASP C 386 29.78 25.19 3.14
N TYR C 387 30.41 25.15 4.31
CA TYR C 387 31.62 24.38 4.52
C TYR C 387 31.37 23.17 5.44
N HIS C 388 30.15 22.68 5.48
CA HIS C 388 29.83 21.48 6.23
C HIS C 388 29.71 20.30 5.28
N GLY C 389 29.41 19.14 5.84
CA GLY C 389 29.28 17.93 5.05
C GLY C 389 30.55 17.09 5.09
N CYS C 390 30.51 16.01 4.33
CA CYS C 390 31.67 15.12 4.22
C CYS C 390 32.48 15.51 2.99
N PRO C 391 33.74 15.93 3.14
CA PRO C 391 34.54 16.23 1.95
C PRO C 391 34.66 15.07 0.98
N PHE C 392 34.71 13.84 1.49
CA PHE C 392 34.85 12.68 0.61
C PHE C 392 33.63 12.47 -0.25
N ARG C 393 32.50 13.10 0.08
CA ARG C 393 31.26 12.95 -0.68
C ARG C 393 30.87 14.24 -1.39
N HIS C 394 30.91 15.37 -0.70
CA HIS C 394 30.33 16.60 -1.20
C HIS C 394 31.33 17.48 -1.91
N SER C 395 32.56 17.02 -2.10
CA SER C 395 33.58 17.77 -2.81
C SER C 395 33.91 17.06 -4.12
N ASP C 396 34.14 17.86 -5.15
CA ASP C 396 34.46 17.29 -6.45
C ASP C 396 35.71 16.42 -6.34
N PRO C 397 35.74 15.26 -6.99
CA PRO C 397 36.92 14.39 -6.88
C PRO C 397 38.23 15.13 -7.10
N GLU C 398 38.36 15.84 -8.22
CA GLU C 398 39.60 16.56 -8.50
C GLU C 398 39.98 17.48 -7.34
N LEU C 399 39.02 18.30 -6.89
CA LEU C 399 39.26 19.16 -5.74
C LEU C 399 39.79 18.34 -4.56
N LEU C 400 39.14 17.23 -4.24
CA LEU C 400 39.58 16.39 -3.14
C LEU C 400 41.04 15.98 -3.33
N LYS C 401 41.39 15.54 -4.55
CA LYS C 401 42.77 15.16 -4.83
C LYS C 401 43.70 16.33 -4.51
N GLN C 402 43.36 17.52 -5.00
CA GLN C 402 44.18 18.70 -4.73
C GLN C 402 44.37 18.86 -3.22
N LYS C 403 43.28 18.77 -2.47
CA LYS C 403 43.35 18.93 -1.02
C LYS C 403 44.32 17.93 -0.41
N LEU C 404 44.20 16.67 -0.82
CA LEU C 404 45.07 15.64 -0.27
C LEU C 404 46.52 15.94 -0.62
N GLN C 405 46.76 16.43 -1.84
CA GLN C 405 48.12 16.81 -2.20
C GLN C 405 48.60 17.93 -1.29
N SER C 406 47.71 18.86 -0.96
CA SER C 406 48.08 19.94 -0.03
C SER C 406 48.47 19.37 1.32
N PHE C 407 47.92 18.21 1.69
CA PHE C 407 48.25 17.56 2.95
C PHE C 407 49.47 16.67 2.84
N LYS C 408 50.09 16.57 1.67
CA LYS C 408 51.33 15.81 1.48
C LYS C 408 51.17 14.34 1.89
N VAL C 409 50.07 13.73 1.45
CA VAL C 409 49.86 12.30 1.67
C VAL C 409 50.46 11.58 0.47
N PRO C 410 51.11 10.42 0.65
CA PRO C 410 51.81 9.79 -0.47
C PRO C 410 50.86 9.47 -1.62
N SER C 411 51.36 9.65 -2.84
CA SER C 411 50.51 9.57 -4.03
C SER C 411 49.74 8.25 -4.07
N SER C 412 50.42 7.14 -3.83
CA SER C 412 49.75 5.84 -3.84
C SER C 412 48.54 5.86 -2.90
N GLY C 413 48.75 6.33 -1.67
CA GLY C 413 47.62 6.43 -0.75
C GLY C 413 46.50 7.26 -1.32
N ILE C 414 46.83 8.41 -1.93
CA ILE C 414 45.81 9.24 -2.57
C ILE C 414 45.01 8.40 -3.55
N ASN C 415 45.71 7.68 -4.42
CA ASN C 415 45.03 6.85 -5.41
C ASN C 415 44.07 5.90 -4.72
N GLN C 416 44.54 5.21 -3.68
CA GLN C 416 43.66 4.29 -2.95
C GLN C 416 42.40 5.00 -2.50
N ILE C 417 42.58 6.14 -1.83
CA ILE C 417 41.46 6.90 -1.31
C ILE C 417 40.48 7.21 -2.42
N LEU C 418 41.00 7.71 -3.55
CA LEU C 418 40.14 8.12 -4.65
C LEU C 418 39.37 6.93 -5.18
N GLU C 419 40.04 5.78 -5.33
CA GLU C 419 39.36 4.58 -5.77
C GLU C 419 38.18 4.29 -4.85
N LEU C 420 38.41 4.35 -3.54
CA LEU C 420 37.34 4.06 -2.60
C LEU C 420 36.19 5.05 -2.79
N VAL C 421 36.52 6.32 -3.00
CA VAL C 421 35.50 7.35 -3.20
C VAL C 421 34.68 7.03 -4.43
N LYS C 422 35.33 6.53 -5.49
CA LYS C 422 34.62 6.21 -6.71
C LYS C 422 33.62 5.08 -6.49
N GLY C 423 33.87 4.23 -5.50
CA GLY C 423 32.96 3.18 -5.12
C GLY C 423 31.90 3.61 -4.13
N MET C 424 31.82 4.90 -3.83
CA MET C 424 30.88 5.44 -2.85
C MET C 424 31.13 4.91 -1.45
N HIS C 425 32.35 4.46 -1.19
CA HIS C 425 32.76 3.96 0.13
C HIS C 425 33.44 5.06 0.94
N TYR C 426 32.70 6.16 1.12
CA TYR C 426 33.28 7.38 1.68
C TYR C 426 33.93 7.11 3.04
N GLN C 427 33.19 6.50 3.96
CA GLN C 427 33.75 6.19 5.27
C GLN C 427 35.05 5.43 5.14
N LEU C 428 35.08 4.41 4.28
CA LEU C 428 36.30 3.64 4.10
C LEU C 428 37.43 4.53 3.61
N ALA C 429 37.14 5.43 2.66
CA ALA C 429 38.14 6.39 2.23
C ALA C 429 38.72 7.15 3.43
N CYS C 430 37.84 7.70 4.27
CA CYS C 430 38.30 8.41 5.45
C CYS C 430 39.18 7.51 6.30
N GLN C 431 38.77 6.25 6.47
CA GLN C 431 39.55 5.30 7.27
C GLN C 431 40.95 5.16 6.70
N LYS C 432 41.05 5.02 5.38
CA LYS C 432 42.36 4.91 4.74
C LYS C 432 43.18 6.14 5.02
N TYR C 433 42.56 7.32 4.90
CA TYR C 433 43.27 8.55 5.21
C TYR C 433 43.83 8.49 6.62
N PHE C 434 42.99 8.09 7.58
CA PHE C 434 43.43 7.96 8.96
C PHE C 434 44.66 7.05 9.03
N GLU C 435 44.56 5.86 8.42
CA GLU C 435 45.64 4.89 8.51
C GLU C 435 46.93 5.45 7.95
N LEU C 436 46.82 6.29 6.92
CA LEU C 436 48.01 6.90 6.34
C LEU C 436 48.59 7.93 7.28
N THR C 437 47.73 8.83 7.80
CA THR C 437 48.23 9.96 8.57
C THR C 437 48.91 9.50 9.85
N HIS C 438 48.34 8.51 10.52
CA HIS C 438 48.92 7.95 11.74
C HIS C 438 49.93 6.84 11.47
N SER C 439 50.17 6.48 10.20
CA SER C 439 51.15 5.46 9.85
C SER C 439 50.89 4.14 10.58
N VAL C 440 49.66 3.66 10.47
CA VAL C 440 49.29 2.34 10.99
C VAL C 440 48.63 1.55 9.87
N ASP C 441 49.14 0.35 9.62
CA ASP C 441 48.60 -0.46 8.53
C ASP C 441 47.14 -0.81 8.79
N ASP C 442 46.82 -1.19 10.02
CA ASP C 442 45.45 -1.53 10.42
C ASP C 442 45.02 -0.60 11.54
N CYS C 443 43.89 0.06 11.36
CA CYS C 443 43.42 0.99 12.38
C CYS C 443 42.83 0.29 13.59
N GLY C 444 42.26 -0.90 13.38
CA GLY C 444 41.65 -1.63 14.47
C GLY C 444 40.24 -1.24 14.79
N PHE C 445 39.59 -0.42 13.95
CA PHE C 445 38.22 -0.02 14.19
C PHE C 445 37.56 0.33 12.86
N SER C 446 36.23 0.34 12.87
CA SER C 446 35.44 0.73 11.72
C SER C 446 34.91 2.14 11.94
N LEU C 447 35.19 3.02 10.98
CA LEU C 447 34.84 4.43 11.13
C LEU C 447 33.36 4.63 10.83
N ASN C 448 32.62 5.14 11.80
CA ASN C 448 31.22 5.50 11.59
C ASN C 448 30.84 6.79 12.27
N HIS C 449 31.77 7.50 12.91
CA HIS C 449 31.46 8.73 13.62
C HIS C 449 32.70 9.61 13.73
N PRO C 450 32.61 10.90 13.43
CA PRO C 450 33.80 11.76 13.59
C PRO C 450 34.38 11.74 14.99
N ASN C 451 33.54 11.77 16.02
CA ASN C 451 34.05 11.76 17.38
C ASN C 451 34.86 10.49 17.63
N GLN C 452 34.37 9.35 17.16
CA GLN C 452 35.16 8.12 17.21
C GLN C 452 36.54 8.35 16.59
N TYR C 453 36.58 8.91 15.39
CA TYR C 453 37.83 9.30 14.76
C TYR C 453 38.73 10.00 15.76
N PHE C 454 38.25 11.12 16.29
CA PHE C 454 39.07 11.90 17.23
C PHE C 454 39.60 11.02 18.34
N ALA C 455 38.70 10.24 18.96
CA ALA C 455 39.08 9.44 20.11
C ALA C 455 40.20 8.48 19.75
N GLU C 456 40.06 7.80 18.62
CA GLU C 456 41.09 6.86 18.20
C GLU C 456 42.41 7.57 17.97
N SER C 457 42.36 8.74 17.32
CA SER C 457 43.58 9.52 17.13
C SER C 457 44.25 9.76 18.46
N GLN C 458 43.47 10.19 19.45
CA GLN C 458 44.05 10.51 20.75
C GLN C 458 44.58 9.25 21.43
N LYS C 459 43.93 8.11 21.20
CA LYS C 459 44.44 6.86 21.74
C LYS C 459 45.79 6.53 21.14
N LEU C 460 45.99 6.87 19.87
CA LEU C 460 47.29 6.74 19.25
C LEU C 460 48.20 7.92 19.58
N LEU C 461 47.64 8.99 20.14
CA LEU C 461 48.42 10.16 20.54
C LEU C 461 49.22 10.69 19.37
N TYR D 9 17.80 -39.15 -61.07
CA TYR D 9 16.54 -38.77 -60.45
C TYR D 9 16.06 -37.44 -61.03
N ASP D 10 14.77 -37.39 -61.38
CA ASP D 10 14.18 -36.20 -61.97
C ASP D 10 13.34 -35.49 -60.94
N PRO D 11 13.70 -34.27 -60.51
CA PRO D 11 12.90 -33.62 -59.45
C PRO D 11 11.53 -33.19 -59.92
N ALA D 12 11.34 -32.98 -61.23
CA ALA D 12 10.00 -32.83 -61.76
C ALA D 12 9.16 -34.07 -61.51
N SER D 13 9.79 -35.22 -61.28
CA SER D 13 9.08 -36.44 -60.93
C SER D 13 8.75 -36.52 -59.45
N LEU D 14 9.23 -35.58 -58.64
CA LEU D 14 8.89 -35.59 -57.22
C LEU D 14 7.38 -35.52 -57.00
N PRO D 15 6.64 -34.60 -57.59
CA PRO D 15 5.20 -34.52 -57.29
C PRO D 15 4.45 -35.77 -57.69
N ASP D 16 5.00 -36.58 -58.59
CA ASP D 16 4.34 -37.82 -58.98
C ASP D 16 4.50 -38.92 -57.94
N VAL D 17 5.64 -38.97 -57.25
CA VAL D 17 5.96 -40.13 -56.42
C VAL D 17 5.57 -39.87 -54.98
N LEU D 18 5.60 -38.61 -54.54
CA LEU D 18 5.38 -38.30 -53.13
C LEU D 18 4.13 -38.95 -52.58
N PRO D 19 2.97 -38.89 -53.23
CA PRO D 19 1.78 -39.49 -52.62
C PRO D 19 1.95 -40.99 -52.36
N LEU D 20 2.35 -41.75 -53.38
CA LEU D 20 2.47 -43.19 -53.21
C LEU D 20 3.31 -43.50 -51.98
N TYR D 21 4.45 -42.83 -51.85
CA TYR D 21 5.33 -43.11 -50.73
C TYR D 21 4.59 -42.86 -49.41
N TYR D 22 3.95 -41.70 -49.32
CA TYR D 22 3.25 -41.32 -48.10
C TYR D 22 2.06 -42.21 -47.88
N ARG D 23 1.66 -42.97 -48.88
CA ARG D 23 0.52 -43.85 -48.79
C ARG D 23 0.95 -45.26 -48.44
N ARG D 24 2.06 -45.75 -49.00
CA ARG D 24 2.39 -47.16 -48.84
C ARG D 24 3.80 -47.43 -48.34
N LEU D 25 4.57 -46.42 -47.97
CA LEU D 25 5.94 -46.65 -47.56
C LEU D 25 6.34 -45.95 -46.27
N PHE D 26 5.94 -44.70 -46.08
CA PHE D 26 6.25 -43.96 -44.87
C PHE D 26 5.81 -44.74 -43.62
N PRO D 27 6.73 -45.11 -42.73
CA PRO D 27 6.39 -45.97 -41.57
C PRO D 27 5.65 -45.23 -40.47
N PHE D 28 4.33 -45.11 -40.63
CA PHE D 28 3.54 -44.31 -39.70
C PHE D 28 3.41 -44.97 -38.34
N TYR D 29 3.29 -46.30 -38.29
CA TYR D 29 3.12 -46.97 -37.00
C TYR D 29 4.32 -46.71 -36.09
N GLN D 30 5.53 -46.97 -36.59
CA GLN D 30 6.72 -46.73 -35.79
C GLN D 30 6.90 -45.25 -35.52
N TYR D 31 6.52 -44.40 -36.47
CA TYR D 31 6.62 -42.96 -36.27
C TYR D 31 5.79 -42.51 -35.07
N PHE D 32 4.57 -43.04 -34.97
CA PHE D 32 3.72 -42.70 -33.85
C PHE D 32 4.26 -43.32 -32.57
N ARG D 33 4.77 -44.54 -32.62
CA ARG D 33 5.40 -45.12 -31.44
C ARG D 33 6.48 -44.19 -30.89
N TRP D 34 7.30 -43.68 -31.80
CA TRP D 34 8.36 -42.75 -31.42
C TRP D 34 7.78 -41.51 -30.76
N LEU D 35 6.99 -40.74 -31.52
CA LEU D 35 6.62 -39.43 -31.02
C LEU D 35 5.61 -39.53 -29.89
N ASN D 36 4.96 -40.68 -29.70
CA ASN D 36 4.02 -40.87 -28.62
C ASN D 36 4.69 -41.31 -27.34
N TYR D 37 5.87 -41.91 -27.41
CA TYR D 37 6.65 -42.25 -26.22
C TYR D 37 5.80 -43.02 -25.21
N GLY D 38 5.17 -44.09 -25.69
CA GLY D 38 4.44 -44.99 -24.81
C GLY D 38 3.29 -44.38 -24.05
N GLY D 39 2.70 -43.29 -24.53
CA GLY D 39 1.51 -42.73 -23.91
C GLY D 39 1.62 -42.35 -22.44
N VAL D 40 2.79 -42.55 -21.82
CA VAL D 40 2.94 -42.26 -20.39
C VAL D 40 2.42 -40.87 -20.05
N VAL D 41 2.85 -39.85 -20.79
CA VAL D 41 2.44 -38.47 -20.52
C VAL D 41 1.27 -38.15 -21.42
N LYS D 42 0.15 -37.74 -20.82
CA LYS D 42 -1.03 -37.40 -21.58
C LYS D 42 -0.81 -36.12 -22.38
N ASN D 43 -1.39 -36.07 -23.58
CA ASN D 43 -1.28 -34.97 -24.51
C ASN D 43 0.12 -34.81 -25.08
N TYR D 44 0.99 -35.80 -24.89
CA TYR D 44 2.35 -35.68 -25.38
C TYR D 44 2.39 -35.64 -26.90
N PHE D 45 1.75 -36.60 -27.56
CA PHE D 45 1.69 -36.56 -29.01
C PHE D 45 0.77 -35.46 -29.49
N GLN D 46 -0.22 -35.09 -28.68
CA GLN D 46 -1.22 -34.13 -29.10
C GLN D 46 -0.71 -32.71 -29.02
N HIS D 47 0.35 -32.48 -28.26
CA HIS D 47 0.95 -31.16 -28.12
C HIS D 47 2.23 -31.00 -28.94
N ARG D 48 2.58 -32.01 -29.74
CA ARG D 48 3.76 -31.94 -30.58
C ARG D 48 3.53 -31.00 -31.77
N GLU D 49 4.51 -30.14 -32.04
CA GLU D 49 4.50 -29.29 -33.21
C GLU D 49 5.11 -30.02 -34.41
N PHE D 50 4.45 -29.88 -35.54
CA PHE D 50 5.00 -30.28 -36.83
C PHE D 50 5.00 -29.06 -37.75
N SER D 51 5.83 -29.11 -38.79
CA SER D 51 5.73 -28.12 -39.85
C SER D 51 5.89 -28.80 -41.20
N PHE D 52 5.14 -28.30 -42.17
CA PHE D 52 5.12 -28.85 -43.52
C PHE D 52 5.61 -27.80 -44.51
N THR D 53 6.38 -28.24 -45.51
CA THR D 53 6.71 -27.42 -46.66
C THR D 53 6.11 -28.08 -47.89
N LEU D 54 5.19 -27.38 -48.54
CA LEU D 54 4.42 -27.87 -49.67
C LEU D 54 5.06 -27.39 -50.98
N LYS D 55 4.39 -27.70 -52.09
CA LYS D 55 4.88 -27.27 -53.39
C LYS D 55 4.98 -25.75 -53.48
N ASP D 56 5.93 -25.28 -54.27
CA ASP D 56 6.21 -23.85 -54.43
C ASP D 56 6.63 -23.20 -53.12
N ASP D 57 7.32 -23.95 -52.26
CA ASP D 57 7.88 -23.41 -51.03
C ASP D 57 6.82 -22.65 -50.23
N VAL D 58 5.81 -23.38 -49.81
CA VAL D 58 4.76 -22.87 -48.93
C VAL D 58 4.93 -23.53 -47.57
N TYR D 59 5.14 -22.72 -46.54
CA TYR D 59 5.54 -23.19 -45.23
C TYR D 59 4.38 -23.03 -44.25
N VAL D 60 4.10 -24.07 -43.47
CA VAL D 60 3.06 -24.01 -42.46
C VAL D 60 3.57 -24.66 -41.18
N ARG D 61 3.26 -24.04 -40.05
CA ARG D 61 3.62 -24.61 -38.76
C ARG D 61 2.45 -24.59 -37.79
N TYR D 62 2.71 -24.89 -36.52
CA TYR D 62 1.67 -25.06 -35.51
C TYR D 62 0.65 -26.09 -35.96
N GLN D 63 1.12 -27.13 -36.65
CA GLN D 63 0.32 -28.29 -36.98
C GLN D 63 0.40 -29.33 -35.88
N SER D 64 -0.75 -29.74 -35.36
CA SER D 64 -0.81 -30.82 -34.38
C SER D 64 -1.93 -31.77 -34.76
N PHE D 65 -1.87 -32.98 -34.23
CA PHE D 65 -2.80 -34.03 -34.63
C PHE D 65 -3.26 -34.81 -33.41
N ASN D 66 -4.46 -35.38 -33.50
CA ASN D 66 -5.05 -36.07 -32.36
C ASN D 66 -4.45 -37.45 -32.16
N ASN D 67 -4.20 -38.18 -33.24
CA ASN D 67 -3.61 -39.51 -33.14
C ASN D 67 -3.12 -39.92 -34.52
N GLN D 68 -2.66 -41.17 -34.62
CA GLN D 68 -2.06 -41.65 -35.86
C GLN D 68 -2.99 -41.52 -37.05
N SER D 69 -4.29 -41.76 -36.86
CA SER D 69 -5.22 -41.68 -37.98
C SER D 69 -5.28 -40.26 -38.54
N GLU D 70 -5.39 -39.27 -37.67
CA GLU D 70 -5.44 -37.89 -38.15
C GLU D 70 -4.16 -37.52 -38.88
N LEU D 71 -3.01 -37.93 -38.34
CA LEU D 71 -1.74 -37.61 -38.99
C LEU D 71 -1.68 -38.24 -40.37
N GLU D 72 -1.96 -39.54 -40.47
CA GLU D 72 -1.96 -40.20 -41.77
C GLU D 72 -2.87 -39.48 -42.74
N LYS D 73 -4.05 -39.07 -42.27
CA LYS D 73 -5.01 -38.41 -43.14
C LYS D 73 -4.44 -37.11 -43.65
N GLU D 74 -4.17 -36.18 -42.75
CA GLU D 74 -3.77 -34.84 -43.17
C GLU D 74 -2.48 -34.86 -43.98
N MET D 75 -1.58 -35.81 -43.69
CA MET D 75 -0.35 -35.91 -44.47
C MET D 75 -0.64 -36.40 -45.87
N GLN D 76 -1.41 -37.49 -46.00
CA GLN D 76 -1.74 -37.98 -47.33
C GLN D 76 -2.53 -36.92 -48.10
N LYS D 77 -3.24 -36.05 -47.40
CA LYS D 77 -4.00 -35.00 -48.07
C LYS D 77 -3.08 -33.89 -48.57
N MET D 78 -2.11 -33.47 -47.76
CA MET D 78 -1.29 -32.32 -48.13
C MET D 78 -0.17 -32.70 -49.09
N CYS D 79 0.41 -33.89 -48.92
CA CYS D 79 1.56 -34.32 -49.71
C CYS D 79 2.70 -33.31 -49.58
N PRO D 80 3.22 -33.10 -48.39
CA PRO D 80 4.25 -32.07 -48.20
C PRO D 80 5.60 -32.49 -48.76
N TYR D 81 6.37 -31.50 -49.19
CA TYR D 81 7.71 -31.77 -49.67
C TYR D 81 8.70 -31.95 -48.53
N LYS D 82 8.49 -31.25 -47.42
CA LYS D 82 9.37 -31.35 -46.24
C LYS D 82 8.50 -31.52 -45.01
N ILE D 83 8.98 -32.35 -44.08
CA ILE D 83 8.35 -32.54 -42.78
C ILE D 83 9.39 -32.28 -41.71
N ASP D 84 9.11 -31.32 -40.83
CA ASP D 84 9.96 -30.99 -39.71
C ASP D 84 9.22 -31.24 -38.40
N ILE D 85 9.92 -31.81 -37.44
CA ILE D 85 9.37 -32.06 -36.11
C ILE D 85 9.85 -30.95 -35.19
N GLY D 86 8.95 -30.46 -34.34
CA GLY D 86 9.29 -29.37 -33.46
C GLY D 86 9.10 -29.72 -32.00
N ALA D 87 8.82 -28.73 -31.16
CA ALA D 87 8.73 -28.98 -29.73
C ALA D 87 7.35 -29.53 -29.36
N VAL D 88 7.26 -30.02 -28.12
CA VAL D 88 6.00 -30.33 -27.47
C VAL D 88 5.64 -29.14 -26.59
N TYR D 89 4.50 -28.52 -26.86
CA TYR D 89 4.14 -27.26 -26.25
C TYR D 89 3.22 -27.48 -25.06
N SER D 90 2.88 -26.39 -24.38
CA SER D 90 2.00 -26.48 -23.22
C SER D 90 0.58 -26.83 -23.63
N HIS D 91 0.18 -26.45 -24.83
CA HIS D 91 -1.12 -26.75 -25.38
C HIS D 91 -0.94 -27.30 -26.80
N ARG D 92 -2.04 -27.60 -27.46
CA ARG D 92 -1.96 -28.06 -28.84
C ARG D 92 -1.60 -26.90 -29.76
N PRO D 93 -0.54 -27.01 -30.57
CA PRO D 93 -0.20 -25.93 -31.50
C PRO D 93 -1.34 -25.49 -32.40
N SER D 94 -2.20 -26.42 -32.82
CA SER D 94 -3.30 -26.06 -33.71
C SER D 94 -4.15 -24.95 -33.13
N LEU D 95 -4.23 -24.88 -31.80
CA LEU D 95 -5.04 -23.89 -31.10
C LEU D 95 -4.18 -22.81 -30.46
N HIS D 96 -3.00 -22.54 -31.01
CA HIS D 96 -2.12 -21.54 -30.39
C HIS D 96 -2.75 -20.16 -30.42
N ASN D 97 -3.63 -19.90 -31.39
CA ASN D 97 -4.33 -18.62 -31.44
C ASN D 97 -5.25 -18.45 -30.24
N THR D 98 -5.75 -19.57 -29.69
CA THR D 98 -6.71 -19.60 -28.60
C THR D 98 -6.06 -19.50 -27.24
N VAL D 99 -4.75 -19.63 -27.15
CA VAL D 99 -4.02 -19.65 -25.90
C VAL D 99 -3.62 -18.22 -25.57
N LYS D 100 -3.79 -17.84 -24.30
CA LYS D 100 -3.54 -16.47 -23.89
C LYS D 100 -2.05 -16.14 -23.97
N SER D 101 -1.76 -14.93 -24.41
CA SER D 101 -0.41 -14.54 -24.77
C SER D 101 0.54 -14.79 -23.62
N GLY D 102 1.68 -15.43 -23.92
CA GLY D 102 2.63 -15.81 -22.92
C GLY D 102 2.38 -17.17 -22.30
N THR D 103 1.19 -17.74 -22.50
CA THR D 103 0.85 -19.04 -21.96
C THR D 103 1.12 -20.17 -22.96
N PHE D 104 1.65 -19.86 -24.13
CA PHE D 104 2.01 -20.86 -25.13
C PHE D 104 3.52 -21.02 -25.10
N GLN D 105 3.98 -22.11 -24.48
CA GLN D 105 5.39 -22.30 -24.20
C GLN D 105 5.83 -23.68 -24.66
N ALA D 106 6.98 -23.73 -25.32
CA ALA D 106 7.63 -24.99 -25.63
C ALA D 106 8.25 -25.57 -24.37
N GLN D 107 7.91 -26.82 -24.06
CA GLN D 107 8.21 -27.43 -22.77
C GLN D 107 9.19 -28.59 -22.86
N GLU D 108 9.10 -29.43 -23.88
CA GLU D 108 9.99 -30.57 -24.00
C GLU D 108 10.33 -30.82 -25.47
N LYS D 109 11.55 -31.27 -25.72
CA LYS D 109 11.95 -31.70 -27.05
C LYS D 109 13.24 -32.49 -26.95
N GLU D 110 13.39 -33.43 -27.88
CA GLU D 110 14.63 -34.19 -28.00
C GLU D 110 15.82 -33.24 -28.11
N LEU D 111 16.98 -33.68 -27.65
CA LEU D 111 18.20 -32.90 -27.83
C LEU D 111 18.78 -33.28 -29.18
N VAL D 112 18.98 -32.31 -30.06
CA VAL D 112 19.31 -32.62 -31.45
C VAL D 112 20.60 -31.93 -31.85
N PHE D 113 21.34 -32.59 -32.72
CA PHE D 113 22.56 -32.04 -33.29
C PHE D 113 22.50 -32.16 -34.80
N ASP D 114 22.95 -31.12 -35.49
CA ASP D 114 23.05 -31.12 -36.95
C ASP D 114 24.50 -30.91 -37.34
N ILE D 115 25.09 -31.91 -38.02
CA ILE D 115 26.44 -31.81 -38.55
C ILE D 115 26.31 -31.77 -40.07
N ASP D 116 26.86 -30.72 -40.67
CA ASP D 116 26.67 -30.40 -42.08
C ASP D 116 28.02 -30.27 -42.76
N MET D 117 28.22 -31.03 -43.84
CA MET D 117 29.51 -31.01 -44.51
C MET D 117 29.88 -29.61 -44.96
N THR D 118 28.88 -28.79 -45.29
CA THR D 118 29.19 -27.45 -45.77
C THR D 118 30.01 -26.66 -44.74
N ASP D 119 29.86 -26.98 -43.46
CA ASP D 119 30.60 -26.26 -42.42
C ASP D 119 32.06 -26.66 -42.37
N TYR D 120 32.47 -27.66 -43.14
CA TYR D 120 33.83 -28.15 -43.21
C TYR D 120 34.55 -27.65 -44.45
N ASP D 121 33.98 -26.69 -45.17
CA ASP D 121 34.47 -26.37 -46.50
C ASP D 121 35.88 -25.82 -46.48
N ASP D 122 36.21 -25.02 -45.48
CA ASP D 122 37.55 -24.43 -45.42
C ASP D 122 38.65 -25.46 -45.15
N VAL D 123 38.30 -26.72 -44.92
CA VAL D 123 39.29 -27.71 -44.50
C VAL D 123 39.20 -29.01 -45.30
N ARG D 124 38.35 -29.05 -46.32
CA ARG D 124 38.33 -30.19 -47.23
C ARG D 124 38.70 -29.77 -48.64
N ARG D 125 39.35 -30.70 -49.36
CA ARG D 125 39.95 -30.42 -50.66
C ARG D 125 39.32 -31.18 -51.81
N CYS D 126 38.54 -32.23 -51.53
CA CYS D 126 38.01 -33.07 -52.60
C CYS D 126 36.76 -32.45 -53.23
N CYS D 127 35.91 -31.83 -52.41
CA CYS D 127 34.64 -31.30 -52.86
C CYS D 127 34.47 -29.89 -52.29
N SER D 128 33.36 -29.25 -52.66
CA SER D 128 33.01 -27.95 -52.11
C SER D 128 31.50 -27.80 -52.09
N SER D 129 31.02 -26.87 -51.27
CA SER D 129 29.60 -26.59 -51.16
C SER D 129 28.84 -27.88 -50.87
N ALA D 130 27.88 -28.26 -51.73
CA ALA D 130 27.02 -29.40 -51.46
C ALA D 130 27.53 -30.69 -52.08
N ASP D 131 28.71 -30.68 -52.69
CA ASP D 131 29.29 -31.90 -53.23
C ASP D 131 29.88 -32.73 -52.11
N ILE D 132 29.65 -34.05 -52.17
CA ILE D 132 30.28 -35.01 -51.28
C ILE D 132 30.82 -36.16 -52.09
N CYS D 133 31.81 -36.84 -51.53
CA CYS D 133 32.45 -37.97 -52.19
C CYS D 133 32.92 -38.94 -51.11
N PRO D 134 33.31 -40.15 -51.50
CA PRO D 134 33.77 -41.13 -50.51
C PRO D 134 35.01 -40.67 -49.76
N LYS D 135 35.78 -39.75 -50.34
CA LYS D 135 37.01 -39.31 -49.70
C LYS D 135 36.75 -38.36 -48.54
N CYS D 136 35.60 -37.67 -48.53
CA CYS D 136 35.30 -36.74 -47.45
C CYS D 136 34.28 -37.29 -46.45
N TRP D 137 33.53 -38.33 -46.80
CA TRP D 137 32.51 -38.80 -45.87
C TRP D 137 33.11 -39.30 -44.57
N THR D 138 34.37 -39.72 -44.58
CA THR D 138 35.00 -40.17 -43.34
C THR D 138 34.90 -39.13 -42.24
N LEU D 139 34.80 -37.84 -42.60
CA LEU D 139 34.64 -36.82 -41.57
C LEU D 139 33.37 -37.07 -40.78
N MET D 140 32.25 -37.25 -41.47
CA MET D 140 31.04 -37.64 -40.77
C MET D 140 31.27 -38.90 -39.97
N THR D 141 31.95 -39.88 -40.56
CA THR D 141 32.22 -41.12 -39.85
C THR D 141 32.94 -40.84 -38.55
N ILE D 142 33.85 -39.87 -38.53
CA ILE D 142 34.52 -39.51 -37.30
C ILE D 142 33.54 -38.85 -36.34
N ALA D 143 32.78 -37.88 -36.83
CA ALA D 143 31.91 -37.11 -35.94
C ALA D 143 31.01 -38.02 -35.15
N VAL D 144 30.31 -38.92 -35.84
CA VAL D 144 29.33 -39.76 -35.18
C VAL D 144 29.99 -40.52 -34.03
N ARG D 145 31.22 -40.97 -34.23
CA ARG D 145 31.91 -41.68 -33.16
C ARG D 145 32.33 -40.74 -32.05
N ILE D 146 32.90 -39.58 -32.41
CA ILE D 146 33.38 -38.67 -31.38
C ILE D 146 32.22 -38.17 -30.52
N LEU D 147 31.14 -37.71 -31.17
CA LEU D 147 30.02 -37.17 -30.41
C LEU D 147 29.28 -38.28 -29.67
N ASP D 148 28.88 -39.34 -30.38
CA ASP D 148 28.00 -40.33 -29.77
C ASP D 148 28.66 -40.94 -28.53
N ARG D 149 29.98 -41.12 -28.58
CA ARG D 149 30.66 -41.64 -27.41
C ARG D 149 30.48 -40.71 -26.23
N ALA D 150 30.73 -39.42 -26.43
CA ALA D 150 30.48 -38.49 -25.34
C ALA D 150 29.06 -38.64 -24.83
N LEU D 151 28.09 -38.65 -25.74
CA LEU D 151 26.71 -38.69 -25.30
C LEU D 151 26.39 -39.96 -24.54
N ALA D 152 27.15 -41.03 -24.77
CA ALA D 152 26.93 -42.28 -24.07
C ALA D 152 27.77 -42.41 -22.81
N GLU D 153 28.83 -41.62 -22.68
CA GLU D 153 29.74 -41.76 -21.56
C GLU D 153 29.76 -40.55 -20.65
N ASP D 154 29.85 -39.33 -21.20
CA ASP D 154 29.95 -38.17 -20.34
C ASP D 154 28.59 -37.76 -19.78
N PHE D 155 27.54 -37.86 -20.60
CA PHE D 155 26.22 -37.39 -20.22
C PHE D 155 25.25 -38.52 -19.86
N GLY D 156 25.54 -39.74 -20.28
CA GLY D 156 24.71 -40.87 -19.93
C GLY D 156 23.40 -40.94 -20.68
N PHE D 157 23.31 -40.32 -21.85
CA PHE D 157 22.14 -40.44 -22.69
C PHE D 157 22.14 -41.81 -23.37
N LYS D 158 21.05 -42.54 -23.21
CA LYS D 158 20.97 -43.94 -23.59
C LYS D 158 20.21 -44.24 -24.87
N HIS D 159 19.36 -43.33 -25.34
CA HIS D 159 18.55 -43.55 -26.54
C HIS D 159 18.88 -42.48 -27.58
N ARG D 160 19.73 -42.85 -28.54
CA ARG D 160 20.29 -41.93 -29.51
C ARG D 160 20.08 -42.47 -30.91
N LEU D 161 19.38 -41.70 -31.74
CA LEU D 161 19.03 -42.07 -33.10
C LEU D 161 19.78 -41.17 -34.06
N TRP D 162 20.69 -41.75 -34.83
CA TRP D 162 21.45 -41.00 -35.83
C TRP D 162 20.75 -41.19 -37.18
N VAL D 163 20.57 -40.09 -37.91
CA VAL D 163 19.81 -40.10 -39.15
C VAL D 163 20.57 -39.35 -40.21
N TYR D 164 20.61 -39.92 -41.42
CA TYR D 164 21.21 -39.23 -42.55
C TYR D 164 20.33 -38.07 -42.95
N SER D 165 20.95 -36.92 -43.25
CA SER D 165 20.17 -35.73 -43.50
C SER D 165 19.63 -35.70 -44.92
N GLY D 166 20.13 -36.58 -45.78
CA GLY D 166 19.71 -36.70 -47.16
C GLY D 166 20.76 -36.25 -48.15
N ARG D 167 21.59 -35.28 -47.77
CA ARG D 167 22.60 -34.78 -48.69
C ARG D 167 23.96 -34.50 -48.05
N ARG D 168 24.00 -33.48 -47.19
CA ARG D 168 25.27 -32.92 -46.75
C ARG D 168 25.73 -33.37 -45.38
N GLY D 169 24.94 -34.13 -44.64
CA GLY D 169 25.35 -34.44 -43.28
C GLY D 169 24.39 -35.33 -42.54
N VAL D 170 24.50 -35.28 -41.22
CA VAL D 170 23.76 -36.17 -40.33
C VAL D 170 23.17 -35.41 -39.17
N HIS D 171 22.05 -35.90 -38.67
CA HIS D 171 21.39 -35.38 -37.50
C HIS D 171 21.46 -36.44 -36.41
N CYS D 172 21.43 -36.00 -35.16
CA CYS D 172 21.30 -36.88 -34.01
C CYS D 172 20.15 -36.44 -33.12
N TRP D 173 19.27 -37.38 -32.81
CA TRP D 173 18.16 -37.19 -31.88
C TRP D 173 18.45 -37.97 -30.60
N VAL D 174 18.60 -37.25 -29.50
CA VAL D 174 18.82 -37.83 -28.18
C VAL D 174 17.51 -37.72 -27.44
N CYS D 175 16.89 -38.86 -27.15
CA CYS D 175 15.48 -38.90 -26.77
C CYS D 175 15.25 -39.39 -25.34
N ASP D 176 16.28 -39.54 -24.53
CA ASP D 176 16.07 -39.88 -23.13
C ASP D 176 15.14 -38.88 -22.48
N ASP D 177 14.29 -39.36 -21.57
CA ASP D 177 13.34 -38.48 -20.91
C ASP D 177 14.06 -37.30 -20.25
N SER D 178 15.23 -37.57 -19.66
CA SER D 178 16.02 -36.48 -19.09
C SER D 178 16.45 -35.50 -20.15
N ALA D 179 16.87 -35.99 -21.31
CA ALA D 179 17.30 -35.11 -22.38
C ALA D 179 16.15 -34.31 -22.97
N ARG D 180 14.91 -34.78 -22.81
CA ARG D 180 13.77 -34.05 -23.35
C ARG D 180 13.28 -32.97 -22.42
N LYS D 181 13.68 -32.98 -21.14
CA LYS D 181 13.27 -31.97 -20.19
C LYS D 181 14.34 -30.93 -19.93
N LEU D 182 15.42 -30.94 -20.70
CA LEU D 182 16.50 -30.01 -20.47
C LEU D 182 16.09 -28.59 -20.87
N SER D 183 16.40 -27.63 -20.01
CA SER D 183 16.09 -26.24 -20.30
C SER D 183 16.94 -25.75 -21.47
N GLN D 184 16.73 -24.50 -21.86
CA GLN D 184 17.57 -23.90 -22.89
C GLN D 184 19.01 -23.76 -22.40
N ALA D 185 19.19 -23.33 -21.16
CA ALA D 185 20.54 -23.14 -20.63
C ALA D 185 21.30 -24.46 -20.58
N GLU D 186 20.63 -25.53 -20.16
CA GLU D 186 21.29 -26.83 -20.10
C GLU D 186 21.68 -27.31 -21.49
N ARG D 187 20.81 -27.09 -22.48
CA ARG D 187 21.14 -27.44 -23.85
C ARG D 187 22.36 -26.65 -24.34
N SER D 188 22.39 -25.35 -24.06
CA SER D 188 23.54 -24.56 -24.49
C SER D 188 24.81 -25.04 -23.81
N ALA D 189 24.71 -25.41 -22.53
CA ALA D 189 25.87 -25.97 -21.84
C ALA D 189 26.34 -27.25 -22.50
N VAL D 190 25.41 -28.14 -22.84
CA VAL D 190 25.79 -29.39 -23.49
C VAL D 190 26.47 -29.12 -24.82
N ALA D 191 25.92 -28.18 -25.60
CA ALA D 191 26.50 -27.88 -26.90
C ALA D 191 27.90 -27.31 -26.76
N GLU D 192 28.10 -26.37 -25.83
CA GLU D 192 29.41 -25.77 -25.66
C GLU D 192 30.42 -26.78 -25.12
N TYR D 193 29.99 -27.71 -24.27
CA TYR D 193 30.91 -28.72 -23.77
C TYR D 193 31.41 -29.58 -24.92
N LEU D 194 30.54 -29.94 -25.85
CA LEU D 194 30.93 -30.81 -26.95
C LEU D 194 31.69 -30.07 -28.03
N SER D 195 31.75 -28.73 -27.98
CA SER D 195 32.21 -27.92 -29.09
C SER D 195 33.65 -27.49 -28.83
N VAL D 196 34.52 -27.69 -29.82
CA VAL D 196 35.94 -27.39 -29.72
C VAL D 196 36.37 -26.41 -30.82
N VAL D 197 36.00 -26.69 -32.06
CA VAL D 197 36.41 -25.87 -33.20
C VAL D 197 35.56 -24.61 -33.17
N LYS D 198 36.12 -23.52 -32.65
CA LYS D 198 35.41 -22.26 -32.49
C LYS D 198 36.02 -21.23 -33.43
N GLY D 199 35.17 -20.51 -34.16
CA GLY D 199 35.59 -19.43 -35.03
C GLY D 199 34.95 -19.52 -36.40
N GLY D 200 35.08 -18.42 -37.12
CA GLY D 200 34.47 -18.27 -38.43
C GLY D 200 35.48 -18.41 -39.55
N GLU D 201 35.15 -17.82 -40.69
CA GLU D 201 36.04 -17.83 -41.85
C GLU D 201 37.18 -16.84 -41.71
N GLU D 202 37.10 -15.90 -40.78
CA GLU D 202 38.12 -14.88 -40.59
C GLU D 202 39.24 -15.30 -39.65
N THR D 203 39.13 -16.46 -39.02
CA THR D 203 40.15 -16.95 -38.09
C THR D 203 40.87 -18.14 -38.70
N ILE D 204 42.19 -18.18 -38.53
CA ILE D 204 43.01 -19.25 -39.06
C ILE D 204 43.21 -20.36 -38.04
N LYS D 205 43.63 -20.00 -36.83
CA LYS D 205 43.82 -20.97 -35.75
C LYS D 205 42.54 -21.06 -34.94
N LYS D 206 41.79 -22.15 -35.11
CA LYS D 206 40.49 -22.29 -34.48
C LYS D 206 40.50 -23.18 -33.25
N VAL D 207 41.63 -23.79 -32.92
CA VAL D 207 41.75 -24.65 -31.74
C VAL D 207 42.98 -24.21 -30.96
N GLN D 208 42.79 -23.87 -29.69
CA GLN D 208 43.88 -23.49 -28.80
C GLN D 208 43.69 -24.26 -27.50
N LEU D 209 44.23 -25.47 -27.46
CA LEU D 209 44.11 -26.29 -26.27
C LEU D 209 44.99 -25.73 -25.15
N PRO D 210 44.59 -25.92 -23.90
CA PRO D 210 45.44 -25.51 -22.78
C PRO D 210 46.54 -26.54 -22.55
N GLU D 211 47.38 -26.28 -21.55
CA GLU D 211 48.43 -27.23 -21.22
C GLU D 211 47.84 -28.57 -20.79
N THR D 212 46.77 -28.53 -20.00
CA THR D 212 46.08 -29.74 -19.57
C THR D 212 45.04 -30.13 -20.59
N ILE D 213 45.09 -31.37 -21.05
CA ILE D 213 44.10 -31.91 -21.97
C ILE D 213 42.96 -32.49 -21.17
N HIS D 214 41.77 -31.91 -21.31
CA HIS D 214 40.61 -32.43 -20.62
C HIS D 214 40.31 -33.85 -21.11
N PRO D 215 39.99 -34.78 -20.22
CA PRO D 215 39.75 -36.16 -20.67
C PRO D 215 38.90 -36.27 -21.92
N PHE D 216 37.86 -35.46 -22.04
CA PHE D 216 37.02 -35.51 -23.23
C PHE D 216 37.84 -35.25 -24.48
N ILE D 217 38.75 -34.29 -24.41
CA ILE D 217 39.56 -33.96 -25.58
C ILE D 217 40.55 -35.07 -25.86
N GLY D 218 41.05 -35.71 -24.82
CA GLY D 218 41.92 -36.86 -25.02
C GLY D 218 41.22 -37.99 -25.73
N LYS D 219 39.97 -38.27 -25.34
CA LYS D 219 39.24 -39.36 -25.97
C LYS D 219 38.81 -38.99 -27.38
N SER D 220 38.57 -37.71 -27.64
CA SER D 220 38.25 -37.30 -29.00
C SER D 220 39.47 -37.39 -29.89
N LEU D 221 40.64 -37.04 -29.36
CA LEU D 221 41.87 -37.20 -30.14
C LEU D 221 42.20 -38.67 -30.36
N LYS D 222 41.94 -39.52 -29.36
CA LYS D 222 42.14 -40.95 -29.56
C LYS D 222 41.26 -41.47 -30.68
N MET D 223 39.99 -41.08 -30.70
CA MET D 223 39.11 -41.50 -31.79
C MET D 223 39.62 -40.94 -33.12
N VAL D 224 40.08 -39.69 -33.12
CA VAL D 224 40.53 -39.09 -34.37
C VAL D 224 41.74 -39.86 -34.92
N GLU D 225 42.67 -40.22 -34.05
CA GLU D 225 43.91 -40.83 -34.50
C GLU D 225 43.65 -42.08 -35.33
N ARG D 226 42.72 -42.92 -34.90
CA ARG D 226 42.46 -44.16 -35.63
C ARG D 226 42.21 -43.91 -37.10
N TYR D 227 41.53 -42.82 -37.43
CA TYR D 227 41.15 -42.53 -38.80
C TYR D 227 42.07 -41.54 -39.49
N PHE D 228 42.86 -40.77 -38.73
CA PHE D 228 43.55 -39.62 -39.30
C PHE D 228 44.45 -40.02 -40.45
N GLU D 229 45.22 -41.10 -40.28
CA GLU D 229 46.17 -41.46 -41.33
C GLU D 229 45.47 -41.70 -42.65
N LYS D 230 44.36 -42.44 -42.63
CA LYS D 230 43.63 -42.70 -43.86
C LYS D 230 42.98 -41.42 -44.40
N TYR D 231 42.29 -40.67 -43.52
CA TYR D 231 41.51 -39.54 -44.01
C TYR D 231 42.41 -38.42 -44.52
N ALA D 232 43.38 -38.01 -43.71
CA ALA D 232 44.11 -36.77 -43.96
C ALA D 232 45.38 -37.02 -44.76
N LEU D 233 46.08 -38.12 -44.48
CA LEU D 233 47.38 -38.35 -45.07
C LEU D 233 47.30 -39.18 -46.35
N VAL D 234 46.27 -40.01 -46.49
CA VAL D 234 46.12 -40.83 -47.68
C VAL D 234 45.08 -40.21 -48.60
N ASP D 235 43.85 -40.06 -48.10
CA ASP D 235 42.75 -39.64 -48.96
C ASP D 235 42.82 -38.14 -49.25
N GLN D 236 42.69 -37.32 -48.20
CA GLN D 236 42.65 -35.88 -48.40
C GLN D 236 43.98 -35.33 -48.92
N ASP D 237 45.09 -35.91 -48.49
CA ASP D 237 46.42 -35.48 -48.96
C ASP D 237 46.60 -33.99 -48.67
N ILE D 238 46.48 -33.65 -47.39
CA ILE D 238 46.48 -32.27 -46.93
C ILE D 238 47.87 -31.66 -47.07
N LEU D 239 48.83 -32.46 -47.52
CA LEU D 239 50.18 -31.99 -47.76
C LEU D 239 50.63 -32.33 -49.18
N GLU D 240 49.69 -32.33 -50.12
CA GLU D 240 50.01 -32.69 -51.50
C GLU D 240 50.98 -31.70 -52.13
N ASN D 241 50.64 -30.41 -52.08
CA ASN D 241 51.45 -29.39 -52.71
C ASN D 241 51.53 -28.16 -51.80
N LYS D 242 52.24 -27.14 -52.28
CA LYS D 242 52.53 -25.99 -51.44
C LYS D 242 51.26 -25.23 -51.11
N GLN D 243 50.35 -25.11 -52.08
CA GLN D 243 49.14 -24.33 -51.86
C GLN D 243 48.35 -24.84 -50.67
N CYS D 244 48.46 -26.14 -50.36
CA CYS D 244 47.74 -26.71 -49.22
C CYS D 244 48.58 -26.77 -47.96
N TRP D 245 49.80 -27.29 -48.04
CA TRP D 245 50.61 -27.37 -46.82
C TRP D 245 51.03 -25.98 -46.33
N ASP D 246 50.88 -24.95 -47.16
CA ASP D 246 51.07 -23.61 -46.64
C ASP D 246 50.07 -23.30 -45.53
N LYS D 247 48.85 -23.84 -45.64
CA LYS D 247 47.88 -23.63 -44.57
C LYS D 247 48.39 -24.23 -43.27
N VAL D 248 48.76 -25.51 -43.30
CA VAL D 248 49.19 -26.19 -42.09
C VAL D 248 50.41 -25.49 -41.49
N ILE D 249 51.31 -25.03 -42.36
CA ILE D 249 52.41 -24.19 -41.89
C ILE D 249 51.86 -22.93 -41.23
N ALA D 250 50.82 -22.34 -41.82
CA ALA D 250 50.16 -21.15 -41.26
C ALA D 250 49.53 -21.44 -39.90
N LEU D 251 49.35 -22.70 -39.55
CA LEU D 251 48.71 -23.10 -38.31
C LEU D 251 49.72 -23.37 -37.19
N VAL D 252 51.00 -23.22 -37.46
CA VAL D 252 52.04 -23.47 -36.47
C VAL D 252 52.90 -22.22 -36.35
N PRO D 253 53.59 -22.07 -35.22
CA PRO D 253 54.42 -20.87 -35.03
C PRO D 253 55.45 -20.69 -36.14
N GLU D 254 55.74 -19.42 -36.44
CA GLU D 254 56.64 -19.09 -37.54
C GLU D 254 58.04 -19.63 -37.31
N VAL D 255 58.41 -19.85 -36.04
CA VAL D 255 59.81 -20.12 -35.70
C VAL D 255 60.34 -21.31 -36.49
N ALA D 256 59.56 -22.39 -36.56
CA ALA D 256 59.98 -23.59 -37.26
C ALA D 256 59.52 -23.62 -38.71
N ARG D 257 58.71 -22.66 -39.15
CA ARG D 257 58.12 -22.73 -40.48
C ARG D 257 59.19 -22.92 -41.55
N GLU D 258 60.21 -22.07 -41.54
CA GLU D 258 61.30 -22.22 -42.51
C GLU D 258 61.90 -23.61 -42.41
N SER D 259 62.21 -24.06 -41.19
CA SER D 259 62.78 -25.38 -41.00
C SER D 259 61.90 -26.44 -41.66
N LEU D 260 60.58 -26.25 -41.59
CA LEU D 260 59.67 -27.21 -42.20
C LEU D 260 59.73 -27.13 -43.73
N LEU D 261 59.76 -25.92 -44.27
CA LEU D 261 59.62 -25.76 -45.72
C LEU D 261 60.67 -26.58 -46.45
N ARG D 262 61.94 -26.39 -46.10
CA ARG D 262 63.01 -27.16 -46.72
C ARG D 262 62.73 -28.65 -46.61
N GLU D 263 62.30 -29.10 -45.42
CA GLU D 263 61.96 -30.51 -45.25
C GLU D 263 60.84 -30.92 -46.20
N PHE D 264 59.81 -30.09 -46.32
CA PHE D 264 58.73 -30.41 -47.24
C PHE D 264 59.17 -30.35 -48.69
N SER D 265 60.34 -29.76 -48.97
CA SER D 265 60.88 -29.80 -50.32
C SER D 265 61.58 -31.10 -50.63
N LYS D 266 61.91 -31.91 -49.62
CA LYS D 266 62.60 -33.18 -49.81
C LYS D 266 61.71 -34.38 -49.55
N ALA D 267 60.44 -34.17 -49.23
CA ALA D 267 59.50 -35.26 -48.95
C ALA D 267 58.68 -35.57 -50.20
N ARG D 268 58.48 -36.87 -50.46
CA ARG D 268 57.69 -37.31 -51.60
C ARG D 268 56.26 -37.69 -51.24
N SER D 269 56.00 -38.06 -49.99
CA SER D 269 54.68 -38.49 -49.56
C SER D 269 54.22 -37.68 -48.36
N SER D 270 52.92 -37.39 -48.33
CA SER D 270 52.36 -36.60 -47.24
C SER D 270 52.47 -37.33 -45.90
N VAL D 271 52.51 -38.66 -45.93
CA VAL D 271 52.78 -39.40 -44.70
C VAL D 271 54.20 -39.09 -44.22
N GLU D 272 55.16 -39.06 -45.14
CA GLU D 272 56.50 -38.63 -44.79
C GLU D 272 56.52 -37.21 -44.26
N ARG D 273 55.76 -36.32 -44.90
CA ARG D 273 55.72 -34.94 -44.42
C ARG D 273 55.12 -34.85 -43.03
N TRP D 274 54.11 -35.67 -42.74
CA TRP D 274 53.54 -35.67 -41.39
C TRP D 274 54.55 -36.18 -40.38
N ASP D 275 55.28 -37.24 -40.72
CA ASP D 275 56.32 -37.72 -39.82
C ASP D 275 57.34 -36.62 -39.56
N LYS D 276 57.75 -35.92 -40.61
CA LYS D 276 58.74 -34.85 -40.45
C LYS D 276 58.19 -33.72 -39.57
N LEU D 277 56.93 -33.34 -39.80
CA LEU D 277 56.34 -32.28 -38.99
C LEU D 277 56.25 -32.69 -37.53
N SER D 278 55.84 -33.93 -37.26
CA SER D 278 55.75 -34.39 -35.89
C SER D 278 57.12 -34.40 -35.24
N SER D 279 58.14 -34.87 -35.96
CA SER D 279 59.49 -34.88 -35.40
C SER D 279 59.98 -33.46 -35.10
N CYS D 280 59.77 -32.55 -36.05
CA CYS D 280 60.23 -31.17 -35.84
C CYS D 280 59.52 -30.53 -34.66
N LEU D 281 58.21 -30.73 -34.54
CA LEU D 281 57.47 -30.17 -33.42
C LEU D 281 57.95 -30.77 -32.10
N GLU D 282 58.18 -32.09 -32.08
CA GLU D 282 58.67 -32.73 -30.86
C GLU D 282 60.03 -32.14 -30.46
N ALA D 283 60.91 -31.94 -31.44
CA ALA D 283 62.21 -31.34 -31.14
C ALA D 283 62.04 -29.93 -30.59
N THR D 284 61.11 -29.16 -31.16
CA THR D 284 60.88 -27.79 -30.72
C THR D 284 60.06 -27.79 -29.43
N ARG D 289 58.50 -27.17 -25.17
CA ARG D 289 57.59 -28.31 -25.14
C ARG D 289 56.13 -27.87 -25.10
N ARG D 290 55.91 -26.58 -24.81
CA ARG D 290 54.54 -26.07 -24.75
C ARG D 290 53.80 -26.25 -26.06
N TYR D 291 54.54 -26.42 -27.17
CA TYR D 291 53.95 -26.66 -28.47
C TYR D 291 53.75 -28.14 -28.76
N SER D 292 53.94 -29.02 -27.76
CA SER D 292 53.80 -30.44 -27.98
C SER D 292 52.38 -30.83 -28.37
N ASN D 293 51.40 -29.96 -28.14
CA ASN D 293 50.01 -30.22 -28.49
C ASN D 293 49.63 -29.64 -29.84
N ILE D 294 50.55 -28.94 -30.51
CA ILE D 294 50.22 -28.32 -31.80
C ILE D 294 49.75 -29.34 -32.81
N PRO D 295 50.37 -30.52 -32.96
CA PRO D 295 49.82 -31.50 -33.92
C PRO D 295 48.40 -31.88 -33.59
N LYS D 296 48.07 -31.97 -32.30
CA LYS D 296 46.70 -32.27 -31.91
C LYS D 296 45.76 -31.16 -32.31
N GLU D 297 46.20 -29.91 -32.18
CA GLU D 297 45.38 -28.79 -32.62
C GLU D 297 45.13 -28.84 -34.12
N ILE D 298 46.13 -29.28 -34.89
CA ILE D 298 45.94 -29.38 -36.33
C ILE D 298 44.98 -30.51 -36.65
N MET D 299 45.13 -31.65 -35.98
CA MET D 299 44.25 -32.78 -36.22
C MET D 299 42.81 -32.37 -35.91
N LEU D 300 42.59 -31.72 -34.77
CA LEU D 300 41.25 -31.28 -34.43
C LEU D 300 40.71 -30.31 -35.47
N GLN D 301 41.53 -29.34 -35.88
CA GLN D 301 41.06 -28.37 -36.86
C GLN D 301 40.72 -29.03 -38.19
N PHE D 302 41.24 -30.22 -38.46
CA PHE D 302 40.90 -30.94 -39.68
C PHE D 302 39.90 -32.08 -39.48
N CYS D 303 39.55 -32.44 -38.25
CA CYS D 303 38.74 -33.63 -38.01
C CYS D 303 37.60 -33.45 -37.01
N TYR D 304 37.68 -32.49 -36.10
CA TYR D 304 36.67 -32.44 -35.05
C TYR D 304 35.36 -31.86 -35.60
N PRO D 305 34.21 -32.34 -35.13
CA PRO D 305 32.93 -31.84 -35.65
C PRO D 305 32.68 -30.38 -35.31
N ARG D 306 31.99 -29.70 -36.23
CA ARG D 306 31.53 -28.34 -36.02
C ARG D 306 30.03 -28.36 -35.74
N LEU D 307 29.63 -27.67 -34.68
CA LEU D 307 28.26 -27.69 -34.18
C LEU D 307 27.70 -26.28 -34.17
N ASP D 308 26.53 -26.10 -34.79
CA ASP D 308 25.84 -24.82 -34.76
C ASP D 308 25.04 -24.76 -33.46
N VAL D 309 25.55 -24.01 -32.49
CA VAL D 309 24.91 -23.96 -31.18
C VAL D 309 23.49 -23.44 -31.27
N ASN D 310 23.16 -22.72 -32.33
CA ASN D 310 21.78 -22.23 -32.49
C ASN D 310 20.82 -23.36 -32.82
N VAL D 311 21.31 -24.42 -33.48
CA VAL D 311 20.47 -25.57 -33.80
C VAL D 311 20.03 -26.29 -32.53
N SER D 312 20.94 -26.42 -31.56
CA SER D 312 20.68 -27.25 -30.39
C SER D 312 20.24 -26.44 -29.18
N LYS D 313 20.49 -25.14 -29.17
CA LYS D 313 20.16 -24.32 -28.00
C LYS D 313 18.67 -24.14 -27.86
N GLY D 314 17.99 -23.77 -28.94
CA GLY D 314 16.58 -23.40 -28.84
C GLY D 314 15.65 -24.59 -28.80
N LEU D 315 14.67 -24.49 -27.90
CA LEU D 315 13.67 -25.55 -27.77
C LEU D 315 12.72 -25.58 -28.96
N ASN D 316 12.47 -24.43 -29.58
CA ASN D 316 11.47 -24.33 -30.63
C ASN D 316 12.04 -24.61 -32.01
N HIS D 317 13.12 -25.37 -32.10
CA HIS D 317 13.78 -25.59 -33.39
C HIS D 317 13.13 -26.73 -34.14
N LEU D 318 12.81 -26.48 -35.41
CA LEU D 318 12.20 -27.45 -36.30
C LEU D 318 13.29 -28.13 -37.11
N LEU D 319 13.45 -29.44 -36.94
CA LEU D 319 14.48 -30.18 -37.65
C LEU D 319 13.84 -31.23 -38.56
N LYS D 320 14.49 -31.46 -39.70
CA LYS D 320 14.07 -32.45 -40.68
C LYS D 320 13.65 -33.75 -40.02
N SER D 321 12.46 -34.23 -40.39
CA SER D 321 11.93 -35.46 -39.83
C SER D 321 12.67 -36.66 -40.41
N PRO D 322 12.89 -37.71 -39.61
CA PRO D 322 13.35 -38.97 -40.18
C PRO D 322 12.41 -39.48 -41.26
N PHE D 323 12.97 -40.22 -42.20
CA PHE D 323 12.21 -40.78 -43.32
C PHE D 323 11.59 -39.70 -44.19
N SER D 324 12.16 -38.51 -44.17
CA SER D 324 11.81 -37.48 -45.13
C SER D 324 12.49 -37.78 -46.46
N VAL D 325 12.06 -37.05 -47.49
CA VAL D 325 12.61 -37.17 -48.83
C VAL D 325 13.34 -35.86 -49.14
N HIS D 326 14.59 -35.98 -49.54
CA HIS D 326 15.39 -34.79 -49.82
C HIS D 326 14.93 -34.14 -51.13
N PRO D 327 14.47 -32.89 -51.11
CA PRO D 327 13.94 -32.25 -52.33
C PRO D 327 14.84 -32.30 -53.54
N LYS D 328 16.13 -32.55 -53.37
CA LYS D 328 17.05 -32.48 -54.48
C LYS D 328 17.72 -33.81 -54.79
N THR D 329 18.25 -34.50 -53.78
CA THR D 329 18.85 -35.80 -54.04
C THR D 329 17.81 -36.91 -54.13
N GLY D 330 16.68 -36.72 -53.48
CA GLY D 330 15.62 -37.72 -53.44
C GLY D 330 15.87 -38.84 -52.46
N ARG D 331 17.03 -38.85 -51.81
CA ARG D 331 17.37 -39.91 -50.86
C ARG D 331 16.46 -39.84 -49.64
N ILE D 332 16.27 -40.98 -49.00
CA ILE D 332 15.44 -41.04 -47.79
C ILE D 332 16.34 -40.80 -46.59
N SER D 333 15.89 -39.93 -45.68
CA SER D 333 16.57 -39.72 -44.41
C SER D 333 16.47 -40.97 -43.55
N VAL D 334 17.41 -41.89 -43.71
CA VAL D 334 17.29 -43.21 -43.10
C VAL D 334 18.14 -43.24 -41.84
N PRO D 335 17.73 -43.97 -40.79
CA PRO D 335 18.60 -44.10 -39.62
C PRO D 335 19.87 -44.86 -39.95
N ILE D 336 20.92 -44.55 -39.20
CA ILE D 336 22.24 -45.15 -39.41
C ILE D 336 22.51 -46.04 -38.20
N ASP D 337 22.81 -47.31 -38.46
CA ASP D 337 23.15 -48.21 -37.36
C ASP D 337 24.55 -47.89 -36.86
N CYS D 338 24.66 -47.67 -35.54
CA CYS D 338 25.94 -47.26 -34.98
C CYS D 338 27.01 -48.32 -35.19
N LYS D 339 26.65 -49.59 -35.00
CA LYS D 339 27.64 -50.66 -35.16
C LYS D 339 28.15 -50.73 -36.59
N LYS D 340 27.23 -50.69 -37.57
CA LYS D 340 27.58 -50.79 -38.98
C LYS D 340 27.95 -49.43 -39.58
N LEU D 341 28.34 -48.47 -38.74
CA LEU D 341 28.65 -47.14 -39.24
C LEU D 341 29.73 -47.19 -40.31
N ASP D 342 30.76 -48.01 -40.12
CA ASP D 342 31.86 -48.03 -41.07
C ASP D 342 31.42 -48.49 -42.45
N GLN D 343 30.26 -49.12 -42.55
CA GLN D 343 29.76 -49.65 -43.81
C GLN D 343 28.76 -48.71 -44.46
N PHE D 344 28.36 -47.65 -43.76
CA PHE D 344 27.36 -46.73 -44.27
C PHE D 344 27.87 -45.98 -45.49
N ASP D 345 27.00 -45.86 -46.49
CA ASP D 345 27.35 -45.27 -47.79
C ASP D 345 26.23 -44.30 -48.15
N PRO D 346 26.48 -42.99 -48.15
CA PRO D 346 25.38 -42.05 -48.39
C PRO D 346 24.91 -42.04 -49.84
N PHE D 347 25.57 -42.79 -50.71
CA PHE D 347 25.23 -42.81 -52.12
C PHE D 347 24.35 -44.00 -52.47
N SER D 348 24.34 -45.03 -51.62
CA SER D 348 23.46 -46.17 -51.75
C SER D 348 22.15 -45.99 -51.00
N VAL D 349 21.96 -44.86 -50.35
CA VAL D 349 20.71 -44.64 -49.60
C VAL D 349 19.54 -44.67 -50.57
N PRO D 350 18.48 -45.41 -50.30
CA PRO D 350 17.36 -45.47 -51.25
C PRO D 350 16.85 -44.09 -51.60
N THR D 351 16.61 -43.86 -52.88
CA THR D 351 15.88 -42.69 -53.34
C THR D 351 14.41 -43.01 -53.47
N ILE D 352 13.59 -41.96 -53.52
CA ILE D 352 12.15 -42.17 -53.61
C ILE D 352 11.79 -42.83 -54.93
N SER D 353 12.53 -42.50 -55.99
CA SER D 353 12.21 -43.09 -57.29
C SER D 353 12.51 -44.57 -57.29
N LEU D 354 13.63 -44.97 -56.70
CA LEU D 354 13.95 -46.39 -56.63
C LEU D 354 12.91 -47.15 -55.85
N ILE D 355 12.44 -46.60 -54.72
CA ILE D 355 11.51 -47.33 -53.89
C ILE D 355 10.10 -47.31 -54.45
N CYS D 356 9.78 -46.37 -55.33
CA CYS D 356 8.51 -46.45 -56.04
C CYS D 356 8.58 -47.45 -57.19
N SER D 357 9.73 -47.52 -57.87
CA SER D 357 9.92 -48.59 -58.84
C SER D 357 9.80 -49.96 -58.17
N GLU D 358 10.43 -50.11 -57.00
CA GLU D 358 10.32 -51.37 -56.27
C GLU D 358 8.89 -51.63 -55.83
N LEU D 359 8.16 -50.59 -55.43
CA LEU D 359 6.80 -50.81 -54.95
C LEU D 359 5.90 -51.27 -56.09
N ASP D 360 6.04 -50.66 -57.26
CA ASP D 360 5.22 -51.04 -58.41
C ASP D 360 5.83 -52.22 -59.17
N ASN D 361 6.29 -53.24 -58.46
CA ASN D 361 6.91 -54.40 -59.10
C ASN D 361 6.46 -55.72 -58.46
N VAL D 362 5.54 -55.69 -57.51
CA VAL D 362 5.10 -56.90 -56.83
C VAL D 362 3.57 -56.90 -56.73
N ARG D 382 -0.55 -55.81 -46.36
CA ARG D 382 -0.77 -54.37 -46.43
C ARG D 382 0.25 -53.65 -45.55
N THR D 383 0.39 -54.10 -44.31
CA THR D 383 1.29 -53.47 -43.35
C THR D 383 2.73 -53.93 -43.54
N ARG D 384 3.01 -54.71 -44.57
CA ARG D 384 4.31 -55.35 -44.79
C ARG D 384 4.85 -55.04 -46.17
N ASP D 385 4.27 -54.05 -46.85
CA ASP D 385 4.71 -53.71 -48.21
C ASP D 385 6.14 -53.23 -48.20
N TYR D 386 6.52 -52.45 -47.18
CA TYR D 386 7.85 -51.88 -47.14
C TYR D 386 8.92 -52.94 -47.00
N LYS D 387 8.58 -54.11 -46.46
CA LYS D 387 9.55 -55.18 -46.35
C LYS D 387 10.00 -55.68 -47.72
N ARG D 388 9.29 -55.34 -48.78
CA ARG D 388 9.67 -55.75 -50.13
C ARG D 388 10.55 -54.74 -50.84
N THR D 389 10.91 -53.64 -50.19
CA THR D 389 11.77 -52.61 -50.77
C THR D 389 13.14 -52.63 -50.09
N SER D 390 14.05 -51.81 -50.60
CA SER D 390 15.36 -51.65 -49.99
C SER D 390 15.34 -50.79 -48.75
N LEU D 391 14.17 -50.27 -48.37
CA LEU D 391 13.99 -49.49 -47.16
C LEU D 391 13.95 -50.34 -45.91
N ALA D 392 13.78 -51.64 -46.04
CA ALA D 392 13.47 -52.49 -44.89
C ALA D 392 14.53 -52.45 -43.81
N PRO D 393 15.82 -52.64 -44.09
CA PRO D 393 16.79 -52.68 -42.98
C PRO D 393 16.85 -51.40 -42.18
N TYR D 394 16.49 -50.26 -42.78
CA TYR D 394 16.55 -49.01 -42.04
C TYR D 394 15.35 -48.86 -41.12
N ILE D 395 14.18 -49.28 -41.59
CA ILE D 395 13.04 -49.38 -40.69
C ILE D 395 13.32 -50.39 -39.59
N LYS D 396 14.12 -51.42 -39.88
CA LYS D 396 14.46 -52.38 -38.85
C LYS D 396 15.33 -51.74 -37.77
N VAL D 397 16.32 -50.95 -38.18
CA VAL D 397 17.15 -50.26 -37.20
C VAL D 397 16.29 -49.33 -36.36
N PHE D 398 15.37 -48.61 -37.00
CA PHE D 398 14.47 -47.74 -36.27
C PHE D 398 13.61 -48.53 -35.29
N GLU D 399 13.18 -49.73 -35.69
CA GLU D 399 12.34 -50.54 -34.82
C GLU D 399 13.13 -51.04 -33.62
N GLN D 400 14.41 -51.37 -33.83
CA GLN D 400 15.26 -51.76 -32.71
C GLN D 400 15.44 -50.60 -31.73
N PHE D 401 15.65 -49.39 -32.27
CA PHE D 401 15.80 -48.23 -31.39
C PHE D 401 14.52 -47.99 -30.60
N LEU D 402 13.37 -48.13 -31.25
CA LEU D 402 12.11 -47.96 -30.54
C LEU D 402 11.88 -49.07 -29.52
N ASP D 403 12.34 -50.28 -29.83
CA ASP D 403 12.25 -51.37 -28.86
C ASP D 403 13.07 -51.07 -27.63
N LYS D 404 14.27 -50.52 -27.82
CA LYS D 404 15.08 -50.12 -26.68
C LYS D 404 14.37 -49.05 -25.86
N LEU D 405 13.76 -48.08 -26.53
CA LEU D 405 13.03 -47.04 -25.81
C LEU D 405 11.88 -47.64 -25.01
N ASP D 406 11.16 -48.59 -25.60
CA ASP D 406 10.06 -49.24 -24.90
C ASP D 406 10.56 -50.02 -23.69
N GLN D 407 11.67 -50.74 -23.85
CA GLN D 407 12.26 -51.44 -22.73
C GLN D 407 12.61 -50.47 -21.60
N SER D 408 13.16 -49.31 -21.96
CA SER D 408 13.50 -48.33 -20.92
C SER D 408 12.25 -47.77 -20.26
N ARG D 409 11.19 -47.55 -21.04
CA ARG D 409 9.95 -47.03 -20.45
C ARG D 409 9.32 -48.04 -19.50
N LYS D 410 9.40 -49.33 -19.83
CA LYS D 410 8.86 -50.36 -18.97
C LYS D 410 9.72 -50.57 -17.75
N GLY D 411 10.94 -51.10 -17.94
CA GLY D 411 11.86 -51.34 -16.85
C GLY D 411 11.86 -50.25 -15.80
N GLU D 412 11.86 -48.99 -16.25
CA GLU D 412 11.82 -47.86 -15.33
C GLU D 412 10.53 -47.89 -14.51
ZN ZN E . 10.13 8.39 55.72
ZN ZN F . -8.30 21.33 14.23
FE1 SF4 G . 32.81 10.58 8.53
FE2 SF4 G . 33.32 12.05 6.29
FE3 SF4 G . 35.38 10.92 7.66
FE4 SF4 G . 34.01 13.01 8.75
S1 SF4 G . 35.29 13.04 6.87
S2 SF4 G . 34.63 11.09 9.81
S3 SF4 G . 31.91 12.60 8.00
S4 SF4 G . 33.70 9.83 6.57
ZN ZN H . 34.74 -35.24 -51.20
#